data_6YEJ
#
_entry.id   6YEJ
#
_entity_poly.entity_id   1
_entity_poly.type   'polypeptide(L)'
_entity_poly.pdbx_seq_one_letter_code
;MATLEKLMKAFESLKSFQQQQQQQQQQQQQQQQQQQQQQQQQQQQQQQQQQQQQQQQQQQQQQQQQQQQQQQQQQQQQQQ
QQQQQQQQQQQQQQQPPPPPPPPPPPQLPQPPPQAQPLLPQPQPPPPPPPPPPGPAVAEEPLHRPKKELSATKKDRVNHC
LTICENIVAQSVRNSPEFQKLLGIAMELFLLCSDDAESDVRMVADECLNKVIKALMDSNLPRLQLELYKEIKKNGAPRSL
RAALWRFAELAHLVRPQKCRPYLVNLLPCLTRTSKRPEESVQETLAAAVPKIMASFGNFANDNEIKVLLKAFIANLKSSS
PTIRRTAAGSAVSICQHSRRTQYFYSWLLNVLLGLLVPVEDEHSTLLILGVLLTLRYLVPLLQQQVKDTSLKGSFGVTRK
EMEVSPSAEQLVQVYELTLHHTQHQDHNVVTGALELLQQLFRTPPPELLQTLTAVGGIGQLTAAKEESGGRSRSGSIVEL
IAGGGSSCSPVLSRKQKGKVLLGEEEALEDDSESRSDVSSSALTASVKDEISGELAASSGVSTPGSAGHDIITEQPRSQH
TLQADSVDLASCDLTSSATDGDEEDILSHSSSQVSAVPSDPAMDLNDGTQASSPISDSSQTTTEGPDSAVTPSDSSEIVL
DGTDNQYLGLQIGQPQDEDEEATGILPDEASEAFRNSSMALQQAHLLKNMSHCRQPSDSSVDKFVLRDEATEPGDQENKP
CRIKGDIGQSTDDDSAPLVHCVRLLSASFLLTGGKNVLVPDRDVRVSVKALALSCVGAAVALHPESFFSKLYKVPLDTTE
YPEEQYVSDILNYIDHGDPQVRGATAILCGTLICSILSRSRFHVGDWMGTIRTLTGNTFSLADCIPLLRKTLKDESSVTC
KLACTAVRNCVMSLCSSSYSELGLQLIIDVLTLRNSSYWLVRTELLETLAEIDFRLVSFLEAKAENLHRGAHHYTGLLKL
QERVLNNVVIHLLGDEDPRVRHVAAASLIRLVPKLFYKCDQGQADPVVAVARDQSSVYLKLLMHETQPPSHFSVSTITRI
YRGYNLLPSITDVTMENNLSRVIAAVSHELITSTTRALTFGCCEALCLLSTAFPVCIWSLGWHCGVPPLSASDESRKSCT
VGMATMILTLLSSAWFPLDLSAHQDALILAGNLLAASAPKSLRSSWASEEEANPAATKQEEVWPALGDRALVPMVEQLFS
HLLKVINICAHVLDDVAPGPAIKAALPSLTNPPSLSPIRRKGKEKEPGEQASVPLSPKKGSEASAASRQSDTSGPVTTSK
SSSLGSFYHLPSYLRLHDVLKATHANYKVTLDLQNSTEKFGGFLRSALDVLSQILELATLQDIGKCVEEILGYLKSCFSR
EPMMATVCVQQLLKTLFGTNLASQFDGLSSNPSKSQGRAQRLGSSSVRPGLYHYCFMAPYTHFTQALADASLRNMVQAEQ
ENDTSGWFDVLQKVSTQLKTNLTSVTKNRADKNAIHNHIRLFEPLVIKALKQYTTTTCVQLQKQVLDLLAQLVQLRVNYC
LLDSDQVFIGFVLKQFEYIEVGQFRESEAIIPNIFFFLVLLSYERYHSKQIIGIPKIIQLCDGIMASGRKAVTHAIPALQ
PIVHDLFVLRGTNKADAGKELETQKEVVVSMLLRLIQYHQVLEMFILVLQQCHKENEDKWKRLSRQIADIILPMLAKQQM
HIDSHEALGVLNTLFEILAPSSLRPVDMLLRSMFVTPNTMASVSTVQLWISGILAILRVLISQSTEDIVLSRIQELSFSP
YLISCTVINRLRDGDSTSTLEEHSEGKQIKNLPEETFSRFLLQLVGILLEDIVTKQLKVEMSEQQHTFYCQELGTLLMCL
IHIFKSGMFRRITAAATRLFRSDGCGGSFYTLDSLNLRARSMITTHPALVLLWCQILLLVNHTDYRWWAEVQQTPKRHSL
SSTKLLSPQMSGEEEDSDLAAKLGMCNREIVRRGALILFCDYVCQNLHDSEHLTWLIVNHIQDLISLSHEPPVQDFISAV
HRNSAASGLFIQAIQSRCENLSTPTMLKKTLQCLEGIHLSQSGAVLTLYVDRLLCTPFRVLARMVDILACRRVEMLLAAN
LQSSMAQLPMEELNRIQEYLQSSGLAQRHQRLYSLLDRFRLSTMQDSLSPSPPVSSHPLDGDGHVSLETVSPDKDWYVHL
VKSQCWTRSDSALLEGAELVNRIPAEDMNAFMMNSEFNLSLLAPCLSLGMSEISGGQKSALFEAAREVTLARVSGTVQQL
PAVHHVFQPELPAEPAAYWSKLNDLFGDAALYQSLPTLARALAQYLVVVSKLPSHLHLPPEKEKDIVKFVVATLEALSWH
LIHEQIPLSLDLQAGLDCCCLALQLPGLWSVVSSTEFVTHACSLIHCVHFILEAVAVQPGEQLLSPERRTNTPKAISEEE
EEVDPNTQNPKYITAACEMVAEMVESLQSVLALGHKRNSGVPAFLTPLLRNIIISLARLPLVNSYTRVPPLVWKLGWSPK
PGGDFGTAFPEIPVEFLQEKEVFKEFIYRINTLGWTSRTQFEETWATLLGVLVTQPLVMEQEESPPEEDTERTQINVLAV
QAITSLVLSAMTVPVAGNPAVSCLEQQPRNKPLKALDTRFGRKLSIIRGIVEQEIQAMVSKRENIATHHLYQAWDPVPSL
SPATTGALISHEKLLLQINPERELGSMSYKLGQVSIHSVWLGNSITPLREEEWDEEEEEEADAPAPSSPPTSPVNSRKHR
AGVDIHSCSQFLLELYSRWILPSSSARRTPAILISEVVRSLLVVSDLFTERNQFELMYVTLTELRRVHPSEDEILAQYLV
PATCKAAAVLGMDKAVAEPVSRLLESTLRSSHLPSRVGALHGVLYVLECDLLDDTAKQLIPVISDYLLSNLKGIAHCVNI
HSQQHVLVMCATAFYLIENYPLDVGPEFSASIIQMCGVMLSGSEESTPSIIYHCALRGLERLLLSEQLSRLDAESLVKLS
VDRVNVHSPHRAMAALGLMLTCMYTGKEKVSPGRTSDPNPAAPDSESVIVAMERVSVLFDRIRKGFPCEARVVARILPQF
LDDFFPPQDIMNKVIGEFLSNQQPYPQFMATVVYKVFQTLHSTGQSSMVRDWVMLSLSNFTQRAPVAMATWSLSCFFVSA
STSPWVAAILPHVISRMGKLEQVDVNLFCLVATDFYRHQIEEELDRRAFQSVLEVVAAPGSPYHRLLTCLRNVHKVTTC
;
_entity_poly.pdbx_strand_id   A
#
# COMPACT_ATOMS: atom_id res chain seq x y z
N THR A 152 -47.58 12.41 -59.65
CA THR A 152 -47.43 11.68 -58.40
C THR A 152 -46.09 11.96 -57.75
N LYS A 153 -45.51 13.14 -58.04
CA LYS A 153 -44.22 13.49 -57.47
C LYS A 153 -44.32 13.78 -55.98
N LYS A 154 -45.46 14.30 -55.51
CA LYS A 154 -45.68 14.35 -54.07
C LYS A 154 -46.32 13.07 -53.56
N ASP A 155 -46.91 12.27 -54.46
CA ASP A 155 -47.37 10.95 -54.04
C ASP A 155 -46.23 9.96 -53.91
N ARG A 156 -45.07 10.22 -54.53
CA ARG A 156 -43.97 9.28 -54.42
C ARG A 156 -43.20 9.47 -53.11
N VAL A 157 -43.32 10.65 -52.50
CA VAL A 157 -42.56 10.94 -51.27
C VAL A 157 -43.16 10.20 -50.08
N ASN A 158 -44.49 10.14 -50.01
CA ASN A 158 -45.16 9.53 -48.87
C ASN A 158 -45.07 8.01 -48.87
N HIS A 159 -44.70 7.40 -50.00
CA HIS A 159 -44.68 5.95 -50.08
C HIS A 159 -43.45 5.36 -49.44
N CYS A 160 -42.30 6.03 -49.61
CA CYS A 160 -41.03 5.48 -49.15
C CYS A 160 -40.90 5.55 -47.64
N LEU A 161 -41.56 6.54 -47.02
CA LEU A 161 -41.30 6.86 -45.62
C LEU A 161 -42.15 6.02 -44.68
N THR A 162 -43.27 5.48 -45.15
CA THR A 162 -44.15 4.70 -44.29
C THR A 162 -43.70 3.26 -44.20
N ILE A 163 -42.88 2.80 -45.15
CA ILE A 163 -42.32 1.45 -45.08
C ILE A 163 -41.25 1.38 -43.99
N CYS A 164 -40.60 2.51 -43.71
CA CYS A 164 -39.48 2.52 -42.77
C CYS A 164 -39.93 2.33 -41.32
N GLU A 165 -41.00 3.01 -40.92
CA GLU A 165 -41.38 3.04 -39.51
C GLU A 165 -42.06 1.77 -39.06
N ASN A 166 -42.63 1.00 -39.99
CA ASN A 166 -43.38 -0.19 -39.65
C ASN A 166 -42.51 -1.43 -39.63
N ILE A 167 -41.19 -1.25 -39.72
CA ILE A 167 -40.25 -2.36 -39.50
C ILE A 167 -39.66 -2.27 -38.10
N VAL A 168 -39.25 -1.07 -37.70
CA VAL A 168 -38.68 -0.80 -36.40
C VAL A 168 -39.74 -0.95 -35.31
N ALA A 169 -40.97 -0.53 -35.59
CA ALA A 169 -42.03 -0.62 -34.59
C ALA A 169 -42.72 -1.99 -34.59
N GLN A 170 -42.18 -2.96 -35.33
CA GLN A 170 -42.64 -4.33 -35.18
C GLN A 170 -42.32 -4.87 -33.80
N SER A 171 -41.08 -4.67 -33.35
CA SER A 171 -40.48 -5.29 -32.16
C SER A 171 -40.59 -6.81 -32.21
N VAL A 172 -40.51 -7.37 -33.43
CA VAL A 172 -40.47 -8.81 -33.64
C VAL A 172 -39.48 -9.12 -34.76
N ARG A 173 -38.35 -9.72 -34.39
CA ARG A 173 -37.33 -10.04 -35.37
C ARG A 173 -37.01 -11.53 -35.33
N ASN A 174 -36.22 -11.98 -36.30
CA ASN A 174 -35.79 -13.38 -36.48
C ASN A 174 -36.98 -14.33 -36.59
N SER A 175 -38.06 -13.85 -37.20
CA SER A 175 -39.28 -14.62 -37.36
C SER A 175 -39.43 -15.07 -38.81
N PRO A 176 -40.01 -16.26 -39.04
CA PRO A 176 -40.23 -16.70 -40.43
C PRO A 176 -41.27 -15.89 -41.19
N GLU A 177 -42.05 -15.07 -40.49
CA GLU A 177 -42.82 -14.04 -41.18
C GLU A 177 -41.99 -12.78 -41.38
N PHE A 178 -41.09 -12.46 -40.45
CA PHE A 178 -40.35 -11.20 -40.56
C PHE A 178 -39.20 -11.31 -41.54
N GLN A 179 -38.79 -12.53 -41.92
CA GLN A 179 -37.66 -12.63 -42.85
C GLN A 179 -38.04 -12.26 -44.27
N LYS A 180 -39.26 -12.58 -44.70
CA LYS A 180 -39.66 -12.34 -46.07
C LYS A 180 -39.91 -10.84 -46.34
N LEU A 181 -40.29 -10.10 -45.31
CA LEU A 181 -40.71 -8.72 -45.51
C LEU A 181 -39.52 -7.79 -45.69
N LEU A 182 -38.35 -8.15 -45.17
CA LEU A 182 -37.24 -7.21 -45.20
C LEU A 182 -36.46 -7.30 -46.49
N GLY A 183 -36.57 -8.40 -47.23
CA GLY A 183 -35.86 -8.50 -48.50
C GLY A 183 -36.50 -7.64 -49.59
N ILE A 184 -37.83 -7.62 -49.63
CA ILE A 184 -38.56 -7.06 -50.77
C ILE A 184 -38.47 -5.54 -50.77
N ALA A 185 -38.84 -4.91 -49.66
CA ALA A 185 -38.92 -3.46 -49.61
C ALA A 185 -37.60 -2.80 -49.25
N MET A 186 -36.49 -3.53 -49.32
CA MET A 186 -35.17 -2.95 -49.05
C MET A 186 -34.52 -2.49 -50.32
N GLU A 187 -34.73 -3.23 -51.41
CA GLU A 187 -34.32 -2.77 -52.73
C GLU A 187 -35.20 -1.61 -53.19
N LEU A 188 -36.37 -1.43 -52.57
CA LEU A 188 -37.26 -0.36 -52.99
C LEU A 188 -36.89 0.98 -52.35
N PHE A 189 -35.97 1.00 -51.39
CA PHE A 189 -35.51 2.28 -50.84
C PHE A 189 -34.58 3.02 -51.78
N LEU A 190 -34.05 2.35 -52.79
CA LEU A 190 -33.02 2.98 -53.62
C LEU A 190 -33.58 3.46 -54.94
N LEU A 191 -34.71 2.89 -55.36
CA LEU A 191 -35.47 3.43 -56.49
C LEU A 191 -36.07 4.80 -56.16
N CYS A 192 -36.31 5.06 -54.88
CA CYS A 192 -36.69 6.38 -54.42
C CYS A 192 -35.55 7.36 -54.60
N SER A 193 -34.31 6.89 -54.51
CA SER A 193 -33.14 7.72 -54.76
C SER A 193 -32.78 7.74 -56.23
N ASP A 194 -33.14 6.67 -56.96
CA ASP A 194 -32.83 6.60 -58.38
C ASP A 194 -33.67 7.55 -59.19
N ASP A 195 -34.85 7.93 -58.69
CA ASP A 195 -35.70 8.88 -59.42
C ASP A 195 -35.17 10.30 -59.25
N ALA A 196 -35.07 11.00 -60.37
CA ALA A 196 -34.29 12.23 -60.41
C ALA A 196 -35.13 13.44 -60.02
N GLU A 197 -35.14 13.73 -58.72
CA GLU A 197 -35.62 15.00 -58.18
C GLU A 197 -34.97 15.24 -56.83
N SER A 198 -34.48 16.46 -56.59
CA SER A 198 -33.74 16.72 -55.37
C SER A 198 -34.67 16.78 -54.15
N ASP A 199 -35.96 17.01 -54.38
CA ASP A 199 -36.93 16.85 -53.32
C ASP A 199 -37.17 15.37 -53.01
N VAL A 200 -36.95 14.50 -54.00
CA VAL A 200 -37.09 13.07 -53.78
C VAL A 200 -35.77 12.41 -53.42
N ARG A 201 -34.66 12.83 -54.03
CA ARG A 201 -33.36 12.25 -53.76
C ARG A 201 -32.81 12.60 -52.39
N MET A 202 -33.05 13.80 -51.87
CA MET A 202 -32.54 14.14 -50.54
C MET A 202 -33.38 13.51 -49.45
N VAL A 203 -34.70 13.43 -49.64
CA VAL A 203 -35.60 13.02 -48.57
C VAL A 203 -35.50 11.52 -48.30
N ALA A 204 -35.46 10.71 -49.36
CA ALA A 204 -35.59 9.27 -49.12
C ALA A 204 -34.25 8.55 -48.98
N ASP A 205 -33.13 9.27 -48.93
CA ASP A 205 -31.84 8.63 -48.69
C ASP A 205 -31.48 8.68 -47.21
N GLU A 206 -31.96 9.70 -46.51
CA GLU A 206 -31.78 9.76 -45.07
C GLU A 206 -32.72 8.81 -44.34
N CYS A 207 -33.71 8.27 -45.07
CA CYS A 207 -34.69 7.39 -44.45
C CYS A 207 -34.21 5.94 -44.48
N LEU A 208 -33.35 5.60 -45.43
CA LEU A 208 -32.75 4.28 -45.47
C LEU A 208 -31.75 4.09 -44.35
N ASN A 209 -31.22 5.17 -43.80
CA ASN A 209 -30.29 5.02 -42.70
C ASN A 209 -31.00 4.83 -41.36
N LYS A 210 -32.30 5.07 -41.30
CA LYS A 210 -33.04 4.78 -40.08
C LYS A 210 -33.23 3.29 -39.88
N VAL A 211 -33.19 2.52 -40.96
CA VAL A 211 -33.47 1.08 -40.87
C VAL A 211 -32.25 0.34 -40.34
N ILE A 212 -31.08 0.67 -40.86
CA ILE A 212 -29.85 -0.09 -40.65
C ILE A 212 -29.41 -0.03 -39.20
N LYS A 213 -29.36 1.17 -38.65
CA LYS A 213 -28.76 1.44 -37.35
C LYS A 213 -29.65 0.95 -36.22
N ALA A 214 -30.95 0.85 -36.46
CA ALA A 214 -31.84 0.21 -35.51
C ALA A 214 -31.82 -1.31 -35.65
N LEU A 215 -31.12 -1.80 -36.67
CA LEU A 215 -31.03 -3.24 -36.90
C LEU A 215 -29.60 -3.75 -36.97
N MET A 216 -28.59 -2.96 -36.55
CA MET A 216 -27.23 -3.49 -36.52
C MET A 216 -27.05 -4.51 -35.41
N ASP A 217 -27.88 -4.43 -34.36
CA ASP A 217 -27.85 -5.46 -33.33
C ASP A 217 -28.59 -6.71 -33.79
N SER A 218 -29.82 -6.53 -34.26
CA SER A 218 -30.71 -7.67 -34.39
C SER A 218 -30.46 -8.45 -35.67
N ASN A 219 -30.69 -7.83 -36.82
CA ASN A 219 -30.56 -8.52 -38.10
C ASN A 219 -29.45 -7.89 -38.91
N LEU A 220 -28.22 -8.30 -38.65
CA LEU A 220 -27.10 -8.01 -39.53
C LEU A 220 -26.93 -9.05 -40.65
N PRO A 221 -27.05 -10.37 -40.43
CA PRO A 221 -26.91 -11.26 -41.60
C PRO A 221 -28.05 -11.18 -42.58
N ARG A 222 -29.21 -10.65 -42.19
CA ARG A 222 -30.27 -10.44 -43.18
C ARG A 222 -30.05 -9.16 -43.96
N LEU A 223 -29.52 -8.12 -43.31
CA LEU A 223 -29.19 -6.88 -43.99
C LEU A 223 -28.14 -7.04 -45.07
N GLN A 224 -27.04 -7.73 -44.78
CA GLN A 224 -25.93 -7.73 -45.74
C GLN A 224 -26.12 -8.73 -46.88
N LEU A 225 -27.24 -9.44 -46.96
CA LEU A 225 -27.38 -10.37 -48.07
C LEU A 225 -28.13 -9.71 -49.24
N GLU A 226 -29.06 -8.81 -48.93
CA GLU A 226 -29.79 -8.09 -49.99
C GLU A 226 -28.89 -7.06 -50.67
N LEU A 227 -27.81 -6.69 -50.02
CA LEU A 227 -27.03 -5.52 -50.40
C LEU A 227 -25.90 -5.88 -51.36
N TYR A 228 -25.34 -7.07 -51.19
CA TYR A 228 -24.39 -7.60 -52.15
C TYR A 228 -25.06 -7.87 -53.49
N LYS A 229 -26.38 -8.06 -53.53
CA LYS A 229 -27.06 -8.37 -54.78
C LYS A 229 -27.04 -7.19 -55.75
N GLU A 230 -27.12 -5.97 -55.23
CA GLU A 230 -27.23 -4.79 -56.09
C GLU A 230 -25.94 -4.42 -56.81
N ILE A 231 -24.78 -4.74 -56.24
CA ILE A 231 -23.53 -4.42 -56.92
C ILE A 231 -23.34 -5.31 -58.15
N LYS A 232 -23.65 -6.60 -58.01
CA LYS A 232 -23.66 -7.56 -59.10
C LYS A 232 -24.73 -7.24 -60.14
N LYS A 233 -25.82 -6.58 -59.73
CA LYS A 233 -26.77 -6.06 -60.70
C LYS A 233 -26.13 -4.99 -61.58
N ASN A 234 -25.17 -4.25 -61.02
CA ASN A 234 -24.35 -3.25 -61.71
C ASN A 234 -25.22 -2.17 -62.33
N GLY A 235 -26.04 -1.55 -61.48
CA GLY A 235 -27.12 -0.71 -61.94
C GLY A 235 -26.74 0.67 -62.41
N ALA A 236 -27.62 1.64 -62.17
CA ALA A 236 -27.41 2.99 -62.63
C ALA A 236 -26.27 3.65 -61.85
N PRO A 237 -25.59 4.63 -62.44
CA PRO A 237 -24.51 5.30 -61.70
C PRO A 237 -24.98 6.14 -60.52
N ARG A 238 -26.28 6.44 -60.42
CA ARG A 238 -26.81 7.03 -59.20
C ARG A 238 -27.28 5.96 -58.23
N SER A 239 -27.76 4.83 -58.75
CA SER A 239 -28.24 3.77 -57.87
C SER A 239 -27.07 3.00 -57.25
N LEU A 240 -26.03 2.73 -58.03
CA LEU A 240 -24.91 1.95 -57.52
C LEU A 240 -24.05 2.76 -56.56
N ARG A 241 -24.17 4.08 -56.56
CA ARG A 241 -23.24 4.90 -55.80
C ARG A 241 -23.59 4.94 -54.31
N ALA A 242 -24.83 5.30 -53.98
CA ALA A 242 -25.20 5.54 -52.59
C ALA A 242 -25.43 4.24 -51.84
N ALA A 243 -25.40 3.10 -52.54
CA ALA A 243 -25.32 1.83 -51.85
C ALA A 243 -23.89 1.52 -51.44
N LEU A 244 -22.91 2.24 -51.97
CA LEU A 244 -21.54 1.84 -51.71
C LEU A 244 -21.00 2.53 -50.47
N TRP A 245 -21.66 3.61 -50.03
CA TRP A 245 -21.43 4.15 -48.68
C TRP A 245 -21.79 3.14 -47.61
N ARG A 246 -22.88 2.39 -47.83
CA ARG A 246 -23.46 1.58 -46.77
C ARG A 246 -22.65 0.34 -46.47
N PHE A 247 -21.73 -0.04 -47.38
CA PHE A 247 -21.20 -1.39 -47.34
C PHE A 247 -19.78 -1.39 -46.81
N ALA A 248 -19.17 -0.21 -46.73
CA ALA A 248 -17.85 -0.09 -46.14
C ALA A 248 -17.95 0.12 -44.63
N GLU A 249 -19.09 0.63 -44.17
CA GLU A 249 -19.24 0.93 -42.75
C GLU A 249 -19.73 -0.29 -41.99
N LEU A 250 -20.27 -1.27 -42.70
CA LEU A 250 -20.70 -2.54 -42.15
C LEU A 250 -19.72 -3.64 -42.46
N ALA A 251 -18.53 -3.29 -42.95
CA ALA A 251 -17.52 -4.30 -43.22
C ALA A 251 -16.85 -4.77 -41.94
N HIS A 252 -16.64 -3.85 -41.00
CA HIS A 252 -16.11 -4.23 -39.70
C HIS A 252 -17.18 -4.67 -38.72
N LEU A 253 -18.40 -4.92 -39.19
CA LEU A 253 -19.46 -5.50 -38.38
C LEU A 253 -19.73 -6.96 -38.72
N VAL A 254 -19.04 -7.53 -39.70
CA VAL A 254 -19.27 -8.92 -40.04
C VAL A 254 -18.59 -9.81 -38.99
N ARG A 255 -18.97 -11.00 -38.99
CA ARG A 255 -18.26 -11.94 -38.13
C ARG A 255 -17.12 -12.60 -38.90
N PRO A 256 -16.06 -13.04 -38.24
CA PRO A 256 -15.01 -13.80 -38.96
C PRO A 256 -15.40 -15.24 -39.23
N GLN A 257 -16.57 -15.68 -38.78
CA GLN A 257 -17.05 -17.00 -39.16
C GLN A 257 -17.60 -16.99 -40.59
N LYS A 258 -18.27 -15.90 -40.95
CA LYS A 258 -18.97 -15.77 -42.23
C LYS A 258 -18.19 -14.92 -43.23
N CYS A 259 -17.00 -14.47 -42.86
CA CYS A 259 -16.26 -13.48 -43.64
C CYS A 259 -15.70 -14.06 -44.93
N ARG A 260 -15.14 -15.26 -44.87
CA ARG A 260 -14.51 -15.88 -46.04
C ARG A 260 -15.47 -16.15 -47.20
N PRO A 261 -16.76 -16.50 -47.01
CA PRO A 261 -17.68 -16.41 -48.16
C PRO A 261 -17.88 -15.00 -48.70
N TYR A 262 -17.76 -13.96 -47.88
CA TYR A 262 -17.98 -12.61 -48.41
C TYR A 262 -16.79 -12.09 -49.20
N LEU A 263 -15.61 -12.70 -49.04
CA LEU A 263 -14.46 -12.15 -49.76
C LEU A 263 -14.46 -12.59 -51.22
N VAL A 264 -14.85 -13.84 -51.49
CA VAL A 264 -14.67 -14.40 -52.83
C VAL A 264 -15.65 -13.73 -53.80
N ASN A 265 -16.81 -13.33 -53.30
CA ASN A 265 -17.88 -12.80 -54.14
C ASN A 265 -17.66 -11.34 -54.54
N LEU A 266 -16.77 -10.61 -53.86
CA LEU A 266 -16.60 -9.20 -54.12
C LEU A 266 -15.58 -8.90 -55.22
N LEU A 267 -14.60 -9.75 -55.40
CA LEU A 267 -13.56 -9.48 -56.40
C LEU A 267 -14.06 -9.59 -57.84
N PRO A 268 -15.03 -10.44 -58.19
CA PRO A 268 -15.74 -10.16 -59.46
C PRO A 268 -16.53 -8.86 -59.44
N CYS A 269 -17.05 -8.45 -58.28
CA CYS A 269 -17.85 -7.23 -58.24
C CYS A 269 -16.98 -5.99 -58.09
N LEU A 270 -15.75 -6.13 -57.57
CA LEU A 270 -14.91 -4.95 -57.38
C LEU A 270 -14.06 -4.63 -58.60
N THR A 271 -14.10 -5.47 -59.63
CA THR A 271 -13.37 -5.11 -60.84
C THR A 271 -14.24 -4.39 -61.85
N ARG A 272 -15.55 -4.63 -61.83
CA ARG A 272 -16.46 -4.00 -62.78
C ARG A 272 -16.61 -2.50 -62.50
N THR A 273 -16.66 -2.14 -61.22
CA THR A 273 -16.71 -0.76 -60.78
C THR A 273 -15.37 -0.07 -60.84
N SER A 274 -14.31 -0.79 -61.22
CA SER A 274 -13.04 -0.18 -61.58
C SER A 274 -12.96 0.12 -63.07
N LYS A 275 -13.71 -0.61 -63.89
CA LYS A 275 -13.77 -0.39 -65.33
C LYS A 275 -14.82 0.63 -65.72
N ARG A 276 -15.53 1.21 -64.75
CA ARG A 276 -16.60 2.14 -65.09
C ARG A 276 -16.05 3.56 -65.22
N PRO A 277 -16.34 4.24 -66.32
CA PRO A 277 -15.81 5.59 -66.56
C PRO A 277 -16.60 6.73 -65.93
N GLU A 278 -17.64 6.44 -65.14
CA GLU A 278 -18.38 7.50 -64.48
C GLU A 278 -17.53 8.10 -63.36
N GLU A 279 -17.28 9.41 -63.43
CA GLU A 279 -16.33 10.04 -62.52
C GLU A 279 -16.90 10.18 -61.11
N SER A 280 -18.21 9.99 -60.93
CA SER A 280 -18.77 10.01 -59.59
C SER A 280 -18.75 8.63 -58.95
N VAL A 281 -18.85 7.57 -59.76
CA VAL A 281 -18.81 6.21 -59.22
C VAL A 281 -17.39 5.88 -58.78
N GLN A 282 -16.39 6.40 -59.47
CA GLN A 282 -15.00 6.08 -59.14
C GLN A 282 -14.54 6.75 -57.85
N GLU A 283 -15.26 7.77 -57.38
CA GLU A 283 -14.78 8.51 -56.22
C GLU A 283 -15.05 7.77 -54.92
N THR A 284 -16.27 7.24 -54.75
CA THR A 284 -16.65 6.60 -53.50
C THR A 284 -15.93 5.28 -53.28
N LEU A 285 -15.36 4.71 -54.33
CA LEU A 285 -14.59 3.47 -54.20
C LEU A 285 -13.23 3.73 -53.57
N ALA A 286 -12.72 4.96 -53.68
CA ALA A 286 -11.51 5.34 -52.98
C ALA A 286 -11.79 5.75 -51.54
N ALA A 287 -13.06 5.70 -51.13
CA ALA A 287 -13.44 5.80 -49.74
C ALA A 287 -14.11 4.54 -49.23
N ALA A 288 -13.96 3.42 -49.93
CA ALA A 288 -14.38 2.11 -49.44
C ALA A 288 -13.29 1.06 -49.48
N VAL A 289 -12.45 1.06 -50.50
CA VAL A 289 -11.26 0.21 -50.57
C VAL A 289 -10.26 0.59 -49.48
N PRO A 290 -10.22 1.82 -48.95
CA PRO A 290 -9.70 1.96 -47.58
C PRO A 290 -10.47 1.16 -46.53
N LYS A 291 -11.80 1.15 -46.53
CA LYS A 291 -12.49 0.55 -45.39
C LYS A 291 -12.82 -0.93 -45.58
N ILE A 292 -12.99 -1.40 -46.82
CA ILE A 292 -13.40 -2.79 -47.01
C ILE A 292 -12.22 -3.73 -46.84
N MET A 293 -11.14 -3.50 -47.59
CA MET A 293 -9.98 -4.38 -47.57
C MET A 293 -9.06 -4.17 -46.38
N ALA A 294 -9.51 -3.48 -45.34
CA ALA A 294 -8.79 -3.48 -44.07
C ALA A 294 -9.44 -4.45 -43.09
N SER A 295 -10.72 -4.71 -43.27
CA SER A 295 -11.43 -5.68 -42.46
C SER A 295 -11.66 -6.98 -43.21
N PHE A 296 -11.82 -6.90 -44.53
CA PHE A 296 -11.74 -8.07 -45.38
C PHE A 296 -10.33 -8.25 -45.96
N GLY A 297 -9.30 -7.79 -45.27
CA GLY A 297 -7.96 -7.89 -45.83
C GLY A 297 -7.34 -9.25 -45.62
N ASN A 298 -7.31 -9.71 -44.36
CA ASN A 298 -6.51 -10.86 -43.94
C ASN A 298 -7.04 -12.19 -44.44
N PHE A 299 -8.19 -12.22 -45.09
CA PHE A 299 -8.89 -13.46 -45.39
C PHE A 299 -8.61 -13.96 -46.80
N ALA A 300 -7.72 -13.30 -47.53
CA ALA A 300 -7.40 -13.69 -48.90
C ALA A 300 -5.98 -14.19 -49.01
N ASN A 301 -5.76 -15.11 -49.94
CA ASN A 301 -4.48 -15.74 -50.14
C ASN A 301 -3.67 -14.91 -51.14
N ASP A 302 -2.56 -15.47 -51.59
CA ASP A 302 -1.69 -14.76 -52.53
C ASP A 302 -2.21 -14.88 -53.95
N ASN A 303 -3.21 -15.74 -54.17
CA ASN A 303 -3.77 -15.88 -55.50
C ASN A 303 -4.77 -14.77 -55.80
N GLU A 304 -5.63 -14.45 -54.83
CA GLU A 304 -6.73 -13.52 -55.09
C GLU A 304 -6.25 -12.08 -55.17
N ILE A 305 -5.15 -11.74 -54.52
CA ILE A 305 -4.78 -10.32 -54.42
C ILE A 305 -3.83 -9.92 -55.55
N LYS A 306 -3.25 -10.87 -56.27
CA LYS A 306 -2.44 -10.46 -57.43
C LYS A 306 -3.31 -10.10 -58.62
N VAL A 307 -4.54 -10.63 -58.68
CA VAL A 307 -5.42 -10.31 -59.79
C VAL A 307 -5.96 -8.89 -59.67
N LEU A 308 -6.17 -8.43 -58.44
CA LEU A 308 -6.93 -7.20 -58.20
C LEU A 308 -6.08 -5.96 -58.48
N LEU A 309 -4.76 -6.09 -58.41
CA LEU A 309 -3.87 -4.95 -58.54
C LEU A 309 -3.40 -4.73 -59.96
N LYS A 310 -3.60 -5.71 -60.84
CA LYS A 310 -3.30 -5.49 -62.25
C LYS A 310 -4.41 -4.71 -62.94
N ALA A 311 -5.58 -4.62 -62.31
CA ALA A 311 -6.71 -3.92 -62.90
C ALA A 311 -6.63 -2.42 -62.67
N PHE A 312 -6.28 -2.02 -61.45
CA PHE A 312 -6.23 -0.60 -61.09
C PHE A 312 -5.10 0.16 -61.78
N ILE A 313 -4.05 -0.53 -62.22
CA ILE A 313 -2.96 0.13 -62.95
C ILE A 313 -3.40 0.45 -64.36
N ALA A 314 -4.29 -0.37 -64.92
CA ALA A 314 -4.98 -0.05 -66.16
C ALA A 314 -6.03 1.03 -65.98
N ASN A 315 -6.30 1.46 -64.74
CA ASN A 315 -7.02 2.69 -64.47
C ASN A 315 -6.09 3.85 -64.18
N LEU A 316 -4.78 3.65 -64.30
CA LEU A 316 -3.90 4.81 -64.38
C LEU A 316 -3.73 5.28 -65.81
N LYS A 317 -4.24 4.52 -66.78
CA LYS A 317 -4.15 4.87 -68.19
C LYS A 317 -5.35 5.67 -68.67
N SER A 318 -6.04 6.39 -67.79
CA SER A 318 -7.12 7.26 -68.21
C SER A 318 -6.75 8.72 -67.99
N SER A 319 -7.45 9.61 -68.69
CA SER A 319 -7.06 11.01 -68.78
C SER A 319 -7.81 11.91 -67.82
N SER A 320 -8.63 11.36 -66.93
CA SER A 320 -9.39 12.24 -66.06
C SER A 320 -8.67 12.43 -64.73
N PRO A 321 -8.58 13.68 -64.25
CA PRO A 321 -7.92 13.91 -62.96
C PRO A 321 -8.67 13.36 -61.78
N THR A 322 -9.98 13.14 -61.93
CA THR A 322 -10.74 12.51 -60.85
C THR A 322 -10.51 11.01 -60.83
N ILE A 323 -10.25 10.42 -61.99
CA ILE A 323 -10.11 8.96 -62.03
C ILE A 323 -8.66 8.55 -61.83
N ARG A 324 -7.72 9.50 -61.88
CA ARG A 324 -6.32 9.10 -61.67
C ARG A 324 -6.01 8.94 -60.20
N ARG A 325 -6.66 9.71 -59.32
CA ARG A 325 -6.29 9.66 -57.92
C ARG A 325 -7.13 8.67 -57.12
N THR A 326 -8.11 8.02 -57.74
CA THR A 326 -8.87 7.00 -57.02
C THR A 326 -8.32 5.61 -57.28
N ALA A 327 -7.53 5.44 -58.34
CA ALA A 327 -6.91 4.15 -58.59
C ALA A 327 -5.55 4.05 -57.90
N ALA A 328 -5.07 5.16 -57.36
CA ALA A 328 -3.76 5.16 -56.71
C ALA A 328 -3.89 4.86 -55.23
N GLY A 329 -4.97 5.33 -54.61
CA GLY A 329 -5.19 5.03 -53.20
C GLY A 329 -5.86 3.69 -52.98
N SER A 330 -6.09 2.95 -54.05
CA SER A 330 -6.63 1.60 -53.92
C SER A 330 -5.53 0.55 -53.89
N ALA A 331 -4.42 0.80 -54.59
CA ALA A 331 -3.34 -0.16 -54.61
C ALA A 331 -2.59 -0.18 -53.27
N VAL A 332 -2.65 0.93 -52.55
CA VAL A 332 -1.78 1.08 -51.40
C VAL A 332 -2.51 0.76 -50.09
N SER A 333 -3.84 0.67 -50.14
CA SER A 333 -4.58 0.34 -48.93
C SER A 333 -4.71 -1.17 -48.76
N ILE A 334 -4.46 -1.91 -49.83
CA ILE A 334 -4.50 -3.36 -49.77
C ILE A 334 -3.23 -3.89 -49.12
N CYS A 335 -2.08 -3.35 -49.55
CA CYS A 335 -0.76 -3.80 -49.08
C CYS A 335 -0.51 -3.52 -47.60
N GLN A 336 -1.34 -2.70 -46.96
CA GLN A 336 -1.30 -2.59 -45.51
C GLN A 336 -1.96 -3.78 -44.86
N HIS A 337 -2.85 -4.46 -45.58
CA HIS A 337 -3.71 -5.46 -44.99
C HIS A 337 -3.78 -6.75 -45.78
N SER A 338 -2.89 -6.94 -46.77
CA SER A 338 -3.09 -7.98 -47.77
C SER A 338 -3.05 -9.41 -47.23
N ARG A 339 -1.86 -9.95 -47.01
CA ARG A 339 -1.67 -11.03 -46.05
C ARG A 339 -0.34 -10.78 -45.37
N ARG A 340 0.62 -10.33 -46.18
CA ARG A 340 1.98 -10.05 -45.79
C ARG A 340 2.21 -8.58 -46.12
N THR A 341 2.29 -7.76 -45.08
CA THR A 341 2.35 -6.31 -45.28
C THR A 341 3.67 -5.89 -45.90
N GLN A 342 4.75 -6.63 -45.62
CA GLN A 342 6.06 -6.23 -46.14
C GLN A 342 6.37 -6.92 -47.46
N TYR A 343 5.74 -8.06 -47.74
CA TYR A 343 5.99 -8.70 -49.03
C TYR A 343 5.34 -7.94 -50.16
N PHE A 344 4.19 -7.31 -49.93
CA PHE A 344 3.52 -6.63 -51.02
C PHE A 344 3.97 -5.18 -51.20
N TYR A 345 4.92 -4.69 -50.41
CA TYR A 345 5.48 -3.38 -50.70
C TYR A 345 6.57 -3.48 -51.75
N SER A 346 7.30 -4.58 -51.76
CA SER A 346 8.37 -4.76 -52.74
C SER A 346 7.83 -5.12 -54.11
N TRP A 347 6.57 -5.52 -54.20
CA TRP A 347 6.05 -6.00 -55.47
C TRP A 347 5.45 -4.86 -56.27
N LEU A 348 4.99 -3.80 -55.62
CA LEU A 348 4.49 -2.66 -56.38
C LEU A 348 5.62 -1.80 -56.91
N LEU A 349 6.84 -1.96 -56.42
CA LEU A 349 7.92 -1.13 -56.94
C LEU A 349 8.53 -1.73 -58.20
N ASN A 350 8.31 -3.02 -58.48
CA ASN A 350 8.87 -3.61 -59.69
C ASN A 350 7.98 -3.32 -60.90
N VAL A 351 6.68 -3.17 -60.69
CA VAL A 351 5.72 -3.03 -61.77
C VAL A 351 5.78 -1.63 -62.38
N LEU A 352 6.16 -0.65 -61.57
CA LEU A 352 5.98 0.74 -61.96
C LEU A 352 7.23 1.28 -62.65
N LEU A 353 8.39 0.70 -62.37
CA LEU A 353 9.62 1.24 -62.90
C LEU A 353 9.94 0.65 -64.27
N GLY A 354 9.19 -0.38 -64.68
CA GLY A 354 9.21 -0.81 -66.07
C GLY A 354 8.31 0.07 -66.93
N LEU A 355 7.38 0.77 -66.29
CA LEU A 355 6.63 1.81 -66.97
C LEU A 355 7.47 3.04 -67.19
N LEU A 356 8.60 3.16 -66.47
CA LEU A 356 9.59 4.20 -66.71
C LEU A 356 11.00 3.63 -66.79
N VAL A 357 11.16 2.49 -67.47
CA VAL A 357 12.44 1.86 -67.73
C VAL A 357 13.01 2.66 -68.90
N PRO A 358 14.35 2.61 -69.21
CA PRO A 358 15.17 3.84 -69.26
C PRO A 358 14.51 5.14 -69.75
N VAL A 359 14.75 6.22 -69.00
CA VAL A 359 13.91 7.41 -69.00
C VAL A 359 13.96 8.19 -70.32
N GLU A 360 14.90 7.84 -71.20
CA GLU A 360 15.04 8.55 -72.48
C GLU A 360 14.17 7.88 -73.55
N ASP A 361 12.87 7.88 -73.27
CA ASP A 361 11.87 7.29 -74.15
C ASP A 361 10.67 8.24 -74.22
N GLU A 362 9.69 7.85 -75.03
CA GLU A 362 8.40 8.52 -75.00
C GLU A 362 7.47 7.75 -74.07
N HIS A 363 7.06 8.40 -72.98
CA HIS A 363 6.36 7.72 -71.91
C HIS A 363 4.92 8.13 -71.70
N SER A 364 4.27 8.76 -72.70
CA SER A 364 2.83 9.04 -72.71
C SER A 364 2.39 9.88 -71.51
N THR A 365 2.71 11.19 -71.53
CA THR A 365 2.86 12.02 -70.32
C THR A 365 1.63 12.07 -69.41
N LEU A 366 0.49 11.52 -69.84
CA LEU A 366 -0.58 11.23 -68.89
C LEU A 366 -0.20 10.03 -68.02
N LEU A 367 0.52 9.07 -68.57
CA LEU A 367 0.88 7.86 -67.82
C LEU A 367 2.10 8.10 -66.94
N ILE A 368 2.84 9.19 -67.17
CA ILE A 368 3.92 9.55 -66.25
C ILE A 368 3.33 10.02 -64.92
N LEU A 369 2.11 10.57 -64.97
CA LEU A 369 1.50 11.07 -63.74
C LEU A 369 0.80 9.98 -62.96
N GLY A 370 0.63 8.80 -63.55
CA GLY A 370 -0.01 7.72 -62.81
C GLY A 370 0.93 7.02 -61.84
N VAL A 371 2.22 7.03 -62.15
CA VAL A 371 3.20 6.28 -61.38
C VAL A 371 3.67 7.11 -60.19
N LEU A 372 3.57 8.42 -60.26
CA LEU A 372 4.09 9.27 -59.19
C LEU A 372 3.04 9.56 -58.13
N LEU A 373 1.80 9.14 -58.31
CA LEU A 373 0.80 9.40 -57.29
C LEU A 373 0.58 8.17 -56.41
N THR A 374 0.86 6.98 -56.94
CA THR A 374 0.85 5.79 -56.09
C THR A 374 2.07 5.75 -55.19
N LEU A 375 3.05 6.62 -55.43
CA LEU A 375 4.26 6.61 -54.62
C LEU A 375 4.24 7.66 -53.53
N ARG A 376 3.22 8.52 -53.50
CA ARG A 376 3.10 9.40 -52.35
C ARG A 376 2.31 8.74 -51.24
N TYR A 377 1.65 7.63 -51.54
CA TYR A 377 0.82 6.97 -50.54
C TYR A 377 1.54 5.79 -49.88
N LEU A 378 2.67 5.35 -50.44
CA LEU A 378 3.33 4.11 -50.07
C LEU A 378 4.64 4.34 -49.34
N VAL A 379 5.34 5.42 -49.67
CA VAL A 379 6.47 5.90 -48.88
C VAL A 379 6.11 6.16 -47.41
N PRO A 380 4.89 6.64 -47.05
CA PRO A 380 4.50 6.57 -45.63
C PRO A 380 4.41 5.16 -45.06
N LEU A 381 4.39 4.12 -45.89
CA LEU A 381 4.23 2.78 -45.35
C LEU A 381 5.55 2.01 -45.37
N LEU A 382 6.59 2.61 -45.94
CA LEU A 382 7.89 1.96 -46.02
C LEU A 382 8.78 2.37 -44.85
N GLN A 383 8.26 2.26 -43.63
CA GLN A 383 9.05 2.66 -42.47
C GLN A 383 8.58 1.97 -41.20
N VAL A 404 10.22 -11.36 -48.64
CA VAL A 404 11.29 -10.46 -49.04
C VAL A 404 10.83 -9.00 -48.86
N SER A 405 11.74 -8.17 -48.37
CA SER A 405 11.47 -6.78 -48.04
C SER A 405 11.74 -5.92 -49.26
N PRO A 406 11.27 -4.67 -49.27
CA PRO A 406 11.72 -3.74 -50.31
C PRO A 406 13.18 -3.39 -50.13
N SER A 407 13.98 -3.78 -51.12
CA SER A 407 15.43 -3.85 -50.98
C SER A 407 16.04 -2.45 -50.97
N ALA A 408 17.28 -2.36 -50.50
CA ALA A 408 17.98 -1.09 -50.45
C ALA A 408 18.47 -0.65 -51.83
N GLU A 409 18.56 -1.58 -52.78
CA GLU A 409 18.83 -1.17 -54.15
C GLU A 409 17.55 -1.00 -54.94
N GLN A 410 16.41 -1.45 -54.42
CA GLN A 410 15.14 -1.14 -55.09
C GLN A 410 14.72 0.30 -54.81
N LEU A 411 15.07 0.85 -53.65
CA LEU A 411 14.60 2.19 -53.33
C LEU A 411 15.48 3.27 -53.95
N VAL A 412 16.70 2.96 -54.39
CA VAL A 412 17.54 4.01 -54.98
C VAL A 412 17.26 4.11 -56.48
N GLN A 413 16.48 3.19 -57.02
CA GLN A 413 16.02 3.38 -58.40
C GLN A 413 14.85 4.34 -58.47
N VAL A 414 14.11 4.50 -57.36
CA VAL A 414 12.99 5.45 -57.29
C VAL A 414 13.50 6.89 -57.34
N TYR A 415 14.71 7.11 -56.84
CA TYR A 415 15.13 8.47 -56.52
C TYR A 415 15.77 9.17 -57.71
N GLU A 416 16.49 8.45 -58.57
CA GLU A 416 17.04 9.05 -59.78
C GLU A 416 15.96 9.24 -60.84
N LEU A 417 14.81 8.63 -60.64
CA LEU A 417 13.71 8.69 -61.59
C LEU A 417 13.02 10.04 -61.54
N THR A 418 13.14 10.74 -60.42
CA THR A 418 12.39 11.97 -60.21
C THR A 418 13.16 13.21 -60.62
N LEU A 419 14.48 13.19 -60.45
CA LEU A 419 15.30 14.36 -60.79
C LEU A 419 15.31 14.61 -62.29
N HIS A 420 15.13 13.57 -63.09
CA HIS A 420 14.90 13.73 -64.51
C HIS A 420 13.51 14.30 -64.79
N HIS A 421 12.57 14.09 -63.86
CA HIS A 421 11.18 14.49 -64.02
C HIS A 421 10.84 15.77 -63.30
N THR A 422 11.80 16.35 -62.57
CA THR A 422 11.67 17.74 -62.20
C THR A 422 12.06 18.67 -63.34
N GLN A 423 12.61 18.11 -64.42
CA GLN A 423 13.04 18.87 -65.58
C GLN A 423 12.17 18.66 -66.80
N HIS A 424 11.44 17.54 -66.86
CA HIS A 424 10.56 17.24 -67.98
C HIS A 424 9.42 18.23 -68.03
N GLN A 425 9.35 19.01 -69.11
CA GLN A 425 8.52 20.22 -69.13
C GLN A 425 7.04 19.87 -69.24
N ASP A 426 6.27 20.46 -68.34
CA ASP A 426 4.81 20.53 -68.27
C ASP A 426 4.55 21.41 -67.05
N HIS A 427 3.28 21.62 -66.74
CA HIS A 427 2.97 22.19 -65.44
C HIS A 427 2.16 21.22 -64.61
N ASN A 428 1.70 20.13 -65.24
CA ASN A 428 1.05 19.07 -64.49
C ASN A 428 1.99 17.91 -64.22
N VAL A 429 3.13 17.85 -64.92
CA VAL A 429 4.09 16.78 -64.67
C VAL A 429 5.27 17.30 -63.84
N VAL A 430 5.52 18.61 -63.87
CA VAL A 430 6.51 19.17 -62.96
C VAL A 430 5.96 19.22 -61.53
N THR A 431 4.66 19.43 -61.37
CA THR A 431 4.11 19.48 -60.02
C THR A 431 3.86 18.09 -59.43
N GLY A 432 4.03 17.03 -60.21
CA GLY A 432 3.73 15.70 -59.69
C GLY A 432 4.91 15.06 -59.00
N ALA A 433 6.13 15.36 -59.47
CA ALA A 433 7.32 14.80 -58.88
C ALA A 433 7.92 15.71 -57.82
N LEU A 434 7.23 16.79 -57.48
CA LEU A 434 7.73 17.67 -56.44
C LEU A 434 6.93 17.53 -55.15
N GLU A 435 5.77 16.89 -55.21
CA GLU A 435 5.13 16.47 -53.98
C GLU A 435 5.65 15.12 -53.53
N LEU A 436 6.28 14.39 -54.45
CA LEU A 436 6.86 13.09 -54.11
C LEU A 436 8.22 13.25 -53.43
N LEU A 437 8.85 14.42 -53.56
CA LEU A 437 10.19 14.57 -53.02
C LEU A 437 10.15 15.24 -51.65
N GLN A 438 9.07 15.96 -51.36
CA GLN A 438 8.89 16.63 -50.08
C GLN A 438 8.55 15.63 -48.99
N GLN A 439 8.10 14.44 -49.38
CA GLN A 439 7.54 13.50 -48.43
C GLN A 439 8.48 12.34 -48.14
N LEU A 440 9.45 12.10 -49.03
CA LEU A 440 10.44 11.04 -48.90
C LEU A 440 11.63 11.50 -48.07
N PHE A 441 11.66 12.79 -47.73
CA PHE A 441 12.67 13.30 -46.81
C PHE A 441 12.09 13.45 -45.41
N ARG A 442 10.79 13.71 -45.33
CA ARG A 442 10.12 13.82 -44.03
C ARG A 442 9.94 12.46 -43.39
N THR A 443 9.41 11.49 -44.13
CA THR A 443 9.27 10.12 -43.66
C THR A 443 10.07 9.20 -44.58
N PRO A 444 11.39 9.19 -44.45
CA PRO A 444 12.21 8.43 -45.39
C PRO A 444 12.19 6.95 -45.06
N PRO A 445 12.32 6.09 -46.07
CA PRO A 445 12.57 4.69 -45.78
C PRO A 445 13.99 4.50 -45.29
N PRO A 446 14.21 3.70 -44.25
CA PRO A 446 15.52 3.73 -43.58
C PRO A 446 16.63 3.05 -44.36
N GLU A 447 16.30 2.26 -45.38
CA GLU A 447 17.33 1.74 -46.28
C GLU A 447 17.82 2.85 -47.20
N LEU A 448 16.89 3.64 -47.74
CA LEU A 448 17.26 4.74 -48.62
C LEU A 448 17.95 5.85 -47.87
N LEU A 449 17.75 5.94 -46.56
CA LEU A 449 18.15 7.14 -45.85
C LEU A 449 19.65 7.14 -45.55
N GLN A 450 20.29 5.98 -45.53
CA GLN A 450 21.71 5.92 -45.23
C GLN A 450 22.57 6.04 -46.49
N THR A 451 21.99 5.77 -47.67
CA THR A 451 22.75 5.85 -48.92
C THR A 451 22.94 7.26 -49.44
N LEU A 452 22.21 8.24 -48.89
CA LEU A 452 22.30 9.62 -49.34
C LEU A 452 23.16 10.48 -48.43
N THR A 453 23.13 10.22 -47.12
CA THR A 453 23.97 10.93 -46.17
C THR A 453 25.42 10.48 -46.29
N ALA A 454 25.64 9.26 -46.80
CA ALA A 454 26.97 8.70 -46.94
C ALA A 454 27.81 9.49 -47.93
N VAL A 455 29.12 9.39 -47.78
CA VAL A 455 30.04 10.25 -48.53
C VAL A 455 30.11 9.80 -49.99
N GLY A 456 30.40 8.53 -50.22
CA GLY A 456 30.36 8.02 -51.58
C GLY A 456 28.94 7.88 -52.10
N GLY A 457 28.10 7.19 -51.34
CA GLY A 457 26.68 7.19 -51.65
C GLY A 457 26.34 6.21 -52.76
N ILE A 458 25.89 6.75 -53.89
CA ILE A 458 25.42 5.94 -54.99
C ILE A 458 26.58 5.26 -55.73
N GLY A 459 27.82 5.75 -55.54
CA GLY A 459 28.96 5.17 -56.22
C GLY A 459 29.32 3.78 -55.73
N GLN A 460 28.91 3.43 -54.51
CA GLN A 460 29.15 2.06 -54.04
C GLN A 460 28.02 1.13 -54.46
N LEU A 461 26.83 1.68 -54.70
CA LEU A 461 25.71 0.85 -55.13
C LEU A 461 25.87 0.42 -56.59
N THR A 462 26.62 1.21 -57.37
CA THR A 462 26.84 0.83 -58.77
C THR A 462 28.04 -0.09 -58.90
N ALA A 463 28.80 -0.27 -57.83
CA ALA A 463 29.99 -1.12 -57.88
C ALA A 463 30.10 -1.98 -56.63
N ARG A 722 17.74 25.69 -68.49
CA ARG A 722 17.84 26.66 -67.41
C ARG A 722 19.09 26.44 -66.56
N ILE A 723 19.58 25.21 -66.50
CA ILE A 723 20.83 24.89 -65.84
C ILE A 723 21.92 24.88 -66.91
N LYS A 724 23.07 25.48 -66.59
CA LYS A 724 24.10 25.70 -67.60
C LYS A 724 25.52 25.48 -67.09
N GLY A 725 25.71 24.57 -66.14
CA GLY A 725 27.03 24.31 -65.59
C GLY A 725 27.22 22.86 -65.22
N ASP A 726 28.47 22.56 -64.82
CA ASP A 726 28.80 21.25 -64.29
C ASP A 726 28.31 21.16 -62.85
N ILE A 727 27.10 20.64 -62.66
CA ILE A 727 26.59 20.40 -61.31
C ILE A 727 27.32 19.23 -60.67
N GLY A 728 27.47 18.14 -61.42
CA GLY A 728 28.03 16.92 -60.88
C GLY A 728 26.90 16.01 -60.46
N GLN A 729 26.71 14.92 -61.20
CA GLN A 729 25.50 14.11 -61.05
C GLN A 729 25.55 13.25 -59.80
N SER A 730 24.47 12.50 -59.55
CA SER A 730 24.37 11.67 -58.37
C SER A 730 24.98 10.30 -58.63
N THR A 731 26.22 10.28 -59.10
CA THR A 731 26.98 9.05 -59.28
C THR A 731 28.39 9.37 -58.80
N ASP A 732 28.69 10.66 -58.70
CA ASP A 732 30.04 11.11 -58.39
C ASP A 732 30.38 10.88 -56.93
N ASP A 733 31.65 10.59 -56.68
CA ASP A 733 32.14 10.48 -55.32
C ASP A 733 32.64 11.85 -54.84
N ASP A 734 33.29 11.83 -53.67
CA ASP A 734 33.85 12.98 -52.94
C ASP A 734 32.80 14.01 -52.56
N SER A 735 31.52 13.64 -52.57
CA SER A 735 30.41 14.50 -52.19
C SER A 735 29.20 13.60 -51.99
N ALA A 736 28.39 13.94 -51.00
CA ALA A 736 27.17 13.18 -50.76
C ALA A 736 26.15 13.47 -51.86
N PRO A 737 25.22 12.55 -52.11
CA PRO A 737 24.15 12.86 -53.06
C PRO A 737 23.19 13.92 -52.58
N LEU A 738 23.05 14.12 -51.26
CA LEU A 738 22.24 15.24 -50.81
C LEU A 738 23.00 16.55 -50.90
N VAL A 739 24.33 16.51 -51.05
CA VAL A 739 25.02 17.70 -51.52
C VAL A 739 24.70 17.93 -52.98
N HIS A 740 24.58 16.85 -53.75
CA HIS A 740 24.17 16.97 -55.14
C HIS A 740 22.72 17.40 -55.32
N CYS A 741 21.79 16.98 -54.46
CA CYS A 741 20.39 17.18 -54.81
C CYS A 741 19.88 18.60 -54.51
N VAL A 742 20.69 19.43 -53.87
CA VAL A 742 20.26 20.81 -53.61
C VAL A 742 20.79 21.73 -54.71
N ARG A 743 21.86 21.34 -55.38
CA ARG A 743 22.37 22.12 -56.50
C ARG A 743 21.44 22.05 -57.71
N LEU A 744 20.61 21.02 -57.79
CA LEU A 744 19.91 20.68 -59.01
C LEU A 744 18.52 21.29 -59.02
N LEU A 745 17.87 21.34 -57.86
CA LEU A 745 16.51 21.81 -57.78
C LEU A 745 16.46 23.33 -57.66
N SER A 746 17.63 23.97 -57.65
CA SER A 746 17.68 25.41 -57.43
C SER A 746 17.91 26.16 -58.73
N ALA A 747 18.91 25.76 -59.52
CA ALA A 747 19.23 26.45 -60.76
C ALA A 747 18.23 26.18 -61.87
N SER A 748 17.30 25.25 -61.66
CA SER A 748 16.28 25.00 -62.67
C SER A 748 14.99 25.71 -62.33
N PHE A 749 14.67 25.83 -61.04
CA PHE A 749 13.41 26.40 -60.60
C PHE A 749 13.55 27.84 -60.14
N LEU A 750 14.39 28.09 -59.15
CA LEU A 750 14.26 29.30 -58.36
C LEU A 750 15.54 30.10 -58.21
N LEU A 751 16.55 29.87 -59.04
CA LEU A 751 17.78 30.62 -58.92
C LEU A 751 18.50 30.66 -60.25
N THR A 752 19.14 31.79 -60.52
CA THR A 752 19.95 31.99 -61.72
C THR A 752 21.41 32.09 -61.28
N GLY A 753 22.29 31.36 -61.96
CA GLY A 753 23.63 31.11 -61.46
C GLY A 753 24.61 32.27 -61.50
N GLY A 754 24.17 33.50 -61.75
CA GLY A 754 25.11 34.59 -61.90
C GLY A 754 25.14 35.62 -60.79
N LYS A 755 23.99 35.87 -60.16
CA LYS A 755 23.84 37.01 -59.28
C LYS A 755 22.63 36.74 -58.37
N ASN A 756 22.63 37.37 -57.20
CA ASN A 756 21.48 37.30 -56.31
C ASN A 756 20.31 38.07 -56.90
N VAL A 757 19.42 37.33 -57.56
CA VAL A 757 18.31 37.93 -58.30
C VAL A 757 17.15 36.94 -58.30
N LEU A 758 15.94 37.47 -58.22
CA LEU A 758 14.75 36.64 -58.28
C LEU A 758 14.56 36.10 -59.70
N VAL A 759 13.92 34.94 -59.80
CA VAL A 759 13.45 34.46 -61.09
C VAL A 759 12.02 34.96 -61.26
N PRO A 760 11.60 35.30 -62.47
CA PRO A 760 10.25 35.85 -62.66
C PRO A 760 9.19 34.79 -62.49
N ASP A 761 8.01 35.22 -62.06
CA ASP A 761 6.87 34.33 -61.91
C ASP A 761 6.28 33.92 -63.25
N ARG A 762 6.63 34.63 -64.32
CA ARG A 762 6.18 34.29 -65.66
C ARG A 762 6.79 32.98 -66.12
N ASP A 763 8.05 32.74 -65.76
CA ASP A 763 8.76 31.56 -66.24
C ASP A 763 8.29 30.31 -65.49
N VAL A 764 8.38 30.32 -64.18
CA VAL A 764 7.96 29.21 -63.32
C VAL A 764 6.81 29.70 -62.47
N ARG A 765 5.72 28.92 -62.42
CA ARG A 765 4.53 29.31 -61.67
C ARG A 765 4.81 29.38 -60.17
N VAL A 766 3.99 30.14 -59.46
CA VAL A 766 4.19 30.32 -58.03
C VAL A 766 3.43 29.23 -57.29
N SER A 767 2.78 28.32 -58.02
CA SER A 767 2.42 27.04 -57.46
C SER A 767 3.58 26.06 -57.60
N VAL A 768 4.46 26.31 -58.58
CA VAL A 768 5.60 25.43 -58.78
C VAL A 768 6.80 25.93 -57.98
N LYS A 769 6.85 27.24 -57.69
CA LYS A 769 7.92 27.74 -56.83
C LYS A 769 7.65 27.48 -55.36
N ALA A 770 6.44 27.02 -55.03
CA ALA A 770 6.09 26.84 -53.62
C ALA A 770 6.52 25.47 -53.12
N LEU A 771 6.46 24.45 -53.99
CA LEU A 771 6.85 23.11 -53.60
C LEU A 771 8.34 22.89 -53.72
N ALA A 772 9.09 23.88 -54.21
CA ALA A 772 10.52 23.72 -54.37
C ALA A 772 11.27 24.33 -53.20
N LEU A 773 10.60 25.16 -52.42
CA LEU A 773 11.21 25.69 -51.20
C LEU A 773 11.00 24.77 -50.03
N SER A 774 10.04 23.85 -50.14
CA SER A 774 9.80 22.93 -49.03
C SER A 774 10.58 21.64 -49.20
N CYS A 775 11.25 21.46 -50.33
CA CYS A 775 12.09 20.27 -50.51
C CYS A 775 13.53 20.55 -50.15
N VAL A 776 13.95 21.81 -50.21
CA VAL A 776 15.30 22.17 -49.80
C VAL A 776 15.39 22.20 -48.29
N GLY A 777 14.28 22.34 -47.58
CA GLY A 777 14.27 22.37 -46.14
C GLY A 777 14.23 21.03 -45.43
N ALA A 778 13.69 20.00 -46.09
CA ALA A 778 13.58 18.70 -45.44
C ALA A 778 14.84 17.87 -45.61
N ALA A 779 15.79 18.37 -46.41
CA ALA A 779 17.05 17.66 -46.61
C ALA A 779 18.13 18.19 -45.69
N VAL A 780 18.00 19.43 -45.24
CA VAL A 780 18.95 20.01 -44.31
C VAL A 780 18.83 19.34 -42.95
N ALA A 781 17.62 18.94 -42.58
CA ALA A 781 17.38 18.07 -41.44
C ALA A 781 18.02 16.69 -41.62
N LEU A 782 18.29 16.28 -42.86
CA LEU A 782 19.00 15.04 -43.12
C LEU A 782 20.49 15.27 -43.35
N HIS A 783 20.87 16.16 -44.25
CA HIS A 783 22.28 16.41 -44.53
C HIS A 783 22.51 17.91 -44.58
N PRO A 784 23.04 18.48 -43.51
CA PRO A 784 23.04 19.95 -43.37
C PRO A 784 24.18 20.60 -44.11
N GLU A 785 25.07 19.85 -44.74
CA GLU A 785 26.23 20.45 -45.38
C GLU A 785 25.92 20.86 -46.81
N SER A 786 24.68 20.68 -47.25
CA SER A 786 24.33 21.02 -48.63
C SER A 786 24.08 22.51 -48.80
N PHE A 787 23.50 23.15 -47.79
CA PHE A 787 23.09 24.54 -47.89
C PHE A 787 24.27 25.50 -47.95
N PHE A 788 25.46 25.07 -47.56
CA PHE A 788 26.63 25.93 -47.60
C PHE A 788 27.46 25.74 -48.85
N SER A 789 26.97 24.95 -49.81
CA SER A 789 27.75 24.59 -50.98
C SER A 789 27.64 25.64 -52.07
N LYS A 790 28.58 25.57 -53.01
CA LYS A 790 28.53 26.42 -54.18
C LYS A 790 27.50 25.88 -55.15
N LEU A 791 26.91 26.78 -55.96
CA LEU A 791 25.82 26.37 -56.84
C LEU A 791 26.34 25.52 -57.99
N TYR A 792 27.37 26.00 -58.69
CA TYR A 792 28.02 25.22 -59.74
C TYR A 792 29.34 24.67 -59.21
N LYS A 793 29.65 23.42 -59.55
CA LYS A 793 30.89 22.82 -59.09
C LYS A 793 32.08 23.40 -59.87
N VAL A 794 32.01 23.33 -61.19
CA VAL A 794 32.93 24.06 -62.06
C VAL A 794 32.35 25.45 -62.27
N PRO A 795 33.10 26.52 -62.02
CA PRO A 795 32.52 27.87 -62.07
C PRO A 795 32.13 28.29 -63.47
N LEU A 796 31.19 29.23 -63.53
CA LEU A 796 30.46 29.55 -64.75
C LEU A 796 30.88 30.92 -65.25
N ASP A 797 31.90 30.91 -66.13
CA ASP A 797 32.13 31.95 -67.13
C ASP A 797 32.33 33.35 -66.53
N THR A 798 33.48 33.58 -65.90
CA THR A 798 33.75 34.85 -65.21
C THR A 798 33.79 36.05 -66.17
N THR A 799 33.87 35.80 -67.48
CA THR A 799 33.72 36.87 -68.45
C THR A 799 32.31 37.47 -68.42
N GLU A 800 31.29 36.61 -68.46
CA GLU A 800 29.92 37.10 -68.47
C GLU A 800 29.49 37.62 -67.10
N TYR A 801 29.75 36.85 -66.05
CA TYR A 801 29.23 37.16 -64.72
C TYR A 801 30.39 37.56 -63.82
N PRO A 802 30.27 38.64 -63.05
CA PRO A 802 31.40 39.10 -62.24
C PRO A 802 31.74 38.19 -61.09
N GLU A 803 30.72 37.75 -60.35
CA GLU A 803 30.91 36.96 -59.14
C GLU A 803 30.04 35.72 -59.20
N GLU A 804 30.53 34.63 -58.60
CA GLU A 804 29.71 33.44 -58.46
C GLU A 804 29.07 33.44 -57.07
N GLN A 805 27.86 32.91 -56.97
CA GLN A 805 27.12 32.94 -55.71
C GLN A 805 26.89 31.53 -55.21
N TYR A 806 26.53 31.44 -53.94
CA TYR A 806 26.29 30.19 -53.24
C TYR A 806 24.78 29.99 -53.13
N VAL A 807 24.32 28.92 -52.50
CA VAL A 807 22.88 28.77 -52.25
C VAL A 807 22.60 29.46 -50.92
N SER A 808 22.54 30.79 -50.99
CA SER A 808 22.00 31.62 -49.93
C SER A 808 21.00 32.61 -50.52
N ASP A 809 20.85 32.62 -51.83
CA ASP A 809 19.83 33.42 -52.48
C ASP A 809 18.48 32.74 -52.44
N ILE A 810 18.44 31.49 -51.95
CA ILE A 810 17.17 30.88 -51.56
C ILE A 810 16.52 31.70 -50.45
N LEU A 811 17.34 32.26 -49.55
CA LEU A 811 16.87 33.12 -48.48
C LEU A 811 16.76 34.59 -48.88
N ASN A 812 16.53 34.86 -50.16
CA ASN A 812 16.06 36.18 -50.58
C ASN A 812 14.62 36.12 -51.06
N TYR A 813 13.94 34.99 -50.87
CA TYR A 813 12.54 34.85 -51.23
C TYR A 813 11.63 35.07 -50.03
N ILE A 814 12.01 35.97 -49.14
CA ILE A 814 11.11 36.46 -48.11
C ILE A 814 10.34 37.67 -48.62
N ASP A 815 10.89 38.37 -49.62
CA ASP A 815 10.21 39.53 -50.17
C ASP A 815 9.34 39.18 -51.38
N HIS A 816 9.27 37.93 -51.77
CA HIS A 816 8.60 37.54 -53.01
C HIS A 816 7.10 37.39 -52.78
N GLY A 817 6.36 38.49 -52.96
CA GLY A 817 4.94 38.46 -53.26
C GLY A 817 3.97 37.77 -52.32
N ASP A 818 3.47 36.63 -52.74
CA ASP A 818 2.32 35.98 -52.15
C ASP A 818 2.70 35.26 -50.85
N PRO A 819 1.72 34.75 -50.10
CA PRO A 819 2.02 33.69 -49.13
C PRO A 819 2.50 32.41 -49.80
N GLN A 820 2.98 31.50 -48.94
CA GLN A 820 3.54 30.18 -49.26
C GLN A 820 4.79 30.25 -50.11
N VAL A 821 5.41 31.41 -50.27
CA VAL A 821 6.79 31.55 -50.73
C VAL A 821 7.61 32.33 -49.71
N ARG A 822 7.09 33.46 -49.25
CA ARG A 822 7.65 34.08 -48.06
C ARG A 822 7.34 33.30 -46.80
N GLY A 823 6.34 32.42 -46.84
CA GLY A 823 6.04 31.53 -45.74
C GLY A 823 6.77 30.21 -45.86
N ALA A 824 7.16 29.85 -47.08
CA ALA A 824 8.00 28.67 -47.26
C ALA A 824 9.47 29.03 -47.41
N THR A 825 9.84 30.30 -47.26
CA THR A 825 11.19 30.60 -46.82
C THR A 825 11.18 31.07 -45.38
N ALA A 826 10.01 31.21 -44.79
CA ALA A 826 9.96 31.28 -43.34
C ALA A 826 10.29 29.94 -42.73
N ILE A 827 9.91 28.84 -43.39
CA ILE A 827 10.18 27.50 -42.86
C ILE A 827 11.52 26.95 -43.37
N LEU A 828 12.21 27.65 -44.26
CA LEU A 828 13.53 27.19 -44.68
C LEU A 828 14.61 27.64 -43.71
N CYS A 829 14.33 28.65 -42.90
CA CYS A 829 15.29 29.07 -41.89
C CYS A 829 15.01 28.40 -40.55
N GLY A 830 13.89 27.69 -40.44
CA GLY A 830 13.60 26.99 -39.19
C GLY A 830 14.40 25.72 -39.04
N THR A 831 14.45 24.91 -40.09
CA THR A 831 15.17 23.65 -40.03
C THR A 831 16.59 23.75 -40.54
N LEU A 832 17.09 24.95 -40.81
CA LEU A 832 18.53 25.12 -41.01
C LEU A 832 19.21 25.39 -39.68
N ILE A 833 18.45 25.88 -38.71
CA ILE A 833 19.01 26.12 -37.38
C ILE A 833 18.75 24.90 -36.49
N CYS A 834 17.69 24.15 -36.81
CA CYS A 834 17.40 22.93 -36.05
C CYS A 834 18.46 21.87 -36.26
N SER A 835 19.17 21.90 -37.39
CA SER A 835 19.94 20.74 -37.81
C SER A 835 21.41 21.08 -37.99
N ILE A 836 21.87 22.22 -37.49
CA ILE A 836 23.31 22.42 -37.33
C ILE A 836 23.69 22.14 -35.88
N LEU A 837 22.79 22.51 -34.97
CA LEU A 837 22.96 22.25 -33.56
C LEU A 837 22.93 20.74 -33.26
N SER A 838 22.13 19.98 -33.99
CA SER A 838 22.07 18.53 -33.76
C SER A 838 23.11 17.80 -34.60
N ARG A 839 23.71 18.50 -35.56
CA ARG A 839 24.72 17.88 -36.41
C ARG A 839 26.08 17.92 -35.73
N SER A 840 26.60 19.11 -35.51
CA SER A 840 27.72 19.34 -34.61
C SER A 840 27.12 19.76 -33.28
N ARG A 841 27.51 19.07 -32.20
CA ARG A 841 26.75 19.05 -30.96
C ARG A 841 26.84 20.40 -30.26
N PHE A 842 26.07 21.35 -30.80
CA PHE A 842 25.91 22.74 -30.38
C PHE A 842 27.23 23.51 -30.47
N HIS A 843 28.19 22.98 -31.24
CA HIS A 843 29.47 23.66 -31.47
C HIS A 843 29.34 24.47 -32.76
N VAL A 844 28.72 25.64 -32.64
CA VAL A 844 28.59 26.52 -33.79
C VAL A 844 29.89 27.30 -34.00
N GLY A 845 30.75 27.30 -32.99
CA GLY A 845 32.07 27.87 -33.18
C GLY A 845 32.96 27.03 -34.07
N ASP A 846 33.12 25.74 -33.75
CA ASP A 846 34.15 24.95 -34.43
C ASP A 846 33.65 24.43 -35.77
N TRP A 847 32.35 24.24 -35.93
CA TRP A 847 31.87 23.60 -37.14
C TRP A 847 31.86 24.58 -38.32
N MET A 848 31.70 25.87 -38.05
CA MET A 848 31.67 26.85 -39.12
C MET A 848 33.06 27.17 -39.65
N GLY A 849 34.11 26.78 -38.93
CA GLY A 849 35.44 27.01 -39.45
C GLY A 849 35.82 26.07 -40.57
N THR A 850 35.30 24.84 -40.52
CA THR A 850 35.71 23.82 -41.48
C THR A 850 35.11 24.07 -42.86
N ILE A 851 33.96 24.75 -42.92
CA ILE A 851 33.25 24.93 -44.19
C ILE A 851 33.85 26.08 -45.00
N ARG A 852 34.26 27.15 -44.32
CA ARG A 852 34.59 28.42 -44.92
C ARG A 852 35.88 28.35 -45.74
N THR A 853 36.82 27.52 -45.31
CA THR A 853 38.02 27.25 -46.10
C THR A 853 37.77 26.20 -47.19
N LEU A 854 36.59 25.58 -47.19
CA LEU A 854 36.23 24.56 -48.18
C LEU A 854 35.26 25.15 -49.21
N THR A 855 34.14 25.71 -48.76
CA THR A 855 33.29 26.55 -49.59
C THR A 855 33.23 27.94 -48.97
N GLY A 856 33.72 28.92 -49.73
CA GLY A 856 34.08 30.20 -49.14
C GLY A 856 32.95 31.17 -48.86
N ASN A 857 31.73 30.69 -48.62
CA ASN A 857 30.63 31.59 -48.32
C ASN A 857 30.77 32.20 -46.94
N THR A 858 30.14 33.36 -46.76
CA THR A 858 30.09 34.06 -45.48
C THR A 858 28.63 34.09 -45.06
N PHE A 859 28.19 33.03 -44.38
CA PHE A 859 26.80 32.91 -43.97
C PHE A 859 26.77 32.36 -42.55
N SER A 860 26.62 33.25 -41.58
CA SER A 860 26.44 32.84 -40.20
C SER A 860 24.96 32.78 -39.87
N LEU A 861 24.67 32.26 -38.67
CA LEU A 861 23.29 32.25 -38.19
C LEU A 861 22.90 33.55 -37.52
N ALA A 862 23.75 34.57 -37.59
CA ALA A 862 23.34 35.91 -37.20
C ALA A 862 22.57 36.61 -38.32
N ASP A 863 22.61 36.07 -39.54
CA ASP A 863 21.93 36.65 -40.69
C ASP A 863 20.69 35.88 -41.11
N CYS A 864 20.14 35.03 -40.26
CA CYS A 864 18.93 34.32 -40.63
C CYS A 864 17.82 34.46 -39.61
N ILE A 865 18.15 34.64 -38.33
CA ILE A 865 17.14 34.86 -37.30
C ILE A 865 16.46 36.23 -37.46
N PRO A 866 17.14 37.34 -37.82
CA PRO A 866 16.37 38.53 -38.23
C PRO A 866 15.63 38.38 -39.54
N LEU A 867 15.89 37.32 -40.31
CA LEU A 867 15.01 37.00 -41.43
C LEU A 867 13.83 36.17 -40.96
N LEU A 868 13.93 35.56 -39.77
CA LEU A 868 12.83 34.78 -39.24
C LEU A 868 12.01 35.59 -38.26
N ARG A 869 12.60 36.66 -37.72
CA ARG A 869 11.86 37.56 -36.84
C ARG A 869 10.92 38.44 -37.64
N LYS A 870 11.15 38.56 -38.95
CA LYS A 870 10.37 39.48 -39.76
C LYS A 870 9.09 38.85 -40.29
N THR A 871 9.16 37.58 -40.72
CA THR A 871 7.96 36.90 -41.22
C THR A 871 6.95 36.57 -40.13
N LEU A 872 7.34 36.62 -38.86
CA LEU A 872 6.35 36.55 -37.79
C LEU A 872 5.50 37.81 -37.75
N LYS A 873 6.06 38.94 -38.18
CA LYS A 873 5.35 40.21 -38.23
C LYS A 873 4.73 40.50 -39.60
N ASP A 874 4.51 39.48 -40.41
CA ASP A 874 4.05 39.71 -41.77
C ASP A 874 2.54 40.00 -41.76
N GLU A 875 2.04 40.53 -42.88
CA GLU A 875 0.67 41.02 -42.93
C GLU A 875 -0.35 39.90 -43.04
N SER A 876 -0.23 39.07 -44.08
CA SER A 876 -1.27 38.11 -44.40
C SER A 876 -1.33 36.98 -43.39
N SER A 877 -2.55 36.54 -43.08
CA SER A 877 -2.75 35.51 -42.06
C SER A 877 -2.44 34.12 -42.60
N VAL A 878 -2.12 34.00 -43.88
CA VAL A 878 -1.58 32.74 -44.38
C VAL A 878 -0.05 32.77 -44.27
N THR A 879 0.54 33.96 -44.31
CA THR A 879 1.97 34.07 -44.11
C THR A 879 2.36 33.86 -42.66
N CYS A 880 1.41 33.97 -41.72
CA CYS A 880 1.78 33.86 -40.31
C CYS A 880 1.57 32.46 -39.79
N LYS A 881 0.88 31.59 -40.53
CA LYS A 881 0.71 30.21 -40.09
C LYS A 881 1.99 29.41 -40.35
N LEU A 882 2.74 29.80 -41.38
CA LEU A 882 3.90 29.01 -41.80
C LEU A 882 5.18 29.45 -41.11
N ALA A 883 5.18 30.63 -40.49
CA ALA A 883 6.38 31.10 -39.81
C ALA A 883 6.38 30.71 -38.36
N CYS A 884 5.27 30.20 -37.84
CA CYS A 884 5.24 29.82 -36.44
C CYS A 884 5.36 28.31 -36.29
N THR A 885 5.35 27.55 -37.39
CA THR A 885 5.83 26.18 -37.33
C THR A 885 7.35 26.14 -37.49
N ALA A 886 7.94 27.24 -37.94
CA ALA A 886 9.38 27.33 -38.02
C ALA A 886 10.00 27.57 -36.66
N VAL A 887 9.19 27.97 -35.68
CA VAL A 887 9.72 28.17 -34.34
C VAL A 887 9.40 26.94 -33.48
N ARG A 888 8.69 25.97 -34.02
CA ARG A 888 8.52 24.70 -33.31
C ARG A 888 9.80 23.88 -33.38
N ASN A 889 10.61 24.12 -34.40
CA ASN A 889 11.80 23.34 -34.68
C ASN A 889 13.07 24.00 -34.15
N CYS A 890 13.00 25.28 -33.83
CA CYS A 890 14.13 26.18 -33.87
C CYS A 890 14.43 26.87 -32.55
N VAL A 891 13.57 26.73 -31.53
CA VAL A 891 13.77 27.48 -30.31
C VAL A 891 14.01 26.52 -29.15
N MET A 892 13.95 25.21 -29.42
CA MET A 892 14.46 24.26 -28.45
C MET A 892 15.91 23.91 -28.72
N SER A 893 16.45 24.37 -29.84
CA SER A 893 17.84 24.06 -30.13
C SER A 893 18.75 25.26 -29.86
N LEU A 894 18.21 26.48 -29.96
CA LEU A 894 19.00 27.68 -29.70
C LEU A 894 19.14 27.94 -28.23
N CYS A 895 18.06 27.72 -27.47
CA CYS A 895 17.96 28.19 -26.10
C CYS A 895 18.90 27.42 -25.19
N SER A 896 19.29 26.22 -25.58
CA SER A 896 20.36 25.50 -24.91
C SER A 896 21.67 25.54 -25.69
N SER A 897 21.84 26.50 -26.60
CA SER A 897 23.08 26.62 -27.34
C SER A 897 23.78 27.95 -27.03
N SER A 898 24.92 28.18 -27.69
CA SER A 898 25.71 29.38 -27.48
C SER A 898 25.05 30.62 -28.07
N TYR A 899 24.14 30.47 -29.02
CA TYR A 899 23.37 31.59 -29.58
C TYR A 899 22.09 31.82 -28.80
N SER A 900 22.06 31.50 -27.50
CA SER A 900 20.81 31.65 -26.76
C SER A 900 20.58 33.08 -26.29
N GLU A 901 21.35 34.06 -26.78
CA GLU A 901 20.90 35.44 -26.71
C GLU A 901 19.80 35.68 -27.73
N LEU A 902 20.00 35.22 -28.96
CA LEU A 902 18.98 35.37 -29.99
C LEU A 902 17.86 34.36 -29.82
N GLY A 903 18.06 33.34 -29.00
CA GLY A 903 17.04 32.31 -28.86
C GLY A 903 15.91 32.73 -27.95
N LEU A 904 16.17 33.70 -27.08
CA LEU A 904 15.14 34.12 -26.13
C LEU A 904 14.23 35.15 -26.76
N GLN A 905 14.75 35.90 -27.74
CA GLN A 905 13.99 36.95 -28.41
C GLN A 905 12.84 36.38 -29.23
N LEU A 906 13.00 35.19 -29.79
CA LEU A 906 11.93 34.57 -30.56
C LEU A 906 10.87 33.97 -29.64
N ILE A 907 11.17 33.75 -28.36
CA ILE A 907 10.12 33.43 -27.42
C ILE A 907 9.26 34.67 -27.18
N ILE A 908 9.87 35.86 -27.22
CA ILE A 908 9.16 37.09 -26.88
C ILE A 908 8.17 37.48 -27.99
N ASP A 909 8.53 37.28 -29.26
CA ASP A 909 7.71 37.85 -30.34
C ASP A 909 6.45 37.05 -30.64
N VAL A 910 6.47 35.75 -30.37
CA VAL A 910 5.30 34.89 -30.56
C VAL A 910 4.20 35.29 -29.59
N LEU A 911 4.58 35.84 -28.44
CA LEU A 911 3.63 36.31 -27.44
C LEU A 911 2.80 37.49 -27.94
N THR A 912 3.29 38.23 -28.95
CA THR A 912 2.49 39.30 -29.55
C THR A 912 1.54 38.75 -30.60
N LEU A 913 1.74 37.50 -31.01
CA LEU A 913 0.92 36.88 -32.03
C LEU A 913 -0.28 36.17 -31.43
N ARG A 914 -0.55 36.39 -30.14
CA ARG A 914 -1.63 35.69 -29.45
C ARG A 914 -3.01 36.24 -29.75
N ASN A 915 -3.10 37.42 -30.35
CA ASN A 915 -4.40 38.05 -30.59
C ASN A 915 -4.59 38.41 -32.05
N SER A 916 -4.21 37.51 -32.94
CA SER A 916 -4.58 37.66 -34.33
C SER A 916 -5.76 36.76 -34.66
N SER A 917 -6.60 37.21 -35.59
CA SER A 917 -7.96 36.70 -35.73
C SER A 917 -8.09 35.61 -36.78
N TYR A 918 -7.06 34.80 -36.99
CA TYR A 918 -7.18 33.62 -37.83
C TYR A 918 -6.95 32.40 -36.96
N TRP A 919 -7.92 31.49 -36.96
CA TRP A 919 -7.99 30.46 -35.93
C TRP A 919 -6.92 29.40 -36.10
N LEU A 920 -6.28 29.34 -37.26
CA LEU A 920 -5.12 28.48 -37.42
C LEU A 920 -3.83 29.20 -37.05
N VAL A 921 -3.88 30.53 -36.92
CA VAL A 921 -2.66 31.22 -36.49
C VAL A 921 -2.48 31.06 -34.99
N ARG A 922 -3.55 30.96 -34.23
CA ARG A 922 -3.41 30.89 -32.77
C ARG A 922 -3.11 29.50 -32.23
N THR A 923 -3.34 28.41 -32.97
CA THR A 923 -3.13 27.11 -32.38
C THR A 923 -1.77 26.52 -32.74
N GLU A 924 -1.03 27.15 -33.65
CA GLU A 924 0.35 26.72 -33.86
C GLU A 924 1.32 27.64 -33.13
N LEU A 925 0.78 28.58 -32.37
CA LEU A 925 1.54 29.33 -31.36
C LEU A 925 1.77 28.47 -30.13
N LEU A 926 0.69 27.97 -29.58
CA LEU A 926 0.63 27.28 -28.31
C LEU A 926 1.28 25.91 -28.35
N GLU A 927 1.52 25.36 -29.54
CA GLU A 927 2.34 24.17 -29.66
C GLU A 927 3.81 24.54 -29.61
N THR A 928 4.16 25.76 -30.02
CA THR A 928 5.51 26.25 -29.78
C THR A 928 5.60 27.02 -28.48
N LEU A 929 4.55 26.95 -27.66
CA LEU A 929 4.62 27.30 -26.26
C LEU A 929 4.25 26.12 -25.38
N ALA A 930 4.09 24.94 -25.96
CA ALA A 930 4.00 23.73 -25.17
C ALA A 930 5.33 23.00 -25.18
N GLU A 931 6.07 23.10 -26.27
CA GLU A 931 7.37 22.44 -26.38
C GLU A 931 8.49 23.25 -25.76
N ILE A 932 8.19 24.40 -25.17
CA ILE A 932 9.19 25.17 -24.44
C ILE A 932 9.47 24.47 -23.13
N ASP A 933 10.74 24.46 -22.73
CA ASP A 933 11.13 24.00 -21.40
C ASP A 933 11.31 25.24 -20.52
N PHE A 934 10.23 25.63 -19.82
CA PHE A 934 10.32 26.85 -19.02
C PHE A 934 11.08 26.68 -17.72
N ARG A 935 11.82 25.59 -17.53
CA ARG A 935 12.86 25.62 -16.50
C ARG A 935 14.20 26.00 -17.10
N LEU A 936 14.40 25.73 -18.39
CA LEU A 936 15.60 26.23 -19.03
C LEU A 936 15.45 27.70 -19.42
N VAL A 937 14.21 28.17 -19.53
CA VAL A 937 13.97 29.54 -19.97
C VAL A 937 14.15 30.51 -18.81
N SER A 938 13.86 30.08 -17.58
CA SER A 938 14.02 30.95 -16.43
C SER A 938 15.49 31.17 -16.08
N PHE A 939 16.36 30.28 -16.55
CA PHE A 939 17.78 30.41 -16.29
C PHE A 939 18.42 31.57 -17.04
N LEU A 940 17.97 31.85 -18.25
CA LEU A 940 18.57 32.93 -19.03
C LEU A 940 18.17 34.32 -18.56
N GLU A 941 17.08 34.43 -17.81
CA GLU A 941 16.60 35.74 -17.39
C GLU A 941 17.54 36.33 -16.34
N ALA A 942 18.05 35.48 -15.46
CA ALA A 942 18.92 35.94 -14.38
C ALA A 942 20.27 36.39 -14.92
N LYS A 943 20.68 35.85 -16.08
CA LYS A 943 21.97 36.21 -16.65
C LYS A 943 21.86 37.49 -17.48
N ALA A 944 20.66 37.84 -17.91
CA ALA A 944 20.48 39.00 -18.77
C ALA A 944 20.53 40.29 -17.95
N GLU A 945 21.10 41.34 -18.56
CA GLU A 945 21.01 42.69 -18.04
C GLU A 945 20.54 43.67 -19.10
N ASN A 946 20.94 43.47 -20.35
CA ASN A 946 20.45 44.31 -21.44
C ASN A 946 19.18 43.74 -22.07
N LEU A 947 18.95 42.44 -21.93
CA LEU A 947 17.78 41.85 -22.57
C LEU A 947 16.51 42.15 -21.77
N HIS A 948 16.63 42.31 -20.45
CA HIS A 948 15.51 42.81 -19.65
C HIS A 948 15.10 44.20 -20.10
N ARG A 949 16.07 45.05 -20.45
CA ARG A 949 15.75 46.33 -21.04
C ARG A 949 15.24 46.16 -22.47
N GLY A 950 16.10 45.66 -23.35
CA GLY A 950 15.74 45.45 -24.74
C GLY A 950 15.55 46.76 -25.48
N ALA A 951 14.45 46.81 -26.23
CA ALA A 951 14.01 48.06 -26.81
C ALA A 951 13.44 48.95 -25.71
N HIS A 952 13.45 50.27 -25.96
CA HIS A 952 12.90 51.37 -25.15
C HIS A 952 13.32 51.40 -23.69
N HIS A 953 14.33 50.61 -23.30
CA HIS A 953 14.99 50.67 -21.99
C HIS A 953 14.03 50.49 -20.82
N TYR A 954 13.35 49.35 -20.80
CA TYR A 954 12.41 49.02 -19.74
C TYR A 954 13.14 48.77 -18.43
N THR A 955 12.45 49.04 -17.32
CA THR A 955 12.96 48.71 -16.00
C THR A 955 12.04 47.69 -15.33
N GLY A 956 12.63 46.68 -14.73
CA GLY A 956 11.86 45.59 -14.16
C GLY A 956 12.36 44.26 -14.70
N LEU A 957 11.68 43.20 -14.28
CA LEU A 957 12.04 41.86 -14.72
C LEU A 957 11.24 41.47 -15.96
N LEU A 958 11.86 40.66 -16.79
CA LEU A 958 11.25 40.12 -18.00
C LEU A 958 10.63 38.78 -17.63
N LYS A 959 9.40 38.84 -17.10
CA LYS A 959 8.74 37.65 -16.57
C LYS A 959 8.09 36.91 -17.71
N LEU A 960 8.83 35.97 -18.30
CA LEU A 960 8.24 35.16 -19.36
C LEU A 960 7.19 34.20 -18.81
N GLN A 961 7.48 33.56 -17.68
CA GLN A 961 6.65 32.44 -17.26
C GLN A 961 5.26 32.84 -16.79
N GLU A 962 5.13 33.86 -15.95
CA GLU A 962 3.79 34.28 -15.55
C GLU A 962 3.04 35.01 -16.66
N ARG A 963 3.73 35.47 -17.71
CA ARG A 963 3.07 36.12 -18.83
C ARG A 963 2.66 35.13 -19.92
N VAL A 964 3.32 33.98 -20.00
CA VAL A 964 3.01 32.96 -20.99
C VAL A 964 2.05 31.91 -20.44
N LEU A 965 1.72 32.00 -19.16
CA LEU A 965 0.83 31.04 -18.52
C LEU A 965 -0.48 31.67 -18.07
N ASN A 966 -0.48 32.93 -17.64
CA ASN A 966 -1.70 33.65 -17.31
C ASN A 966 -2.30 34.36 -18.52
N ASN A 967 -1.48 34.79 -19.48
CA ASN A 967 -1.99 35.67 -20.52
C ASN A 967 -1.93 35.03 -21.90
N VAL A 968 -1.56 33.75 -21.99
CA VAL A 968 -1.80 33.02 -23.23
C VAL A 968 -2.63 31.78 -22.96
N VAL A 969 -2.08 30.83 -22.21
CA VAL A 969 -2.57 29.46 -22.22
C VAL A 969 -3.88 29.35 -21.47
N ILE A 970 -3.96 29.99 -20.31
CA ILE A 970 -5.24 30.08 -19.63
C ILE A 970 -6.13 31.10 -20.33
N HIS A 971 -5.52 32.12 -20.94
CA HIS A 971 -6.31 33.10 -21.69
C HIS A 971 -6.92 32.53 -22.95
N LEU A 972 -6.19 31.69 -23.69
CA LEU A 972 -6.76 31.07 -24.88
C LEU A 972 -7.73 29.95 -24.56
N LEU A 973 -7.93 29.60 -23.28
CA LEU A 973 -9.09 28.81 -22.95
C LEU A 973 -10.37 29.59 -23.15
N GLY A 974 -10.33 30.91 -23.00
CA GLY A 974 -11.52 31.73 -23.14
C GLY A 974 -11.72 32.25 -24.54
N ASP A 975 -11.48 31.41 -25.54
CA ASP A 975 -11.66 31.79 -26.92
C ASP A 975 -13.03 31.32 -27.39
N GLU A 976 -13.51 31.88 -28.50
CA GLU A 976 -14.85 31.56 -28.95
C GLU A 976 -14.93 30.25 -29.71
N ASP A 977 -13.83 29.80 -30.31
CA ASP A 977 -13.89 28.64 -31.17
C ASP A 977 -13.85 27.35 -30.35
N PRO A 978 -14.61 26.33 -30.73
CA PRO A 978 -14.38 25.00 -30.17
C PRO A 978 -13.07 24.37 -30.64
N ARG A 979 -12.44 24.93 -31.67
CA ARG A 979 -11.14 24.40 -32.09
C ARG A 979 -10.03 24.96 -31.23
N VAL A 980 -10.15 26.21 -30.79
CA VAL A 980 -9.06 26.84 -30.06
C VAL A 980 -9.12 26.48 -28.59
N ARG A 981 -10.29 26.08 -28.07
CA ARG A 981 -10.36 25.76 -26.65
C ARG A 981 -9.79 24.38 -26.34
N HIS A 982 -9.81 23.46 -27.29
CA HIS A 982 -9.39 22.10 -27.00
C HIS A 982 -7.87 21.96 -27.02
N VAL A 983 -7.19 22.74 -27.86
CA VAL A 983 -5.76 22.58 -28.03
C VAL A 983 -5.01 23.22 -26.87
N ALA A 984 -5.67 24.12 -26.14
CA ALA A 984 -5.00 24.82 -25.05
C ALA A 984 -5.01 23.99 -23.77
N ALA A 985 -5.87 22.98 -23.70
CA ALA A 985 -5.85 22.11 -22.54
C ALA A 985 -4.66 21.16 -22.58
N ALA A 986 -4.28 20.71 -23.78
CA ALA A 986 -3.25 19.69 -23.92
C ALA A 986 -1.85 20.26 -23.66
N SER A 987 -1.74 21.58 -23.65
CA SER A 987 -0.49 22.24 -23.32
C SER A 987 -0.28 22.29 -21.82
N LEU A 988 -1.35 22.41 -21.03
CA LEU A 988 -1.23 22.33 -19.58
C LEU A 988 -1.03 20.89 -19.12
N ILE A 989 -1.10 19.93 -20.03
CA ILE A 989 -0.55 18.62 -19.73
C ILE A 989 0.95 18.63 -20.04
N ARG A 990 1.38 19.47 -20.99
CA ARG A 990 2.79 19.54 -21.36
C ARG A 990 3.56 20.65 -20.66
N LEU A 991 2.89 21.56 -19.94
CA LEU A 991 3.59 22.61 -19.22
C LEU A 991 3.90 22.29 -17.78
N VAL A 992 3.07 21.48 -17.13
CA VAL A 992 3.22 21.26 -15.68
C VAL A 992 4.51 20.55 -15.29
N PRO A 993 5.03 19.56 -16.04
CA PRO A 993 6.39 19.10 -15.69
C PRO A 993 7.52 20.08 -16.03
N LYS A 994 7.22 21.26 -16.55
CA LYS A 994 8.24 22.16 -17.07
C LYS A 994 8.11 23.60 -16.57
N LEU A 995 7.92 23.84 -15.28
CA LEU A 995 7.56 25.20 -14.87
C LEU A 995 8.71 25.94 -14.19
N PHE A 996 9.26 25.40 -13.10
CA PHE A 996 10.25 26.06 -12.24
C PHE A 996 9.74 27.40 -11.70
N TYR A 997 8.82 27.32 -10.76
CA TYR A 997 8.56 28.46 -9.91
C TYR A 997 9.62 28.59 -8.83
N LYS A 998 9.82 29.81 -8.34
CA LYS A 998 11.00 30.16 -7.59
C LYS A 998 10.96 29.64 -6.16
N CYS A 999 12.11 29.11 -5.71
CA CYS A 999 12.38 28.73 -4.32
C CYS A 999 11.45 27.64 -3.81
N ASP A 1000 11.53 26.48 -4.45
CA ASP A 1000 10.99 25.26 -3.90
C ASP A 1000 11.90 24.73 -2.79
N GLN A 1001 11.45 23.68 -2.13
CA GLN A 1001 12.25 23.02 -1.10
C GLN A 1001 12.99 21.81 -1.67
N GLY A 1002 13.14 21.79 -2.99
CA GLY A 1002 14.04 20.92 -3.71
C GLY A 1002 15.05 21.75 -4.49
N GLN A 1003 14.85 21.81 -5.81
CA GLN A 1003 15.60 22.70 -6.68
C GLN A 1003 15.55 24.16 -6.23
N ALA A 1004 16.71 24.74 -5.95
CA ALA A 1004 16.78 26.11 -5.46
C ALA A 1004 17.08 27.11 -6.58
N ASP A 1005 18.23 26.96 -7.23
CA ASP A 1005 18.64 27.85 -8.30
C ASP A 1005 17.94 27.45 -9.60
N PRO A 1006 18.00 28.30 -10.63
CA PRO A 1006 17.70 27.80 -11.98
C PRO A 1006 18.81 26.98 -12.58
N VAL A 1007 20.02 27.01 -11.99
CA VAL A 1007 21.08 26.10 -12.40
C VAL A 1007 20.74 24.67 -12.00
N VAL A 1008 20.22 24.48 -10.80
CA VAL A 1008 19.95 23.16 -10.28
C VAL A 1008 18.66 22.60 -10.88
N ALA A 1009 17.88 23.44 -11.56
CA ALA A 1009 16.59 22.99 -12.10
C ALA A 1009 16.77 22.15 -13.37
N VAL A 1010 17.69 22.57 -14.24
CA VAL A 1010 17.90 21.90 -15.51
C VAL A 1010 18.63 20.57 -15.27
N ALA A 1011 19.27 20.43 -14.13
CA ALA A 1011 20.11 19.27 -13.88
C ALA A 1011 19.31 18.07 -13.40
N ARG A 1012 18.04 18.26 -13.03
CA ARG A 1012 17.31 17.11 -12.50
C ARG A 1012 16.40 16.51 -13.55
N ASP A 1013 16.09 17.23 -14.63
CA ASP A 1013 15.32 16.59 -15.70
C ASP A 1013 16.20 15.82 -16.68
N GLN A 1014 17.52 15.95 -16.55
CA GLN A 1014 18.40 15.25 -17.48
C GLN A 1014 19.23 14.20 -16.76
N SER A 1015 18.86 13.90 -15.52
CA SER A 1015 19.53 12.82 -14.80
C SER A 1015 18.60 11.63 -14.62
N SER A 1016 17.29 11.88 -14.57
CA SER A 1016 16.33 10.79 -14.63
C SER A 1016 16.34 10.13 -16.01
N VAL A 1017 16.70 10.89 -17.05
CA VAL A 1017 16.78 10.32 -18.38
C VAL A 1017 18.01 9.43 -18.51
N TYR A 1018 19.16 9.90 -18.00
CA TYR A 1018 20.45 9.28 -18.31
C TYR A 1018 21.08 8.58 -17.10
N LEU A 1019 20.35 8.44 -15.99
CA LEU A 1019 20.85 7.68 -14.84
C LEU A 1019 19.65 6.97 -14.22
N LYS A 1020 19.56 5.67 -14.43
CA LYS A 1020 18.58 4.86 -13.73
C LYS A 1020 19.21 3.57 -13.22
N ARG A 1039 -10.08 -5.81 -7.68
CA ARG A 1039 -9.54 -4.67 -8.40
C ARG A 1039 -10.42 -3.44 -8.28
N ILE A 1040 -9.91 -2.41 -7.59
CA ILE A 1040 -10.67 -1.18 -7.42
C ILE A 1040 -10.73 -0.42 -8.74
N TYR A 1041 -11.69 0.50 -8.84
CA TYR A 1041 -11.95 1.18 -10.08
C TYR A 1041 -10.87 2.24 -10.34
N ARG A 1042 -10.87 2.78 -11.57
CA ARG A 1042 -9.72 3.50 -12.10
C ARG A 1042 -9.50 4.85 -11.42
N GLY A 1043 -10.45 5.30 -10.60
CA GLY A 1043 -10.39 6.66 -10.11
C GLY A 1043 -9.35 6.88 -9.03
N TYR A 1044 -9.25 5.94 -8.08
CA TYR A 1044 -8.58 6.26 -6.83
C TYR A 1044 -7.65 5.16 -6.33
N ASN A 1045 -6.99 5.47 -5.21
CA ASN A 1045 -5.75 4.82 -4.79
C ASN A 1045 -5.77 4.62 -3.28
N LEU A 1046 -5.04 3.61 -2.80
CA LEU A 1046 -4.92 3.32 -1.38
C LEU A 1046 -3.47 3.13 -0.93
N LEU A 1047 -2.50 3.37 -1.81
CA LEU A 1047 -1.09 3.19 -1.50
C LEU A 1047 -0.60 4.28 -0.56
N PRO A 1048 0.62 4.18 -0.01
CA PRO A 1048 1.22 5.36 0.63
C PRO A 1048 1.63 6.44 -0.35
N SER A 1049 1.70 6.10 -1.64
CA SER A 1049 1.81 7.04 -2.76
C SER A 1049 3.06 7.89 -2.69
N ILE A 1050 4.22 7.26 -2.87
CA ILE A 1050 5.49 7.96 -3.00
C ILE A 1050 5.41 8.90 -4.19
N THR A 1051 5.83 10.14 -3.98
CA THR A 1051 5.58 11.22 -4.91
C THR A 1051 6.76 12.18 -4.85
N ASP A 1052 7.00 12.88 -5.96
CA ASP A 1052 8.02 13.91 -5.99
C ASP A 1052 7.52 15.14 -5.26
N VAL A 1053 8.34 15.66 -4.33
CA VAL A 1053 7.93 16.79 -3.50
C VAL A 1053 7.87 18.06 -4.34
N THR A 1054 8.74 18.18 -5.34
CA THR A 1054 8.80 19.42 -6.12
C THR A 1054 7.95 19.32 -7.37
N MET A 1055 7.48 18.13 -7.73
CA MET A 1055 6.53 18.02 -8.83
C MET A 1055 5.10 18.16 -8.30
N GLU A 1056 4.92 18.09 -7.00
CA GLU A 1056 3.61 18.45 -6.44
C GLU A 1056 3.45 19.95 -6.30
N ASN A 1057 4.49 20.74 -6.53
CA ASN A 1057 4.37 22.19 -6.35
C ASN A 1057 4.04 22.88 -7.66
N ASN A 1058 4.41 22.27 -8.78
CA ASN A 1058 4.11 22.89 -10.08
C ASN A 1058 2.69 22.58 -10.51
N LEU A 1059 2.09 21.54 -9.94
CA LEU A 1059 0.72 21.18 -10.30
C LEU A 1059 -0.28 21.88 -9.42
N SER A 1060 0.17 22.58 -8.38
CA SER A 1060 -0.77 23.28 -7.54
C SER A 1060 -0.82 24.76 -7.87
N ARG A 1061 0.01 25.21 -8.81
CA ARG A 1061 -0.08 26.60 -9.27
C ARG A 1061 -0.82 26.68 -10.59
N VAL A 1062 -1.08 25.54 -11.22
CA VAL A 1062 -1.83 25.54 -12.47
C VAL A 1062 -3.30 25.22 -12.19
N ILE A 1063 -3.62 24.74 -10.99
CA ILE A 1063 -5.00 24.62 -10.57
C ILE A 1063 -5.39 25.78 -9.65
N ALA A 1064 -4.50 26.76 -9.48
CA ALA A 1064 -4.89 27.97 -8.77
C ALA A 1064 -5.42 29.02 -9.74
N ALA A 1065 -4.77 29.20 -10.89
CA ALA A 1065 -5.21 30.20 -11.85
C ALA A 1065 -6.27 29.65 -12.78
N VAL A 1066 -6.67 28.40 -12.59
CA VAL A 1066 -7.68 27.78 -13.46
C VAL A 1066 -9.03 27.75 -12.77
N SER A 1067 -9.05 27.68 -11.44
CA SER A 1067 -10.29 27.82 -10.70
C SER A 1067 -10.62 29.30 -10.47
N HIS A 1068 -9.90 30.20 -11.12
CA HIS A 1068 -10.11 31.63 -10.91
C HIS A 1068 -10.76 32.29 -12.11
N GLU A 1069 -10.50 31.78 -13.31
CA GLU A 1069 -11.28 32.12 -14.51
C GLU A 1069 -12.49 31.21 -14.71
N LEU A 1070 -12.92 30.54 -13.65
CA LEU A 1070 -14.16 29.79 -13.60
C LEU A 1070 -15.12 30.33 -12.55
N ILE A 1071 -14.62 31.14 -11.62
CA ILE A 1071 -15.46 31.75 -10.60
C ILE A 1071 -15.52 33.26 -10.78
N THR A 1072 -14.40 33.92 -11.05
CA THR A 1072 -14.39 35.35 -11.29
C THR A 1072 -14.57 35.69 -12.76
N SER A 1073 -15.05 34.76 -13.57
CA SER A 1073 -15.24 35.00 -14.98
C SER A 1073 -16.60 35.65 -15.24
N THR A 1074 -16.68 36.45 -16.30
CA THR A 1074 -17.89 37.18 -16.63
C THR A 1074 -18.53 36.72 -17.93
N THR A 1075 -17.92 35.77 -18.63
CA THR A 1075 -18.42 35.35 -19.92
C THR A 1075 -18.93 33.93 -19.85
N ARG A 1076 -19.78 33.60 -20.83
CA ARG A 1076 -20.12 32.22 -21.11
C ARG A 1076 -18.94 31.40 -21.59
N ALA A 1077 -18.00 32.02 -22.30
CA ALA A 1077 -16.91 31.26 -22.89
C ALA A 1077 -15.76 30.99 -21.95
N LEU A 1078 -15.64 31.69 -20.82
CA LEU A 1078 -14.58 31.32 -19.87
C LEU A 1078 -15.01 30.19 -18.96
N THR A 1079 -16.29 30.08 -18.63
CA THR A 1079 -16.73 28.99 -17.76
C THR A 1079 -16.78 27.67 -18.51
N PHE A 1080 -16.83 27.73 -19.84
CA PHE A 1080 -17.27 26.58 -20.62
C PHE A 1080 -16.13 25.75 -21.16
N GLY A 1081 -14.95 26.34 -21.30
CA GLY A 1081 -13.83 25.67 -21.92
C GLY A 1081 -12.71 25.58 -20.92
N CYS A 1082 -13.03 25.86 -19.67
CA CYS A 1082 -12.11 25.63 -18.57
C CYS A 1082 -12.64 24.53 -17.66
N CYS A 1083 -13.82 23.99 -17.94
CA CYS A 1083 -14.15 22.66 -17.45
C CYS A 1083 -13.65 21.60 -18.41
N GLU A 1084 -13.17 21.99 -19.59
CA GLU A 1084 -12.53 21.00 -20.45
C GLU A 1084 -11.03 20.91 -20.18
N ALA A 1085 -10.45 21.91 -19.50
CA ALA A 1085 -9.03 21.84 -19.20
C ALA A 1085 -8.77 21.22 -17.84
N LEU A 1086 -9.82 20.98 -17.06
CA LEU A 1086 -9.65 20.30 -15.79
C LEU A 1086 -9.93 18.82 -15.92
N CYS A 1087 -10.54 18.39 -17.02
CA CYS A 1087 -10.77 16.97 -17.19
C CYS A 1087 -9.60 16.30 -17.89
N LEU A 1088 -8.70 17.08 -18.50
CA LEU A 1088 -7.54 16.48 -19.13
C LEU A 1088 -6.30 16.52 -18.23
N LEU A 1089 -6.37 17.23 -17.10
CA LEU A 1089 -5.34 17.06 -16.10
C LEU A 1089 -5.53 15.76 -15.34
N SER A 1090 -6.77 15.43 -15.02
CA SER A 1090 -7.08 14.35 -14.10
C SER A 1090 -7.01 12.98 -14.78
N THR A 1091 -6.74 12.96 -16.08
CA THR A 1091 -6.48 11.71 -16.78
C THR A 1091 -5.02 11.53 -17.12
N ALA A 1092 -4.18 12.52 -16.83
CA ALA A 1092 -2.74 12.39 -16.95
C ALA A 1092 -2.04 12.62 -15.62
N PHE A 1093 -2.53 13.57 -14.82
CA PHE A 1093 -2.12 13.82 -13.45
C PHE A 1093 -3.32 13.53 -12.58
N PRO A 1094 -3.55 12.29 -12.16
CA PRO A 1094 -4.77 11.95 -11.43
C PRO A 1094 -4.81 12.59 -10.05
N VAL A 1095 -6.00 12.70 -9.47
CA VAL A 1095 -6.17 13.43 -8.22
C VAL A 1095 -5.70 12.57 -7.06
N CYS A 1096 -5.91 11.26 -7.17
CA CYS A 1096 -5.57 10.37 -6.06
C CYS A 1096 -4.07 10.24 -5.87
N ILE A 1097 -3.29 10.42 -6.93
CA ILE A 1097 -1.84 10.29 -6.80
C ILE A 1097 -1.22 11.63 -6.42
N TRP A 1098 -1.79 12.73 -6.91
CA TRP A 1098 -1.18 14.04 -6.72
C TRP A 1098 -2.06 14.92 -5.83
N SER A 1099 -2.57 14.36 -4.73
CA SER A 1099 -3.63 15.00 -3.98
C SER A 1099 -3.16 16.25 -3.26
N LEU A 1100 -1.86 16.34 -2.97
CA LEU A 1100 -1.35 17.53 -2.30
C LEU A 1100 -1.25 18.72 -3.25
N GLY A 1101 -1.28 18.46 -4.55
CA GLY A 1101 -1.41 19.56 -5.50
C GLY A 1101 -2.86 20.01 -5.66
N TRP A 1102 -3.79 19.06 -5.65
CA TRP A 1102 -5.20 19.40 -5.86
C TRP A 1102 -5.84 19.96 -4.61
N HIS A 1103 -5.18 19.83 -3.47
CA HIS A 1103 -5.83 20.17 -2.21
C HIS A 1103 -5.98 21.67 -2.04
N CYS A 1104 -7.21 22.08 -1.79
CA CYS A 1104 -7.50 23.46 -1.44
C CYS A 1104 -8.61 23.47 -0.40
N GLY A 1105 -8.24 23.47 0.87
CA GLY A 1105 -9.28 23.50 1.87
C GLY A 1105 -9.71 22.17 2.44
N VAL A 1106 -10.73 21.58 1.83
CA VAL A 1106 -11.56 20.47 2.32
C VAL A 1106 -10.67 19.27 2.66
N PRO A 1107 -11.15 18.25 3.37
CA PRO A 1107 -10.77 18.08 4.78
C PRO A 1107 -9.37 18.59 5.07
N PRO A 1108 -9.26 19.57 5.98
CA PRO A 1108 -7.95 20.15 6.27
C PRO A 1108 -7.09 19.20 7.10
N LEU A 1109 -6.11 18.59 6.44
CA LEU A 1109 -5.30 17.56 7.05
C LEU A 1109 -4.35 18.10 8.12
N CYS A 1119 -6.03 11.87 -0.25
CA CYS A 1119 -6.58 12.15 1.07
C CYS A 1119 -7.34 13.47 1.07
N THR A 1120 -7.67 13.97 -0.11
CA THR A 1120 -8.22 15.31 -0.27
C THR A 1120 -9.54 15.28 -1.04
N VAL A 1121 -10.31 16.36 -0.88
CA VAL A 1121 -11.44 16.68 -1.76
C VAL A 1121 -11.16 18.08 -2.29
N GLY A 1122 -10.49 18.15 -3.42
CA GLY A 1122 -10.07 19.46 -3.89
C GLY A 1122 -11.07 20.07 -4.85
N MET A 1123 -11.62 21.24 -4.47
CA MET A 1123 -12.24 22.20 -5.41
C MET A 1123 -13.57 21.67 -5.96
N ALA A 1124 -14.09 20.60 -5.35
CA ALA A 1124 -15.27 19.96 -5.91
C ALA A 1124 -16.56 20.61 -5.47
N THR A 1125 -16.49 21.71 -4.72
CA THR A 1125 -17.72 22.31 -4.25
C THR A 1125 -18.23 23.36 -5.22
N MET A 1126 -17.34 23.94 -6.03
CA MET A 1126 -17.76 24.91 -7.04
C MET A 1126 -18.48 24.24 -8.20
N ILE A 1127 -18.01 23.05 -8.58
CA ILE A 1127 -18.41 22.46 -9.86
C ILE A 1127 -19.79 21.82 -9.78
N LEU A 1128 -20.19 21.39 -8.58
CA LEU A 1128 -21.58 20.99 -8.38
C LEU A 1128 -22.55 22.15 -8.51
N THR A 1129 -22.14 23.36 -8.19
CA THR A 1129 -22.99 24.52 -8.39
C THR A 1129 -23.04 24.94 -9.86
N LEU A 1130 -22.10 24.48 -10.68
CA LEU A 1130 -22.26 24.67 -12.11
C LEU A 1130 -23.30 23.73 -12.68
N LEU A 1131 -23.34 22.48 -12.18
CA LEU A 1131 -24.25 21.51 -12.76
C LEU A 1131 -25.68 21.73 -12.31
N SER A 1132 -25.88 22.20 -11.07
CA SER A 1132 -27.23 22.41 -10.58
C SER A 1132 -27.88 23.68 -11.10
N SER A 1133 -27.12 24.53 -11.80
CA SER A 1133 -27.74 25.61 -12.54
C SER A 1133 -28.46 25.06 -13.76
N ALA A 1134 -29.46 25.79 -14.22
CA ALA A 1134 -30.23 25.40 -15.39
C ALA A 1134 -29.68 25.99 -16.68
N TRP A 1135 -28.43 26.42 -16.68
CA TRP A 1135 -27.79 27.01 -17.85
C TRP A 1135 -26.72 26.12 -18.45
N PHE A 1136 -25.82 25.60 -17.62
CA PHE A 1136 -24.61 24.89 -18.00
C PHE A 1136 -24.78 23.47 -18.55
N PRO A 1137 -25.72 22.62 -18.10
CA PRO A 1137 -25.86 21.32 -18.77
C PRO A 1137 -26.52 21.36 -20.15
N LEU A 1138 -26.91 22.52 -20.67
CA LEU A 1138 -27.72 22.53 -21.89
C LEU A 1138 -26.91 22.40 -23.16
N ASP A 1139 -25.65 21.97 -23.07
CA ASP A 1139 -24.80 21.74 -24.21
C ASP A 1139 -23.80 20.64 -23.89
N LEU A 1140 -23.81 19.60 -24.72
CA LEU A 1140 -23.19 18.33 -24.36
C LEU A 1140 -21.71 18.29 -24.67
N SER A 1141 -21.16 19.38 -25.24
CA SER A 1141 -19.74 19.38 -25.55
C SER A 1141 -18.87 19.60 -24.31
N ALA A 1142 -19.40 20.26 -23.28
CA ALA A 1142 -18.67 20.38 -22.03
C ALA A 1142 -19.52 20.12 -20.80
N HIS A 1143 -20.69 19.52 -20.95
CA HIS A 1143 -21.31 18.91 -19.77
C HIS A 1143 -20.82 17.47 -19.59
N GLN A 1144 -20.22 16.88 -20.61
CA GLN A 1144 -19.70 15.53 -20.42
C GLN A 1144 -18.30 15.55 -19.82
N ASP A 1145 -17.63 16.71 -19.83
CA ASP A 1145 -16.33 16.79 -19.17
C ASP A 1145 -16.44 17.31 -17.75
N ALA A 1146 -17.62 17.74 -17.32
CA ALA A 1146 -17.79 18.13 -15.92
C ALA A 1146 -18.32 16.99 -15.09
N LEU A 1147 -18.57 15.83 -15.69
CA LEU A 1147 -18.98 14.67 -14.92
C LEU A 1147 -17.82 13.71 -14.70
N ILE A 1148 -16.82 13.74 -15.58
CA ILE A 1148 -15.66 12.89 -15.37
C ILE A 1148 -14.72 13.54 -14.35
N LEU A 1149 -14.92 14.83 -14.07
CA LEU A 1149 -14.03 15.53 -13.15
C LEU A 1149 -14.65 15.68 -11.77
N ALA A 1150 -15.94 15.43 -11.61
CA ALA A 1150 -16.51 15.49 -10.28
C ALA A 1150 -16.48 14.13 -9.61
N GLY A 1151 -16.10 13.09 -10.36
CA GLY A 1151 -15.91 11.78 -9.78
C GLY A 1151 -14.47 11.52 -9.42
N ASN A 1152 -13.57 12.39 -9.87
CA ASN A 1152 -12.17 12.27 -9.47
C ASN A 1152 -11.90 13.01 -8.17
N LEU A 1153 -12.82 13.89 -7.76
CA LEU A 1153 -12.56 14.71 -6.60
C LEU A 1153 -13.34 14.24 -5.38
N LEU A 1154 -14.21 13.25 -5.53
CA LEU A 1154 -14.85 12.60 -4.40
C LEU A 1154 -14.31 11.21 -4.15
N ALA A 1155 -13.30 10.80 -4.92
CA ALA A 1155 -12.68 9.52 -4.75
C ALA A 1155 -11.31 9.62 -4.12
N ALA A 1156 -10.69 10.79 -4.16
CA ALA A 1156 -9.45 10.99 -3.46
C ALA A 1156 -9.63 11.11 -1.95
N SER A 1157 -10.87 11.16 -1.46
CA SER A 1157 -11.13 11.06 -0.03
C SER A 1157 -11.23 9.63 0.47
N ALA A 1158 -11.22 8.66 -0.44
CA ALA A 1158 -11.31 7.24 -0.08
C ALA A 1158 -10.17 6.67 0.76
N PRO A 1159 -8.89 7.07 0.64
CA PRO A 1159 -7.92 6.59 1.63
C PRO A 1159 -8.08 7.18 3.02
N LYS A 1160 -8.97 8.15 3.23
CA LYS A 1160 -9.14 8.74 4.55
C LYS A 1160 -10.48 8.44 5.19
N SER A 1161 -11.57 8.73 4.50
CA SER A 1161 -12.85 9.00 5.16
C SER A 1161 -13.62 7.75 5.58
N LEU A 1162 -13.28 6.57 5.06
CA LEU A 1162 -14.27 5.50 4.95
C LEU A 1162 -14.65 4.82 6.26
N ARG A 1163 -13.77 4.82 7.27
CA ARG A 1163 -14.12 4.15 8.52
C ARG A 1163 -15.09 4.98 9.35
N VAL A 1182 -27.75 8.51 6.08
CA VAL A 1182 -27.54 7.82 4.82
C VAL A 1182 -26.06 7.74 4.52
N TRP A 1183 -25.70 6.81 3.63
CA TRP A 1183 -24.35 6.56 3.13
C TRP A 1183 -23.40 6.26 4.27
N PRO A 1184 -23.49 5.09 4.90
CA PRO A 1184 -22.73 4.86 6.13
C PRO A 1184 -21.25 4.68 5.91
N ALA A 1185 -20.83 4.41 4.68
CA ALA A 1185 -19.41 4.20 4.42
C ALA A 1185 -18.66 5.47 4.12
N LEU A 1186 -19.34 6.62 4.06
CA LEU A 1186 -18.61 7.86 3.79
C LEU A 1186 -17.92 8.38 5.04
N GLY A 1187 -18.60 8.35 6.18
CA GLY A 1187 -17.99 8.65 7.47
C GLY A 1187 -17.47 10.06 7.65
N ASP A 1188 -17.94 11.01 6.84
CA ASP A 1188 -17.51 12.40 6.92
C ASP A 1188 -18.70 13.24 6.48
N ARG A 1189 -19.37 13.88 7.43
CA ARG A 1189 -20.67 14.48 7.14
C ARG A 1189 -20.55 15.80 6.41
N ALA A 1190 -19.32 16.32 6.27
CA ALA A 1190 -19.12 17.47 5.39
C ALA A 1190 -18.91 17.02 3.96
N LEU A 1191 -18.89 15.71 3.73
CA LEU A 1191 -18.61 15.18 2.40
C LEU A 1191 -19.85 14.51 1.80
N VAL A 1192 -20.86 14.25 2.63
CA VAL A 1192 -22.05 13.55 2.13
C VAL A 1192 -22.90 14.39 1.19
N PRO A 1193 -23.13 15.70 1.39
CA PRO A 1193 -23.88 16.44 0.36
C PRO A 1193 -23.20 16.56 -1.01
N MET A 1194 -21.89 16.31 -1.10
CA MET A 1194 -21.26 16.27 -2.41
C MET A 1194 -21.54 14.93 -3.11
N VAL A 1195 -21.79 13.88 -2.34
CA VAL A 1195 -22.02 12.56 -2.93
C VAL A 1195 -23.52 12.30 -3.08
N GLU A 1196 -24.34 12.87 -2.17
CA GLU A 1196 -25.79 12.84 -2.34
C GLU A 1196 -26.21 13.55 -3.61
N GLN A 1197 -25.46 14.58 -4.02
CA GLN A 1197 -25.86 15.36 -5.18
C GLN A 1197 -25.53 14.66 -6.49
N LEU A 1198 -24.28 14.17 -6.64
CA LEU A 1198 -23.92 13.50 -7.89
C LEU A 1198 -24.66 12.19 -8.08
N PHE A 1199 -24.96 11.47 -7.01
CA PHE A 1199 -25.72 10.25 -7.19
C PHE A 1199 -27.19 10.57 -7.42
N SER A 1200 -27.63 11.78 -7.03
CA SER A 1200 -28.90 12.27 -7.51
C SER A 1200 -28.77 12.87 -8.90
N HIS A 1201 -27.56 13.30 -9.26
CA HIS A 1201 -27.39 13.91 -10.58
C HIS A 1201 -27.13 12.86 -11.64
N LEU A 1202 -26.68 11.67 -11.25
CA LEU A 1202 -26.36 10.67 -12.27
C LEU A 1202 -27.45 9.64 -12.44
N LEU A 1203 -28.48 9.67 -11.60
CA LEU A 1203 -29.63 8.82 -11.87
C LEU A 1203 -30.71 9.59 -12.61
N LYS A 1204 -30.59 10.90 -12.69
CA LYS A 1204 -31.52 11.67 -13.50
C LYS A 1204 -30.97 11.92 -14.90
N VAL A 1205 -29.76 11.43 -15.20
CA VAL A 1205 -29.19 11.58 -16.54
C VAL A 1205 -29.08 10.21 -17.21
N ILE A 1206 -29.23 9.14 -16.43
CA ILE A 1206 -29.55 7.85 -17.05
C ILE A 1206 -31.07 7.71 -17.12
N ASN A 1207 -31.81 8.65 -16.54
CA ASN A 1207 -33.25 8.62 -16.70
C ASN A 1207 -33.68 9.41 -17.93
N ILE A 1208 -32.85 10.31 -18.43
CA ILE A 1208 -33.19 11.02 -19.66
C ILE A 1208 -32.57 10.31 -20.86
N CYS A 1209 -31.59 9.46 -20.62
CA CYS A 1209 -31.06 8.65 -21.72
C CYS A 1209 -31.85 7.36 -21.90
N ALA A 1210 -32.73 7.02 -20.96
CA ALA A 1210 -33.58 5.86 -21.16
C ALA A 1210 -34.85 6.22 -21.92
N HIS A 1211 -35.40 7.40 -21.66
CA HIS A 1211 -36.57 7.91 -22.38
C HIS A 1211 -36.24 8.53 -23.73
N VAL A 1212 -34.98 8.54 -24.16
CA VAL A 1212 -34.62 9.02 -25.48
C VAL A 1212 -34.32 7.89 -26.44
N LEU A 1213 -33.58 6.88 -25.98
CA LEU A 1213 -33.30 5.71 -26.82
C LEU A 1213 -34.57 4.93 -27.10
N ASP A 1214 -35.56 5.00 -26.21
CA ASP A 1214 -36.89 4.50 -26.46
C ASP A 1214 -37.85 5.69 -26.46
N ASP A 1215 -38.65 5.81 -27.52
CA ASP A 1215 -39.48 7.00 -27.71
C ASP A 1215 -40.67 6.97 -26.74
N VAL A 1216 -40.38 7.30 -25.49
CA VAL A 1216 -41.38 7.37 -24.44
C VAL A 1216 -41.49 8.83 -24.00
N ALA A 1217 -42.72 9.32 -23.89
CA ALA A 1217 -42.93 10.72 -23.59
C ALA A 1217 -42.54 11.03 -22.15
N PRO A 1218 -41.93 12.19 -21.88
CA PRO A 1218 -41.55 12.58 -20.52
C PRO A 1218 -42.74 12.99 -19.67
N LEU A 1284 -36.82 7.59 -7.27
CA LEU A 1284 -35.75 8.49 -6.86
C LEU A 1284 -35.37 9.38 -8.02
N GLY A 1285 -34.72 8.79 -9.02
CA GLY A 1285 -34.41 9.53 -10.23
C GLY A 1285 -35.68 9.78 -11.01
N SER A 1286 -36.04 11.05 -11.20
CA SER A 1286 -37.25 11.44 -11.91
C SER A 1286 -37.08 12.88 -12.37
N PHE A 1287 -37.30 13.12 -13.64
CA PHE A 1287 -37.14 14.46 -14.21
C PHE A 1287 -38.44 15.05 -14.71
N TYR A 1288 -39.60 14.49 -14.30
CA TYR A 1288 -40.88 15.03 -14.74
C TYR A 1288 -41.17 16.37 -14.10
N HIS A 1289 -41.17 16.41 -12.77
CA HIS A 1289 -41.66 17.60 -12.06
C HIS A 1289 -40.63 18.72 -12.03
N LEU A 1290 -39.38 18.43 -12.42
CA LEU A 1290 -38.40 19.49 -12.52
C LEU A 1290 -38.50 20.20 -13.86
N PRO A 1291 -38.62 21.53 -13.87
CA PRO A 1291 -38.56 22.26 -15.15
C PRO A 1291 -37.12 22.46 -15.59
N SER A 1292 -36.20 22.31 -14.64
CA SER A 1292 -34.78 22.42 -14.97
C SER A 1292 -34.30 21.24 -15.80
N TYR A 1293 -34.82 20.04 -15.55
CA TYR A 1293 -34.47 18.90 -16.38
C TYR A 1293 -35.48 18.58 -17.46
N LEU A 1294 -36.48 19.42 -17.69
CA LEU A 1294 -37.16 19.29 -18.97
C LEU A 1294 -36.44 20.09 -20.04
N ARG A 1295 -35.53 20.97 -19.64
CA ARG A 1295 -34.64 21.57 -20.63
C ARG A 1295 -33.58 20.59 -21.07
N LEU A 1296 -33.23 19.61 -20.22
CA LEU A 1296 -32.23 18.63 -20.62
C LEU A 1296 -32.82 17.52 -21.49
N HIS A 1297 -34.12 17.55 -21.76
CA HIS A 1297 -34.68 16.51 -22.61
C HIS A 1297 -34.76 16.98 -24.05
N ASP A 1298 -34.66 18.29 -24.27
CA ASP A 1298 -34.66 18.77 -25.65
C ASP A 1298 -33.25 18.87 -26.20
N VAL A 1299 -32.24 18.56 -25.39
CA VAL A 1299 -30.87 18.68 -25.87
C VAL A 1299 -30.29 17.30 -26.15
N LEU A 1300 -30.77 16.27 -25.47
CA LEU A 1300 -30.41 14.89 -25.81
C LEU A 1300 -31.23 14.36 -26.96
N LYS A 1301 -32.18 15.15 -27.48
CA LYS A 1301 -33.01 14.70 -28.58
C LYS A 1301 -32.64 15.41 -29.87
N ALA A 1302 -31.74 16.38 -29.82
CA ALA A 1302 -31.22 16.97 -31.05
C ALA A 1302 -30.01 16.20 -31.53
N THR A 1303 -29.24 15.63 -30.61
CA THR A 1303 -28.05 14.88 -30.99
C THR A 1303 -28.38 13.44 -31.32
N HIS A 1304 -29.61 13.00 -31.06
CA HIS A 1304 -29.99 11.64 -31.40
C HIS A 1304 -30.84 11.58 -32.67
N ALA A 1305 -31.19 12.73 -33.24
CA ALA A 1305 -31.86 12.72 -34.54
C ALA A 1305 -30.85 12.82 -35.65
N ASN A 1306 -29.58 13.06 -35.30
CA ASN A 1306 -28.56 13.13 -36.33
C ASN A 1306 -27.74 11.85 -36.42
N TYR A 1307 -27.84 10.97 -35.41
CA TYR A 1307 -27.16 9.68 -35.47
C TYR A 1307 -27.98 8.67 -36.26
N LYS A 1308 -29.26 8.53 -35.91
CA LYS A 1308 -30.21 7.63 -36.53
C LYS A 1308 -30.56 8.02 -37.96
N VAL A 1309 -30.14 9.20 -38.41
CA VAL A 1309 -30.41 9.65 -39.77
C VAL A 1309 -29.13 9.63 -40.60
N THR A 1310 -27.99 9.92 -39.98
CA THR A 1310 -26.72 9.90 -40.70
C THR A 1310 -25.87 8.73 -40.23
N LEU A 1311 -25.66 7.76 -41.12
CA LEU A 1311 -24.89 6.57 -40.82
C LEU A 1311 -23.40 6.90 -40.91
N ASP A 1312 -22.73 6.89 -39.76
CA ASP A 1312 -21.28 7.03 -39.66
C ASP A 1312 -20.92 6.33 -38.34
N LEU A 1313 -20.31 5.16 -38.44
CA LEU A 1313 -20.13 4.33 -37.26
C LEU A 1313 -18.88 4.71 -36.48
N GLN A 1314 -17.78 4.94 -37.18
CA GLN A 1314 -16.48 5.15 -36.55
C GLN A 1314 -16.28 6.65 -36.31
N ASN A 1315 -16.94 7.19 -35.29
CA ASN A 1315 -16.70 8.54 -34.80
C ASN A 1315 -16.36 8.46 -33.32
N SER A 1316 -15.26 9.10 -32.94
CA SER A 1316 -14.95 9.23 -31.53
C SER A 1316 -15.85 10.27 -30.87
N THR A 1317 -16.08 11.39 -31.55
CA THR A 1317 -16.84 12.51 -31.01
C THR A 1317 -18.24 12.48 -31.61
N GLU A 1318 -19.25 12.24 -30.77
CA GLU A 1318 -20.63 12.14 -31.20
C GLU A 1318 -21.56 13.02 -30.37
N LYS A 1319 -21.15 13.37 -29.14
CA LYS A 1319 -21.81 14.25 -28.19
C LYS A 1319 -23.15 13.71 -27.66
N PHE A 1320 -23.54 12.52 -28.09
CA PHE A 1320 -24.45 11.71 -27.29
C PHE A 1320 -23.74 10.39 -27.05
N GLY A 1321 -23.14 9.86 -28.11
CA GLY A 1321 -22.26 8.70 -27.96
C GLY A 1321 -20.97 9.08 -27.25
N GLY A 1322 -20.62 10.36 -27.29
CA GLY A 1322 -19.63 10.87 -26.38
C GLY A 1322 -20.22 11.24 -25.04
N PHE A 1323 -21.53 11.52 -25.00
CA PHE A 1323 -22.13 11.91 -23.72
C PHE A 1323 -22.62 10.70 -22.95
N LEU A 1324 -22.98 9.61 -23.62
CA LEU A 1324 -23.42 8.46 -22.84
C LEU A 1324 -22.23 7.70 -22.28
N ARG A 1325 -21.04 7.98 -22.79
CA ARG A 1325 -19.82 7.36 -22.27
C ARG A 1325 -19.41 8.01 -20.96
N SER A 1326 -19.89 9.22 -20.70
CA SER A 1326 -19.37 10.00 -19.58
C SER A 1326 -20.17 9.76 -18.29
N ALA A 1327 -21.42 9.36 -18.40
CA ALA A 1327 -22.32 9.27 -17.26
C ALA A 1327 -22.65 7.84 -16.86
N LEU A 1328 -21.99 6.86 -17.46
CA LEU A 1328 -21.90 5.50 -16.94
C LEU A 1328 -20.52 5.17 -16.45
N ASP A 1329 -19.56 6.05 -16.69
CA ASP A 1329 -18.22 5.91 -16.13
C ASP A 1329 -18.20 6.41 -14.70
N VAL A 1330 -19.06 7.37 -14.38
CA VAL A 1330 -19.00 8.03 -13.09
C VAL A 1330 -20.17 7.59 -12.22
N LEU A 1331 -21.15 6.88 -12.78
CA LEU A 1331 -22.07 6.15 -11.92
C LEU A 1331 -21.40 4.90 -11.35
N SER A 1332 -20.32 4.44 -11.98
CA SER A 1332 -19.54 3.31 -11.52
C SER A 1332 -18.70 3.63 -10.29
N GLN A 1333 -18.08 4.80 -10.29
CA GLN A 1333 -17.01 5.11 -9.36
C GLN A 1333 -17.57 5.50 -7.99
N ILE A 1334 -18.86 5.78 -7.93
CA ILE A 1334 -19.54 6.17 -6.70
C ILE A 1334 -20.04 4.95 -5.95
N LEU A 1335 -20.45 3.91 -6.68
CA LEU A 1335 -20.97 2.68 -6.07
C LEU A 1335 -19.93 1.96 -5.24
N GLU A 1336 -18.65 2.18 -5.53
CA GLU A 1336 -17.58 1.70 -4.67
C GLU A 1336 -17.66 2.31 -3.28
N LEU A 1337 -18.03 3.59 -3.20
CA LEU A 1337 -18.23 4.20 -1.89
C LEU A 1337 -19.52 3.73 -1.25
N ALA A 1338 -20.49 3.32 -2.06
CA ALA A 1338 -21.78 2.90 -1.53
C ALA A 1338 -21.69 1.52 -0.89
N THR A 1339 -22.77 1.15 -0.20
CA THR A 1339 -22.92 -0.16 0.40
C THR A 1339 -24.21 -0.81 -0.08
N LEU A 1340 -24.51 -1.98 0.48
CA LEU A 1340 -25.76 -2.65 0.17
C LEU A 1340 -26.96 -1.89 0.73
N GLN A 1341 -26.78 -1.21 1.87
CA GLN A 1341 -27.91 -0.59 2.54
C GLN A 1341 -28.37 0.66 1.81
N ASP A 1342 -27.45 1.38 1.16
CA ASP A 1342 -27.81 2.55 0.38
C ASP A 1342 -28.36 2.18 -0.99
N ILE A 1343 -27.90 1.06 -1.57
CA ILE A 1343 -28.31 0.67 -2.91
C ILE A 1343 -29.50 -0.28 -2.89
N GLY A 1344 -29.82 -0.87 -1.73
CA GLY A 1344 -30.90 -1.84 -1.59
C GLY A 1344 -32.29 -1.33 -1.94
N LYS A 1345 -32.49 -0.01 -1.97
CA LYS A 1345 -33.70 0.59 -2.50
C LYS A 1345 -33.53 1.09 -3.93
N CYS A 1346 -32.44 0.72 -4.59
CA CYS A 1346 -32.12 1.26 -5.91
C CYS A 1346 -31.61 0.19 -6.86
N VAL A 1347 -31.47 -1.06 -6.42
CA VAL A 1347 -31.18 -2.18 -7.32
C VAL A 1347 -32.36 -2.42 -8.25
N GLU A 1348 -33.57 -2.10 -7.79
CA GLU A 1348 -34.72 -2.01 -8.69
C GLU A 1348 -34.52 -0.95 -9.75
N GLU A 1349 -33.93 0.19 -9.38
CA GLU A 1349 -33.97 1.36 -10.24
C GLU A 1349 -32.92 1.30 -11.34
N ILE A 1350 -31.67 1.01 -11.00
CA ILE A 1350 -30.59 1.21 -11.97
C ILE A 1350 -30.58 0.06 -12.99
N LEU A 1351 -31.31 -1.01 -12.74
CA LEU A 1351 -31.29 -2.12 -13.69
C LEU A 1351 -32.32 -1.95 -14.79
N GLY A 1352 -33.35 -1.16 -14.59
CA GLY A 1352 -34.31 -0.94 -15.66
C GLY A 1352 -33.76 -0.07 -16.77
N TYR A 1353 -32.92 0.90 -16.40
CA TYR A 1353 -32.46 1.89 -17.36
C TYR A 1353 -31.43 1.32 -18.31
N LEU A 1354 -30.62 0.37 -17.85
CA LEU A 1354 -29.52 -0.19 -18.63
C LEU A 1354 -29.99 -1.15 -19.71
N LYS A 1355 -31.16 -1.76 -19.56
CA LYS A 1355 -31.73 -2.60 -20.62
C LYS A 1355 -32.08 -1.78 -21.83
N SER A 1356 -32.44 -0.51 -21.62
CA SER A 1356 -32.60 0.42 -22.73
C SER A 1356 -31.28 1.10 -23.08
N CYS A 1357 -30.35 1.17 -22.13
CA CYS A 1357 -29.06 1.80 -22.33
C CYS A 1357 -27.99 0.79 -22.73
N PHE A 1358 -28.40 -0.42 -23.12
CA PHE A 1358 -27.49 -1.49 -23.48
C PHE A 1358 -27.07 -1.43 -24.94
N SER A 1359 -27.99 -1.12 -25.84
CA SER A 1359 -27.72 -1.28 -27.27
C SER A 1359 -26.84 -0.16 -27.82
N ARG A 1360 -26.94 1.05 -27.28
CA ARG A 1360 -26.18 2.17 -27.85
C ARG A 1360 -24.71 2.05 -27.51
N GLU A 1361 -24.37 1.77 -26.25
CA GLU A 1361 -22.99 1.64 -25.81
C GLU A 1361 -22.89 0.51 -24.80
N PRO A 1362 -22.72 -0.73 -25.25
CA PRO A 1362 -22.57 -1.85 -24.32
C PRO A 1362 -21.15 -2.03 -23.77
N MET A 1363 -20.19 -1.24 -24.25
CA MET A 1363 -18.82 -1.42 -23.77
C MET A 1363 -18.67 -0.89 -22.35
N MET A 1364 -19.28 0.26 -22.06
CA MET A 1364 -19.29 0.80 -20.71
C MET A 1364 -20.71 0.87 -20.14
N ALA A 1365 -21.54 -0.11 -20.50
CA ALA A 1365 -22.76 -0.36 -19.77
C ALA A 1365 -22.68 -1.68 -19.01
N THR A 1366 -21.63 -2.46 -19.22
CA THR A 1366 -21.28 -3.55 -18.31
C THR A 1366 -20.24 -3.12 -17.28
N VAL A 1367 -19.50 -2.05 -17.55
CA VAL A 1367 -18.68 -1.43 -16.51
C VAL A 1367 -19.57 -0.77 -15.48
N CYS A 1368 -20.78 -0.39 -15.87
CA CYS A 1368 -21.79 -0.06 -14.88
C CYS A 1368 -22.34 -1.32 -14.20
N VAL A 1369 -22.32 -2.47 -14.86
CA VAL A 1369 -22.86 -3.68 -14.25
C VAL A 1369 -21.77 -4.47 -13.50
N GLN A 1370 -20.50 -4.26 -13.84
CA GLN A 1370 -19.42 -4.96 -13.16
C GLN A 1370 -19.26 -4.49 -11.71
N GLN A 1371 -19.69 -3.26 -11.41
CA GLN A 1371 -19.38 -2.65 -10.12
C GLN A 1371 -20.52 -2.80 -9.13
N LEU A 1372 -21.75 -2.85 -9.62
CA LEU A 1372 -22.93 -2.98 -8.78
C LEU A 1372 -22.92 -4.30 -8.03
N LEU A 1373 -22.45 -5.35 -8.68
CA LEU A 1373 -22.35 -6.68 -8.14
C LEU A 1373 -21.21 -6.80 -7.12
N LYS A 1374 -20.22 -5.92 -7.19
CA LYS A 1374 -19.25 -5.80 -6.09
C LYS A 1374 -19.92 -5.30 -4.83
N THR A 1375 -20.60 -4.17 -4.94
CA THR A 1375 -21.25 -3.55 -3.79
C THR A 1375 -22.73 -3.86 -3.75
N LEU A 1376 -23.13 -5.00 -4.28
CA LEU A 1376 -24.28 -5.74 -3.78
C LEU A 1376 -23.83 -7.00 -3.05
N PHE A 1377 -22.58 -7.42 -3.28
CA PHE A 1377 -21.96 -8.52 -2.55
C PHE A 1377 -20.80 -8.05 -1.68
N GLY A 1378 -20.93 -6.87 -1.08
CA GLY A 1378 -19.95 -6.40 -0.12
C GLY A 1378 -18.69 -5.79 -0.69
N THR A 1379 -18.03 -6.46 -1.63
CA THR A 1379 -16.77 -5.98 -2.19
C THR A 1379 -16.93 -4.73 -3.04
N PRO A 1409 19.63 19.29 -1.65
CA PRO A 1409 19.26 18.99 -3.03
C PRO A 1409 19.87 20.01 -3.98
N GLY A 1410 21.20 20.10 -3.96
CA GLY A 1410 21.91 21.20 -4.56
C GLY A 1410 22.93 20.90 -5.64
N LEU A 1411 22.61 20.06 -6.63
CA LEU A 1411 23.41 19.75 -7.82
C LEU A 1411 24.62 18.86 -7.51
N TYR A 1412 24.92 18.60 -6.24
CA TYR A 1412 25.70 17.43 -5.87
C TYR A 1412 24.83 16.27 -5.44
N HIS A 1413 23.69 16.57 -4.80
CA HIS A 1413 22.70 15.54 -4.52
C HIS A 1413 22.15 14.92 -5.79
N TYR A 1414 21.59 15.74 -6.68
CA TYR A 1414 20.88 15.29 -7.87
C TYR A 1414 21.76 14.58 -8.90
N CYS A 1415 22.92 15.13 -9.23
CA CYS A 1415 23.72 14.52 -10.28
C CYS A 1415 24.48 13.30 -9.79
N PHE A 1416 25.07 13.36 -8.60
CA PHE A 1416 25.85 12.23 -8.12
C PHE A 1416 25.31 11.59 -6.85
N MET A 1417 25.12 12.34 -5.76
CA MET A 1417 25.05 11.70 -4.45
C MET A 1417 23.71 11.04 -4.19
N ALA A 1418 22.65 11.51 -4.83
CA ALA A 1418 21.42 10.74 -4.73
C ALA A 1418 21.35 9.55 -5.69
N PRO A 1419 21.86 9.60 -6.93
CA PRO A 1419 21.88 8.34 -7.69
C PRO A 1419 23.07 7.43 -7.39
N TYR A 1420 24.13 7.90 -6.74
CA TYR A 1420 25.22 6.97 -6.42
C TYR A 1420 24.85 6.02 -5.29
N THR A 1421 23.87 6.38 -4.47
CA THR A 1421 23.62 5.55 -3.30
C THR A 1421 22.37 4.71 -3.44
N HIS A 1422 21.66 4.80 -4.56
CA HIS A 1422 20.74 3.71 -4.90
C HIS A 1422 21.49 2.56 -5.56
N PHE A 1423 22.74 2.79 -5.93
CA PHE A 1423 23.55 1.76 -6.57
C PHE A 1423 24.08 0.77 -5.53
N THR A 1424 24.68 1.27 -4.47
CA THR A 1424 25.37 0.43 -3.49
C THR A 1424 24.43 -0.18 -2.48
N GLN A 1425 23.15 0.21 -2.48
CA GLN A 1425 22.23 -0.30 -1.48
C GLN A 1425 21.48 -1.52 -2.01
N ALA A 1426 21.36 -1.65 -3.33
CA ALA A 1426 20.80 -2.87 -3.91
C ALA A 1426 21.89 -3.88 -4.25
N LEU A 1427 23.09 -3.72 -3.70
CA LEU A 1427 24.13 -4.74 -3.84
C LEU A 1427 24.30 -5.53 -2.54
N ALA A 1428 24.14 -4.88 -1.39
CA ALA A 1428 24.16 -5.59 -0.12
C ALA A 1428 22.95 -6.49 0.03
N ASP A 1429 21.83 -6.13 -0.60
CA ASP A 1429 20.67 -7.00 -0.72
C ASP A 1429 20.89 -8.09 -1.76
N ALA A 1430 21.86 -7.90 -2.64
CA ALA A 1430 22.26 -8.96 -3.57
C ALA A 1430 23.27 -9.89 -2.96
N SER A 1431 23.78 -9.56 -1.77
CA SER A 1431 24.52 -10.54 -0.98
C SER A 1431 23.58 -11.43 -0.19
N LEU A 1432 22.29 -11.06 -0.14
CA LEU A 1432 21.28 -11.87 0.53
C LEU A 1432 20.87 -13.04 -0.34
N ARG A 1480 -31.76 -12.12 -7.60
CA ARG A 1480 -31.19 -12.14 -8.94
C ARG A 1480 -32.06 -11.44 -9.95
N LEU A 1481 -32.06 -10.11 -9.86
CA LEU A 1481 -32.65 -9.26 -10.89
C LEU A 1481 -31.73 -9.09 -12.09
N PHE A 1482 -30.50 -9.62 -12.01
CA PHE A 1482 -29.54 -9.60 -13.10
C PHE A 1482 -29.88 -10.61 -14.19
N GLU A 1483 -30.64 -11.65 -13.85
CA GLU A 1483 -30.98 -12.74 -14.77
C GLU A 1483 -31.64 -12.29 -16.07
N PRO A 1484 -32.50 -11.25 -16.12
CA PRO A 1484 -32.82 -10.69 -17.44
C PRO A 1484 -31.65 -9.92 -18.05
N LEU A 1485 -30.81 -9.27 -17.24
CA LEU A 1485 -29.76 -8.45 -17.83
C LEU A 1485 -28.51 -9.27 -18.15
N VAL A 1486 -28.29 -10.39 -17.47
CA VAL A 1486 -27.06 -11.16 -17.73
C VAL A 1486 -27.20 -12.00 -19.00
N ILE A 1487 -28.41 -12.44 -19.33
CA ILE A 1487 -28.60 -13.29 -20.51
C ILE A 1487 -28.42 -12.47 -21.79
N LYS A 1488 -28.65 -11.16 -21.72
CA LYS A 1488 -28.56 -10.33 -22.92
C LYS A 1488 -27.11 -10.06 -23.30
N ALA A 1489 -26.18 -10.14 -22.35
CA ALA A 1489 -24.80 -9.76 -22.63
C ALA A 1489 -24.03 -10.91 -23.27
N LEU A 1490 -24.61 -12.11 -23.28
CA LEU A 1490 -23.91 -13.26 -23.84
C LEU A 1490 -24.25 -13.43 -25.32
N LYS A 1491 -25.40 -12.92 -25.74
CA LYS A 1491 -25.76 -12.96 -27.16
C LYS A 1491 -24.98 -11.92 -27.95
N GLN A 1492 -24.35 -10.99 -27.26
CA GLN A 1492 -23.62 -9.91 -27.90
C GLN A 1492 -22.21 -10.33 -28.28
N TYR A 1493 -21.59 -11.17 -27.45
CA TYR A 1493 -20.21 -11.58 -27.64
C TYR A 1493 -20.05 -12.50 -28.82
N THR A 1494 -21.07 -13.29 -29.14
CA THR A 1494 -21.02 -14.17 -30.29
C THR A 1494 -21.21 -13.41 -31.60
N THR A 1495 -21.80 -12.22 -31.56
CA THR A 1495 -22.20 -11.51 -32.77
C THR A 1495 -21.54 -10.16 -32.95
N THR A 1496 -20.74 -9.71 -31.99
CA THR A 1496 -20.07 -8.43 -32.17
C THR A 1496 -18.75 -8.62 -32.91
N THR A 1497 -18.13 -7.49 -33.24
CA THR A 1497 -16.82 -7.53 -33.87
C THR A 1497 -15.84 -6.54 -33.27
N CYS A 1498 -16.30 -5.48 -32.60
CA CYS A 1498 -15.39 -4.54 -31.95
C CYS A 1498 -14.78 -5.17 -30.71
N VAL A 1499 -13.45 -5.08 -30.59
CA VAL A 1499 -12.75 -5.88 -29.59
C VAL A 1499 -12.47 -5.03 -28.35
N GLN A 1500 -13.04 -3.83 -28.29
CA GLN A 1500 -13.15 -3.17 -27.00
C GLN A 1500 -14.33 -3.72 -26.23
N LEU A 1501 -15.36 -4.22 -26.93
CA LEU A 1501 -16.50 -4.81 -26.25
C LEU A 1501 -16.24 -6.27 -25.89
N GLN A 1502 -15.33 -6.94 -26.59
CA GLN A 1502 -15.10 -8.34 -26.25
C GLN A 1502 -14.23 -8.49 -25.02
N LYS A 1503 -13.61 -7.39 -24.57
CA LYS A 1503 -12.69 -7.47 -23.43
C LYS A 1503 -13.44 -7.23 -22.12
N GLN A 1504 -14.53 -6.46 -22.15
CA GLN A 1504 -15.24 -6.18 -20.90
C GLN A 1504 -16.28 -7.25 -20.60
N VAL A 1505 -16.43 -8.25 -21.47
CA VAL A 1505 -17.38 -9.33 -21.23
C VAL A 1505 -16.65 -10.55 -20.69
N LEU A 1506 -15.33 -10.61 -20.83
CA LEU A 1506 -14.60 -11.68 -20.19
C LEU A 1506 -14.20 -11.33 -18.76
N ASP A 1507 -14.44 -10.09 -18.33
CA ASP A 1507 -14.25 -9.78 -16.92
C ASP A 1507 -15.55 -9.85 -16.15
N LEU A 1508 -16.69 -9.87 -16.82
CA LEU A 1508 -17.97 -9.98 -16.14
C LEU A 1508 -18.25 -11.43 -15.76
N LEU A 1509 -17.55 -12.36 -16.37
CA LEU A 1509 -17.78 -13.77 -16.11
C LEU A 1509 -16.70 -14.37 -15.22
N ALA A 1510 -15.62 -13.63 -14.97
CA ALA A 1510 -14.64 -14.08 -13.99
C ALA A 1510 -15.03 -13.62 -12.59
N GLN A 1511 -16.15 -12.92 -12.49
CA GLN A 1511 -16.63 -12.40 -11.22
C GLN A 1511 -17.87 -13.16 -10.76
N LEU A 1512 -18.51 -13.87 -11.68
CA LEU A 1512 -19.65 -14.71 -11.33
C LEU A 1512 -19.18 -16.10 -10.91
N VAL A 1513 -17.89 -16.37 -11.02
CA VAL A 1513 -17.37 -17.67 -10.62
C VAL A 1513 -16.62 -17.54 -9.30
N GLN A 1514 -15.95 -16.41 -9.09
CA GLN A 1514 -15.38 -16.11 -7.77
C GLN A 1514 -16.47 -15.92 -6.75
N LEU A 1515 -17.34 -14.94 -6.96
CA LEU A 1515 -18.59 -14.85 -6.23
C LEU A 1515 -19.48 -15.95 -6.77
N ARG A 1516 -19.66 -17.03 -6.00
CA ARG A 1516 -20.09 -18.29 -6.57
C ARG A 1516 -21.54 -18.28 -7.03
N VAL A 1517 -21.79 -17.65 -8.17
CA VAL A 1517 -23.03 -17.85 -8.93
C VAL A 1517 -22.92 -19.21 -9.61
N ASN A 1518 -23.90 -20.08 -9.35
CA ASN A 1518 -23.92 -21.43 -9.90
C ASN A 1518 -23.99 -21.38 -11.42
N TYR A 1519 -23.40 -22.39 -12.06
CA TYR A 1519 -23.21 -22.39 -13.50
C TYR A 1519 -24.54 -22.73 -14.18
N CYS A 1520 -25.46 -21.77 -14.10
CA CYS A 1520 -26.79 -21.84 -14.64
C CYS A 1520 -27.06 -20.76 -15.66
N LEU A 1521 -26.01 -20.07 -16.11
CA LEU A 1521 -26.15 -19.11 -17.20
C LEU A 1521 -26.45 -19.82 -18.51
N LEU A 1522 -26.06 -21.09 -18.60
CA LEU A 1522 -26.24 -21.95 -19.74
C LEU A 1522 -27.08 -23.17 -19.41
N ASP A 1523 -28.27 -22.98 -18.84
CA ASP A 1523 -29.09 -23.94 -18.08
C ASP A 1523 -29.14 -25.39 -18.59
N SER A 1524 -29.26 -25.58 -19.91
CA SER A 1524 -29.26 -26.95 -20.43
C SER A 1524 -27.93 -27.29 -21.09
N ASP A 1525 -27.51 -26.49 -22.07
CA ASP A 1525 -26.41 -26.79 -22.96
C ASP A 1525 -25.08 -26.22 -22.42
N GLN A 1526 -24.07 -26.14 -23.29
CA GLN A 1526 -22.80 -25.49 -23.00
C GLN A 1526 -22.50 -24.48 -24.11
N VAL A 1527 -23.50 -23.63 -24.39
CA VAL A 1527 -23.52 -22.76 -25.56
C VAL A 1527 -22.38 -21.75 -25.54
N PHE A 1528 -22.12 -21.12 -24.39
CA PHE A 1528 -21.13 -20.05 -24.38
C PHE A 1528 -19.70 -20.61 -24.32
N ILE A 1529 -19.52 -21.79 -23.73
CA ILE A 1529 -18.15 -22.27 -23.57
C ILE A 1529 -17.67 -22.94 -24.86
N GLY A 1530 -18.60 -23.32 -25.73
CA GLY A 1530 -18.20 -23.88 -27.01
C GLY A 1530 -17.68 -22.81 -27.97
N PHE A 1531 -17.98 -21.55 -27.69
CA PHE A 1531 -17.64 -20.49 -28.63
C PHE A 1531 -16.27 -19.91 -28.35
N VAL A 1532 -15.72 -20.18 -27.16
CA VAL A 1532 -14.41 -19.65 -26.84
C VAL A 1532 -13.33 -20.55 -27.43
N LEU A 1533 -13.68 -21.82 -27.68
CA LEU A 1533 -12.70 -22.73 -28.27
C LEU A 1533 -12.47 -22.45 -29.75
N LYS A 1534 -13.51 -21.97 -30.45
CA LYS A 1534 -13.40 -21.72 -31.89
C LYS A 1534 -12.55 -20.49 -32.18
N GLN A 1535 -12.47 -19.55 -31.23
CA GLN A 1535 -11.70 -18.32 -31.42
C GLN A 1535 -10.22 -18.59 -31.36
N PHE A 1536 -9.80 -19.75 -30.85
CA PHE A 1536 -8.39 -20.09 -30.93
C PHE A 1536 -8.02 -20.55 -32.33
N GLU A 1537 -9.00 -20.85 -33.18
CA GLU A 1537 -8.67 -21.21 -34.55
C GLU A 1537 -8.32 -19.99 -35.39
N TYR A 1538 -8.79 -18.80 -34.99
CA TYR A 1538 -8.64 -17.64 -35.86
C TYR A 1538 -7.39 -16.82 -35.54
N ILE A 1539 -6.71 -17.17 -34.45
CA ILE A 1539 -5.55 -16.41 -33.99
C ILE A 1539 -4.26 -17.04 -34.51
N GLU A 1540 -4.20 -18.38 -34.48
CA GLU A 1540 -3.05 -19.13 -34.95
C GLU A 1540 -2.84 -18.94 -36.45
N VAL A 1541 -3.91 -19.12 -37.22
CA VAL A 1541 -3.84 -18.85 -38.66
C VAL A 1541 -3.70 -17.36 -38.90
N GLY A 1542 -4.38 -16.55 -38.10
CA GLY A 1542 -4.33 -15.11 -38.26
C GLY A 1542 -5.59 -14.51 -38.83
N GLN A 1543 -6.71 -15.23 -38.81
CA GLN A 1543 -7.96 -14.72 -39.35
C GLN A 1543 -8.78 -14.04 -38.26
N PHE A 1544 -8.13 -13.10 -37.56
CA PHE A 1544 -8.77 -12.38 -36.47
C PHE A 1544 -8.05 -11.05 -36.34
N ARG A 1545 -8.83 -9.98 -36.14
CA ARG A 1545 -8.32 -8.64 -36.38
C ARG A 1545 -7.54 -8.07 -35.20
N GLU A 1546 -8.09 -8.14 -33.99
CA GLU A 1546 -7.51 -7.49 -32.83
C GLU A 1546 -7.36 -8.49 -31.68
N SER A 1547 -6.69 -9.60 -31.98
CA SER A 1547 -6.41 -10.62 -30.98
C SER A 1547 -5.53 -10.14 -29.83
N GLU A 1548 -4.80 -9.04 -30.02
CA GLU A 1548 -3.86 -8.57 -29.00
C GLU A 1548 -4.56 -8.12 -27.73
N ALA A 1549 -5.66 -7.39 -27.86
CA ALA A 1549 -6.35 -6.83 -26.70
C ALA A 1549 -7.37 -7.78 -26.09
N ILE A 1550 -7.39 -9.04 -26.53
CA ILE A 1550 -8.30 -10.02 -25.96
C ILE A 1550 -7.55 -11.25 -25.43
N ILE A 1551 -6.34 -11.52 -25.95
CA ILE A 1551 -5.60 -12.71 -25.53
C ILE A 1551 -5.09 -12.68 -24.09
N PRO A 1552 -4.84 -11.53 -23.43
CA PRO A 1552 -4.66 -11.64 -21.97
C PRO A 1552 -5.95 -11.92 -21.22
N ASN A 1553 -7.10 -11.50 -21.73
CA ASN A 1553 -8.31 -11.76 -20.95
C ASN A 1553 -9.09 -12.98 -21.41
N ILE A 1554 -8.73 -13.59 -22.55
CA ILE A 1554 -9.34 -14.89 -22.88
C ILE A 1554 -8.87 -15.95 -21.90
N PHE A 1555 -7.58 -15.94 -21.55
CA PHE A 1555 -7.02 -17.00 -20.73
C PHE A 1555 -7.24 -16.85 -19.24
N PHE A 1556 -7.75 -15.71 -18.76
CA PHE A 1556 -8.08 -15.65 -17.35
C PHE A 1556 -9.41 -16.32 -17.08
N PHE A 1557 -10.31 -16.32 -18.05
CA PHE A 1557 -11.62 -16.93 -17.85
C PHE A 1557 -11.55 -18.44 -17.80
N LEU A 1558 -10.54 -19.03 -18.44
CA LEU A 1558 -10.56 -20.48 -18.65
C LEU A 1558 -9.96 -21.24 -17.48
N VAL A 1559 -8.94 -20.68 -16.82
CA VAL A 1559 -8.24 -21.40 -15.77
C VAL A 1559 -9.07 -21.37 -14.48
N LEU A 1560 -9.97 -20.40 -14.37
CA LEU A 1560 -10.66 -20.15 -13.11
C LEU A 1560 -11.94 -20.96 -13.03
N LEU A 1561 -12.33 -21.55 -14.16
CA LEU A 1561 -13.50 -22.42 -14.22
C LEU A 1561 -13.14 -23.85 -13.86
N SER A 1562 -11.86 -24.21 -14.03
CA SER A 1562 -11.41 -25.58 -13.84
C SER A 1562 -11.34 -25.96 -12.38
N TYR A 1563 -11.42 -24.98 -11.49
CA TYR A 1563 -11.47 -25.29 -10.06
C TYR A 1563 -12.84 -25.78 -9.65
N GLU A 1564 -13.85 -25.54 -10.50
CA GLU A 1564 -15.16 -26.13 -10.30
C GLU A 1564 -15.21 -27.54 -10.85
N ILE A 1572 -13.69 -27.41 -18.81
CA ILE A 1572 -12.35 -27.44 -19.37
C ILE A 1572 -11.33 -27.51 -18.26
N GLY A 1573 -10.55 -28.59 -18.23
CA GLY A 1573 -9.60 -28.82 -17.17
C GLY A 1573 -8.21 -28.37 -17.55
N ILE A 1574 -7.36 -28.23 -16.52
CA ILE A 1574 -5.97 -27.80 -16.75
C ILE A 1574 -5.16 -28.77 -17.61
N PRO A 1575 -5.53 -30.07 -17.77
CA PRO A 1575 -4.98 -30.77 -18.95
C PRO A 1575 -5.34 -30.12 -20.29
N LYS A 1576 -6.59 -29.70 -20.47
CA LYS A 1576 -6.99 -29.16 -21.78
C LYS A 1576 -6.57 -27.71 -21.97
N ILE A 1577 -6.27 -26.98 -20.89
CA ILE A 1577 -5.99 -25.56 -21.02
C ILE A 1577 -4.62 -25.33 -21.63
N ILE A 1578 -3.65 -26.21 -21.33
CA ILE A 1578 -2.28 -25.95 -21.73
C ILE A 1578 -1.99 -26.53 -23.10
N GLN A 1579 -2.89 -27.31 -23.69
CA GLN A 1579 -2.70 -27.68 -25.09
C GLN A 1579 -3.08 -26.55 -26.05
N LEU A 1580 -3.93 -25.63 -25.62
CA LEU A 1580 -4.33 -24.53 -26.49
C LEU A 1580 -3.24 -23.47 -26.62
N CYS A 1581 -2.44 -23.30 -25.57
CA CYS A 1581 -1.43 -22.25 -25.56
C CYS A 1581 -0.19 -22.65 -26.36
N ASP A 1582 -0.02 -23.94 -26.62
CA ASP A 1582 1.14 -24.43 -27.34
C ASP A 1582 0.96 -24.25 -28.84
N GLY A 1583 -0.29 -24.09 -29.28
CA GLY A 1583 -0.53 -23.88 -30.70
C GLY A 1583 -0.17 -22.47 -31.15
N ILE A 1584 -0.46 -21.48 -30.29
CA ILE A 1584 -0.30 -20.07 -30.65
C ILE A 1584 1.17 -19.72 -30.86
N MET A 1585 2.05 -20.40 -30.11
CA MET A 1585 3.44 -19.99 -30.01
C MET A 1585 4.24 -20.45 -31.22
N ALA A 1586 4.28 -21.76 -31.46
CA ALA A 1586 5.01 -22.32 -32.58
C ALA A 1586 4.26 -22.19 -33.90
N SER A 1587 2.94 -22.15 -33.87
CA SER A 1587 2.14 -22.07 -35.09
C SER A 1587 1.23 -20.84 -34.99
N GLY A 1588 1.79 -19.67 -35.29
CA GLY A 1588 1.04 -18.45 -35.17
C GLY A 1588 1.96 -17.24 -35.21
N ARG A 1589 1.45 -16.14 -34.67
CA ARG A 1589 2.12 -14.85 -34.78
C ARG A 1589 3.27 -14.76 -33.78
N LYS A 1590 3.83 -13.56 -33.67
CA LYS A 1590 4.97 -13.32 -32.81
C LYS A 1590 4.56 -13.34 -31.34
N ALA A 1591 5.56 -13.29 -30.47
CA ALA A 1591 5.36 -13.64 -29.07
C ALA A 1591 4.95 -12.47 -28.19
N VAL A 1592 5.45 -11.26 -28.45
CA VAL A 1592 5.24 -10.16 -27.51
C VAL A 1592 3.83 -9.60 -27.50
N THR A 1593 2.91 -10.15 -28.30
CA THR A 1593 1.50 -9.80 -28.23
C THR A 1593 0.63 -11.00 -27.90
N HIS A 1594 0.91 -12.16 -28.48
CA HIS A 1594 0.07 -13.34 -28.29
C HIS A 1594 0.63 -14.30 -27.25
N ALA A 1595 1.84 -14.81 -27.47
CA ALA A 1595 2.32 -15.95 -26.70
C ALA A 1595 2.77 -15.57 -25.30
N ILE A 1596 3.37 -14.40 -25.14
CA ILE A 1596 3.86 -13.98 -23.83
C ILE A 1596 2.73 -13.46 -22.94
N PRO A 1597 1.72 -12.70 -23.40
CA PRO A 1597 0.57 -12.45 -22.52
C PRO A 1597 -0.34 -13.67 -22.34
N ALA A 1598 -0.07 -14.78 -23.01
CA ALA A 1598 -0.93 -15.95 -22.85
C ALA A 1598 -0.68 -16.67 -21.54
N LEU A 1599 0.53 -16.54 -20.98
CA LEU A 1599 0.93 -17.34 -19.83
C LEU A 1599 0.90 -16.56 -18.52
N GLN A 1600 0.86 -15.23 -18.58
CA GLN A 1600 0.62 -14.42 -17.39
C GLN A 1600 -0.69 -14.77 -16.65
N PRO A 1601 -1.78 -15.24 -17.29
CA PRO A 1601 -2.86 -15.81 -16.47
C PRO A 1601 -2.57 -17.20 -15.94
N ILE A 1602 -1.77 -18.00 -16.64
CA ILE A 1602 -1.60 -19.40 -16.22
C ILE A 1602 -0.60 -19.51 -15.08
N VAL A 1603 0.56 -18.89 -15.21
CA VAL A 1603 1.66 -19.09 -14.25
C VAL A 1603 1.32 -18.50 -12.89
N HIS A 1604 0.74 -17.30 -12.86
CA HIS A 1604 0.23 -16.73 -11.63
C HIS A 1604 -0.90 -17.54 -11.01
N ASP A 1605 -1.68 -18.27 -11.81
CA ASP A 1605 -2.75 -19.10 -11.26
C ASP A 1605 -2.37 -20.58 -11.23
N LEU A 1606 -1.12 -20.91 -11.40
CA LEU A 1606 -0.73 -22.30 -11.18
C LEU A 1606 0.43 -22.44 -10.22
N PHE A 1607 1.42 -21.55 -10.28
CA PHE A 1607 2.55 -21.65 -9.36
C PHE A 1607 2.26 -20.98 -8.03
N VAL A 1608 1.54 -19.86 -8.03
CA VAL A 1608 1.24 -19.18 -6.78
C VAL A 1608 0.13 -19.91 -6.02
N LEU A 1609 -0.99 -20.12 -6.68
CA LEU A 1609 -2.14 -20.76 -6.03
C LEU A 1609 -2.10 -22.27 -6.26
N GLY A 1618 -2.77 -33.87 -5.85
CA GLY A 1618 -1.47 -34.24 -5.31
C GLY A 1618 -0.47 -34.64 -6.37
N LYS A 1619 -0.55 -35.90 -6.81
CA LYS A 1619 0.37 -36.39 -7.84
C LYS A 1619 -0.05 -35.90 -9.22
N GLU A 1620 -1.29 -35.44 -9.38
CA GLU A 1620 -1.68 -34.84 -10.66
C GLU A 1620 -1.10 -33.45 -10.82
N LEU A 1621 -0.89 -32.74 -9.70
CA LEU A 1621 -0.37 -31.38 -9.79
C LEU A 1621 1.14 -31.36 -10.00
N GLU A 1622 1.83 -32.49 -9.80
CA GLU A 1622 3.28 -32.50 -9.98
C GLU A 1622 3.66 -32.62 -11.45
N THR A 1623 2.85 -33.31 -12.25
CA THR A 1623 3.22 -33.53 -13.64
C THR A 1623 3.02 -32.29 -14.49
N GLN A 1624 2.10 -31.42 -14.09
CA GLN A 1624 1.79 -30.27 -14.92
C GLN A 1624 2.75 -29.11 -14.68
N LYS A 1625 3.55 -29.16 -13.62
CA LYS A 1625 4.53 -28.10 -13.40
C LYS A 1625 5.78 -28.33 -14.20
N GLU A 1626 6.04 -29.58 -14.61
CA GLU A 1626 7.20 -29.83 -15.47
C GLU A 1626 6.95 -29.36 -16.90
N VAL A 1627 5.68 -29.21 -17.28
CA VAL A 1627 5.33 -28.90 -18.66
C VAL A 1627 5.52 -27.42 -18.97
N VAL A 1628 5.24 -26.57 -17.97
CA VAL A 1628 5.19 -25.14 -18.22
C VAL A 1628 6.59 -24.53 -18.18
N VAL A 1629 7.54 -25.19 -17.52
CA VAL A 1629 8.88 -24.65 -17.40
C VAL A 1629 9.70 -24.96 -18.66
N SER A 1630 9.29 -25.96 -19.43
CA SER A 1630 10.02 -26.32 -20.65
C SER A 1630 9.70 -25.37 -21.79
N MET A 1631 8.55 -24.72 -21.72
CA MET A 1631 8.07 -23.89 -22.81
C MET A 1631 8.74 -22.53 -22.79
N LEU A 1632 9.12 -22.07 -21.60
CA LEU A 1632 9.71 -20.76 -21.43
C LEU A 1632 11.17 -20.75 -21.83
N LEU A 1633 11.80 -21.93 -21.82
CA LEU A 1633 13.20 -22.07 -22.21
C LEU A 1633 13.36 -21.86 -23.71
N ARG A 1634 12.31 -22.15 -24.45
CA ARG A 1634 12.21 -21.78 -25.86
C ARG A 1634 11.98 -20.28 -26.00
N LEU A 1635 11.54 -19.61 -24.93
CA LEU A 1635 11.17 -18.21 -25.00
C LEU A 1635 11.95 -17.29 -24.07
N ILE A 1636 13.14 -17.67 -23.60
CA ILE A 1636 13.87 -16.86 -22.62
C ILE A 1636 14.27 -15.52 -23.24
N GLN A 1637 14.42 -15.49 -24.57
CA GLN A 1637 14.91 -14.34 -25.33
C GLN A 1637 14.17 -13.04 -25.06
N TYR A 1638 12.91 -13.08 -24.62
CA TYR A 1638 12.11 -11.88 -24.43
C TYR A 1638 12.12 -11.46 -22.97
N HIS A 1639 12.20 -10.15 -22.73
CA HIS A 1639 12.31 -9.64 -21.37
C HIS A 1639 10.98 -9.61 -20.64
N GLN A 1640 9.87 -9.85 -21.33
CA GLN A 1640 8.62 -10.04 -20.61
C GLN A 1640 8.49 -11.48 -20.13
N VAL A 1641 9.25 -12.40 -20.74
CA VAL A 1641 9.25 -13.77 -20.24
C VAL A 1641 10.15 -13.86 -19.01
N LEU A 1642 10.99 -12.85 -18.77
CA LEU A 1642 11.84 -12.94 -17.58
C LEU A 1642 11.17 -12.35 -16.35
N GLU A 1643 9.98 -11.75 -16.47
CA GLU A 1643 9.23 -11.36 -15.27
C GLU A 1643 8.41 -12.52 -14.73
N MET A 1644 8.02 -13.43 -15.61
CA MET A 1644 7.22 -14.60 -15.23
C MET A 1644 8.05 -15.62 -14.46
N PHE A 1645 9.37 -15.54 -14.59
CA PHE A 1645 10.30 -16.53 -14.09
C PHE A 1645 10.97 -16.06 -12.81
N ILE A 1646 10.69 -14.82 -12.39
CA ILE A 1646 11.01 -14.40 -11.04
C ILE A 1646 9.93 -14.90 -10.08
N LEU A 1647 8.75 -15.20 -10.61
CA LEU A 1647 7.72 -15.86 -9.80
C LEU A 1647 8.07 -17.31 -9.51
N VAL A 1648 8.82 -17.97 -10.40
CA VAL A 1648 9.01 -19.41 -10.25
C VAL A 1648 10.07 -19.70 -9.18
N LEU A 1649 11.04 -18.81 -9.03
CA LEU A 1649 12.18 -19.07 -8.16
C LEU A 1649 11.86 -18.72 -6.72
N GLN A 1650 10.77 -18.00 -6.47
CA GLN A 1650 10.49 -17.57 -5.11
C GLN A 1650 9.57 -18.55 -4.40
N GLN A 1651 8.99 -19.48 -5.14
CA GLN A 1651 8.17 -20.50 -4.49
C GLN A 1651 8.99 -21.71 -4.05
N CYS A 1652 10.06 -22.03 -4.78
CA CYS A 1652 10.93 -23.15 -4.46
C CYS A 1652 11.79 -22.89 -3.23
N HIS A 1653 12.07 -21.62 -2.91
CA HIS A 1653 12.71 -21.21 -1.68
C HIS A 1653 11.75 -21.30 -0.50
N LYS A 1654 10.45 -21.37 -0.78
CA LYS A 1654 9.43 -21.49 0.25
C LYS A 1654 8.94 -22.93 0.36
N GLU A 1655 8.76 -23.60 -0.77
CA GLU A 1655 8.23 -24.96 -0.74
C GLU A 1655 9.30 -25.97 -0.31
N ASN A 1656 10.39 -26.05 -1.06
CA ASN A 1656 11.38 -27.10 -0.86
C ASN A 1656 12.76 -26.66 -1.34
N GLU A 1657 13.63 -26.36 -0.38
CA GLU A 1657 14.94 -25.77 -0.69
C GLU A 1657 15.89 -26.76 -1.35
N ASP A 1658 15.58 -28.05 -1.32
CA ASP A 1658 16.33 -28.99 -2.14
C ASP A 1658 15.95 -28.84 -3.61
N LYS A 1659 14.68 -28.54 -3.88
CA LYS A 1659 14.24 -28.33 -5.25
C LYS A 1659 14.63 -26.94 -5.74
N TRP A 1660 14.98 -26.01 -4.84
CA TRP A 1660 15.27 -24.65 -5.28
C TRP A 1660 16.63 -24.55 -5.98
N LYS A 1661 17.57 -25.41 -5.62
CA LYS A 1661 18.91 -25.26 -6.20
C LYS A 1661 19.08 -26.07 -7.47
N ARG A 1662 18.19 -27.02 -7.72
CA ARG A 1662 18.28 -27.80 -8.96
C ARG A 1662 17.86 -26.96 -10.17
N LEU A 1663 16.95 -26.02 -9.96
CA LEU A 1663 16.32 -25.34 -11.10
C LEU A 1663 17.07 -24.08 -11.48
N SER A 1664 17.89 -23.55 -10.57
CA SER A 1664 18.69 -22.38 -10.92
C SER A 1664 19.96 -22.78 -11.62
N ARG A 1665 20.24 -24.07 -11.75
CA ARG A 1665 21.42 -24.53 -12.49
C ARG A 1665 21.08 -24.81 -13.94
N GLN A 1666 19.80 -25.05 -14.24
CA GLN A 1666 19.40 -25.43 -15.58
C GLN A 1666 19.30 -24.20 -16.47
N ILE A 1667 18.89 -23.07 -15.90
CA ILE A 1667 18.86 -21.84 -16.66
C ILE A 1667 20.16 -21.07 -16.48
N ALA A 1668 21.18 -21.66 -15.88
CA ALA A 1668 22.48 -20.99 -15.82
C ALA A 1668 23.25 -21.19 -17.11
N ASP A 1669 23.22 -22.39 -17.66
CA ASP A 1669 23.94 -22.70 -18.89
C ASP A 1669 23.08 -22.58 -20.14
N ILE A 1670 21.92 -21.92 -20.07
CA ILE A 1670 21.20 -21.57 -21.28
C ILE A 1670 21.40 -20.10 -21.63
N ILE A 1671 21.23 -19.21 -20.65
CA ILE A 1671 21.15 -17.78 -20.90
C ILE A 1671 22.54 -17.17 -21.16
N LEU A 1672 23.58 -17.68 -20.50
CA LEU A 1672 24.97 -17.28 -20.67
C LEU A 1672 25.59 -17.80 -21.97
N PRO A 1673 25.12 -18.89 -22.58
CA PRO A 1673 25.39 -19.05 -24.02
C PRO A 1673 24.58 -18.11 -24.90
N MET A 1674 23.46 -17.57 -24.44
CA MET A 1674 22.73 -16.62 -25.28
C MET A 1674 23.34 -15.23 -25.20
N LEU A 1675 23.91 -14.86 -24.05
CA LEU A 1675 24.41 -13.49 -23.88
C LEU A 1675 25.71 -13.26 -24.62
N ALA A 1676 26.42 -14.32 -25.01
CA ALA A 1676 27.63 -14.19 -25.80
C ALA A 1676 27.30 -14.13 -27.28
N LYS A 1677 26.20 -14.76 -27.68
CA LYS A 1677 25.75 -14.74 -29.07
C LYS A 1677 24.57 -13.79 -29.24
N GLN A 1678 24.26 -13.03 -28.20
CA GLN A 1678 23.39 -11.84 -28.24
C GLN A 1678 21.99 -12.15 -28.71
N GLN A 1679 21.47 -13.31 -28.35
CA GLN A 1679 20.10 -13.69 -28.70
C GLN A 1679 19.08 -13.14 -27.72
N MET A 1680 19.52 -12.48 -26.65
CA MET A 1680 18.64 -12.04 -25.58
C MET A 1680 18.21 -10.60 -25.83
N HIS A 1681 16.90 -10.37 -25.96
CA HIS A 1681 16.38 -9.05 -26.30
C HIS A 1681 16.43 -8.17 -25.06
N ILE A 1682 17.50 -7.40 -24.94
CA ILE A 1682 17.69 -6.49 -23.82
C ILE A 1682 17.71 -5.07 -24.38
N ASP A 1683 16.85 -4.81 -25.37
CA ASP A 1683 16.91 -3.53 -26.09
C ASP A 1683 16.31 -2.39 -25.27
N SER A 1684 15.53 -2.69 -24.24
CA SER A 1684 14.86 -1.63 -23.51
C SER A 1684 15.51 -1.38 -22.14
N HIS A 1685 15.17 -0.24 -21.53
CA HIS A 1685 15.49 -0.08 -20.12
C HIS A 1685 14.36 -0.63 -19.25
N GLU A 1686 13.25 -1.02 -19.87
CA GLU A 1686 12.41 -1.98 -19.19
C GLU A 1686 13.05 -3.37 -19.23
N ALA A 1687 14.03 -3.56 -20.12
CA ALA A 1687 14.60 -4.89 -20.30
C ALA A 1687 15.82 -5.13 -19.43
N LEU A 1688 16.61 -4.10 -19.10
CA LEU A 1688 17.71 -4.34 -18.17
C LEU A 1688 17.26 -4.35 -16.72
N GLY A 1689 16.03 -3.94 -16.42
CA GLY A 1689 15.60 -3.92 -15.03
C GLY A 1689 15.12 -5.29 -14.58
N VAL A 1690 14.65 -6.09 -15.53
CA VAL A 1690 14.12 -7.40 -15.20
C VAL A 1690 15.25 -8.40 -14.98
N LEU A 1691 16.38 -8.21 -15.66
CA LEU A 1691 17.42 -9.22 -15.65
C LEU A 1691 18.36 -9.07 -14.46
N ASN A 1692 18.31 -7.94 -13.74
CA ASN A 1692 19.22 -7.76 -12.62
C ASN A 1692 18.59 -8.16 -11.31
N THR A 1693 17.25 -8.22 -11.25
CA THR A 1693 16.61 -8.83 -10.10
C THR A 1693 16.54 -10.34 -10.24
N LEU A 1694 17.13 -10.89 -11.29
CA LEU A 1694 17.16 -12.32 -11.50
C LEU A 1694 18.38 -12.94 -10.85
N PHE A 1695 19.54 -12.29 -10.97
CA PHE A 1695 20.75 -12.83 -10.38
C PHE A 1695 20.82 -12.65 -8.88
N GLU A 1696 19.96 -11.82 -8.30
CA GLU A 1696 19.82 -11.83 -6.84
C GLU A 1696 19.08 -13.07 -6.38
N ILE A 1697 18.00 -13.42 -7.10
CA ILE A 1697 17.08 -14.47 -6.68
C ILE A 1697 17.53 -15.83 -7.20
N LEU A 1698 18.38 -15.86 -8.22
CA LEU A 1698 18.99 -17.12 -8.63
C LEU A 1698 19.95 -17.57 -7.55
N ALA A 1699 19.98 -18.88 -7.30
CA ALA A 1699 20.68 -19.40 -6.14
C ALA A 1699 22.20 -19.31 -6.33
N PRO A 1700 22.93 -18.88 -5.29
CA PRO A 1700 24.37 -18.61 -5.46
C PRO A 1700 25.22 -19.86 -5.65
N SER A 1701 24.66 -21.06 -5.46
CA SER A 1701 25.41 -22.27 -5.79
C SER A 1701 25.56 -22.44 -7.29
N SER A 1702 24.60 -21.92 -8.07
CA SER A 1702 24.69 -22.04 -9.52
C SER A 1702 25.59 -20.99 -10.12
N LEU A 1703 25.94 -19.97 -9.34
CA LEU A 1703 26.82 -18.91 -9.81
C LEU A 1703 28.17 -18.93 -9.09
N ARG A 1704 28.44 -19.96 -8.29
CA ARG A 1704 29.66 -19.99 -7.50
C ARG A 1704 30.91 -20.34 -8.31
N PRO A 1705 30.92 -21.31 -9.24
CA PRO A 1705 32.04 -21.36 -10.18
C PRO A 1705 31.99 -20.16 -11.11
N VAL A 1706 33.14 -19.54 -11.35
CA VAL A 1706 33.22 -18.35 -12.17
C VAL A 1706 33.79 -18.82 -13.51
N ASP A 1707 33.69 -20.13 -13.76
CA ASP A 1707 34.04 -20.66 -15.07
C ASP A 1707 33.03 -20.24 -16.12
N MET A 1708 31.76 -20.08 -15.72
CA MET A 1708 30.71 -19.85 -16.71
C MET A 1708 30.49 -18.37 -16.95
N LEU A 1709 30.60 -17.54 -15.91
CA LEU A 1709 30.27 -16.13 -16.03
C LEU A 1709 31.32 -15.35 -16.81
N LEU A 1710 32.52 -15.92 -16.96
CA LEU A 1710 33.59 -15.19 -17.64
C LEU A 1710 33.66 -15.52 -19.12
N ARG A 1711 33.34 -16.75 -19.51
CA ARG A 1711 33.27 -17.08 -20.93
C ARG A 1711 32.06 -16.43 -21.59
N SER A 1712 31.04 -16.11 -20.81
CA SER A 1712 29.92 -15.31 -21.29
C SER A 1712 30.21 -13.82 -21.25
N MET A 1713 31.21 -13.39 -20.50
CA MET A 1713 31.55 -11.99 -20.41
C MET A 1713 32.44 -11.55 -21.58
N PHE A 1714 33.66 -12.10 -21.65
CA PHE A 1714 34.71 -11.58 -22.52
C PHE A 1714 34.51 -12.11 -23.94
N VAL A 1715 33.53 -11.54 -24.61
CA VAL A 1715 33.19 -11.98 -25.96
C VAL A 1715 33.11 -10.77 -26.89
N THR A 1716 33.28 -11.06 -28.16
CA THR A 1716 33.16 -10.13 -29.27
C THR A 1716 31.90 -10.48 -30.05
N PRO A 1717 31.06 -9.51 -30.39
CA PRO A 1717 29.88 -9.83 -31.20
C PRO A 1717 30.26 -10.16 -32.63
N ASN A 1718 29.24 -10.47 -33.43
CA ASN A 1718 29.46 -10.82 -34.83
C ASN A 1718 30.01 -9.63 -35.62
N THR A 1719 29.19 -8.58 -35.77
CA THR A 1719 29.63 -7.32 -36.37
C THR A 1719 29.00 -6.18 -35.58
N MET A 1720 29.80 -5.18 -35.24
CA MET A 1720 29.28 -3.99 -34.58
C MET A 1720 29.03 -2.84 -35.57
N ALA A 1721 28.54 -3.15 -36.77
CA ALA A 1721 28.18 -2.10 -37.71
C ALA A 1721 26.88 -1.43 -37.30
N SER A 1722 25.89 -2.22 -36.88
CA SER A 1722 24.54 -1.71 -36.70
C SER A 1722 24.19 -1.52 -35.24
N VAL A 1723 23.41 -0.48 -34.95
CA VAL A 1723 23.07 -0.13 -33.57
C VAL A 1723 21.92 -1.01 -33.08
N SER A 1724 21.44 -1.94 -33.91
CA SER A 1724 20.72 -3.06 -33.34
C SER A 1724 21.69 -4.06 -32.74
N THR A 1725 22.90 -4.17 -33.29
CA THR A 1725 23.83 -5.20 -32.84
C THR A 1725 24.89 -4.62 -31.89
N VAL A 1726 25.14 -3.31 -31.94
CA VAL A 1726 26.05 -2.71 -30.97
C VAL A 1726 25.36 -2.61 -29.60
N GLN A 1727 24.03 -2.59 -29.61
CA GLN A 1727 23.28 -2.27 -28.40
C GLN A 1727 23.03 -3.51 -27.55
N LEU A 1728 23.08 -4.70 -28.15
CA LEU A 1728 22.83 -5.90 -27.35
C LEU A 1728 24.12 -6.56 -26.88
N TRP A 1729 25.27 -6.05 -27.28
CA TRP A 1729 26.54 -6.60 -26.79
C TRP A 1729 26.99 -5.86 -25.53
N ILE A 1730 26.54 -4.63 -25.36
CA ILE A 1730 26.95 -3.83 -24.21
C ILE A 1730 25.90 -3.95 -23.11
N SER A 1731 24.85 -4.72 -23.35
CA SER A 1731 23.93 -5.04 -22.26
C SER A 1731 24.23 -6.42 -21.70
N GLY A 1732 25.06 -7.22 -22.38
CA GLY A 1732 25.50 -8.47 -21.80
C GLY A 1732 26.68 -8.26 -20.86
N ILE A 1733 27.33 -7.12 -20.96
CA ILE A 1733 28.51 -6.85 -20.16
C ILE A 1733 28.13 -6.07 -18.90
N LEU A 1734 26.94 -5.47 -18.89
CA LEU A 1734 26.54 -4.67 -17.74
C LEU A 1734 25.74 -5.49 -16.72
N ALA A 1735 25.29 -6.67 -17.10
CA ALA A 1735 24.37 -7.41 -16.24
C ALA A 1735 24.99 -8.68 -15.69
N ILE A 1736 26.11 -9.12 -16.26
CA ILE A 1736 26.94 -10.16 -15.66
C ILE A 1736 28.05 -9.50 -14.85
N LEU A 1737 28.10 -8.17 -14.82
CA LEU A 1737 29.09 -7.49 -14.02
C LEU A 1737 28.47 -6.98 -12.73
N ARG A 1738 27.15 -7.10 -12.61
CA ARG A 1738 26.50 -6.92 -11.33
C ARG A 1738 26.60 -8.19 -10.48
N VAL A 1739 27.18 -9.26 -11.05
CA VAL A 1739 27.32 -10.50 -10.28
C VAL A 1739 28.73 -10.63 -9.72
N LEU A 1740 29.73 -10.14 -10.45
CA LEU A 1740 31.14 -10.21 -10.06
C LEU A 1740 31.52 -9.15 -9.03
N ILE A 1741 30.56 -8.33 -8.61
CA ILE A 1741 30.78 -7.31 -7.60
C ILE A 1741 30.09 -7.68 -6.30
N SER A 1742 28.88 -8.21 -6.39
CA SER A 1742 28.16 -8.62 -5.19
C SER A 1742 28.34 -10.10 -4.88
N GLN A 1743 27.98 -10.97 -5.83
CA GLN A 1743 27.93 -12.40 -5.57
C GLN A 1743 29.31 -13.04 -5.41
N SER A 1744 30.36 -12.35 -5.83
CA SER A 1744 31.71 -12.84 -5.65
C SER A 1744 32.65 -11.66 -5.50
N THR A 1745 33.55 -11.75 -4.52
CA THR A 1745 34.45 -10.65 -4.24
C THR A 1745 35.62 -10.61 -5.19
N GLU A 1746 36.59 -9.74 -4.90
CA GLU A 1746 37.73 -9.49 -5.76
C GLU A 1746 38.72 -10.64 -5.76
N ASP A 1747 38.77 -11.42 -4.68
CA ASP A 1747 39.82 -12.44 -4.55
C ASP A 1747 39.56 -13.61 -5.49
N ILE A 1748 38.30 -13.96 -5.70
CA ILE A 1748 37.98 -15.17 -6.45
C ILE A 1748 38.14 -14.94 -7.95
N VAL A 1749 37.92 -13.70 -8.40
CA VAL A 1749 37.78 -13.42 -9.83
C VAL A 1749 39.14 -13.50 -10.54
N LEU A 1750 40.20 -13.00 -9.92
CA LEU A 1750 41.44 -12.85 -10.65
C LEU A 1750 42.34 -14.07 -10.53
N SER A 1751 42.01 -15.01 -9.65
CA SER A 1751 42.76 -16.27 -9.65
C SER A 1751 42.38 -17.14 -10.85
N ARG A 1752 41.24 -16.85 -11.47
CA ARG A 1752 40.74 -17.70 -12.55
C ARG A 1752 41.36 -17.31 -13.89
N ILE A 1753 41.60 -16.02 -14.10
CA ILE A 1753 42.02 -15.52 -15.41
C ILE A 1753 43.50 -15.82 -15.63
N GLN A 1754 44.21 -16.21 -14.57
CA GLN A 1754 45.55 -16.77 -14.74
C GLN A 1754 45.49 -18.13 -15.41
N GLU A 1755 44.39 -18.85 -15.24
CA GLU A 1755 44.25 -20.16 -15.88
C GLU A 1755 43.60 -20.03 -17.25
N LEU A 1756 42.56 -19.22 -17.36
CA LEU A 1756 41.89 -19.00 -18.64
C LEU A 1756 42.61 -17.89 -19.38
N SER A 1757 43.22 -18.24 -20.51
CA SER A 1757 44.03 -17.27 -21.26
C SER A 1757 43.12 -16.28 -21.96
N PHE A 1758 42.71 -15.26 -21.21
CA PHE A 1758 41.90 -14.15 -21.71
C PHE A 1758 42.85 -12.99 -21.96
N SER A 1759 43.26 -12.84 -23.20
CA SER A 1759 44.27 -11.85 -23.54
C SER A 1759 43.66 -10.46 -23.56
N PRO A 1760 44.40 -9.42 -23.16
CA PRO A 1760 43.84 -8.07 -23.17
C PRO A 1760 43.78 -7.43 -24.54
N TYR A 1761 44.17 -8.17 -25.58
CA TYR A 1761 44.02 -7.66 -26.94
C TYR A 1761 42.70 -8.11 -27.54
N LEU A 1762 41.72 -8.44 -26.69
CA LEU A 1762 40.44 -9.00 -27.11
C LEU A 1762 39.66 -8.03 -27.98
N ILE A 1763 39.27 -6.88 -27.43
CA ILE A 1763 38.75 -5.80 -28.26
C ILE A 1763 39.72 -4.61 -28.23
N SER A 1764 40.67 -4.62 -29.15
CA SER A 1764 41.67 -3.57 -29.22
C SER A 1764 41.42 -2.68 -30.42
N CYS A 1765 42.22 -1.61 -30.53
CA CYS A 1765 41.95 -0.59 -31.54
C CYS A 1765 42.28 -1.09 -32.95
N THR A 1766 42.98 -2.21 -33.07
CA THR A 1766 43.07 -2.87 -34.37
C THR A 1766 41.87 -3.79 -34.60
N VAL A 1767 41.29 -4.36 -33.55
CA VAL A 1767 40.20 -5.30 -33.72
C VAL A 1767 38.86 -4.56 -33.84
N ILE A 1768 38.72 -3.42 -33.18
CA ILE A 1768 37.46 -2.68 -33.23
C ILE A 1768 37.29 -1.98 -34.58
N ASN A 1769 38.38 -1.76 -35.32
CA ASN A 1769 38.24 -1.02 -36.57
C ASN A 1769 37.72 -1.88 -37.70
N ARG A 1770 38.02 -3.18 -37.69
CA ARG A 1770 37.59 -4.04 -38.80
C ARG A 1770 36.17 -4.57 -38.65
N LEU A 1771 35.49 -4.26 -37.54
CA LEU A 1771 34.14 -4.77 -37.32
C LEU A 1771 33.06 -3.78 -37.73
N ARG A 1772 33.26 -2.50 -37.42
CA ARG A 1772 32.35 -1.43 -37.83
C ARG A 1772 32.24 -1.33 -39.34
N ASP A 1773 33.34 -1.60 -40.05
CA ASP A 1773 33.27 -1.65 -41.51
C ASP A 1773 32.78 -3.01 -41.98
N GLY A 1774 33.16 -4.06 -41.28
CA GLY A 1774 32.76 -5.41 -41.65
C GLY A 1774 31.40 -5.81 -41.14
N ASP A 2153 21.69 16.33 70.23
CA ASP A 2153 22.12 14.94 70.20
C ASP A 2153 22.43 14.50 68.77
N LYS A 2154 23.41 15.16 68.15
CA LYS A 2154 23.74 14.89 66.76
C LYS A 2154 24.56 13.61 66.63
N ASP A 2155 25.76 13.60 67.22
CA ASP A 2155 26.57 12.40 67.22
C ASP A 2155 26.12 11.40 68.28
N TRP A 2156 25.17 11.77 69.14
CA TRP A 2156 24.55 10.77 70.00
C TRP A 2156 23.70 9.81 69.20
N TYR A 2157 23.11 10.27 68.09
CA TYR A 2157 22.26 9.39 67.30
C TYR A 2157 23.07 8.36 66.53
N VAL A 2158 24.35 8.63 66.28
CA VAL A 2158 25.14 7.75 65.42
C VAL A 2158 25.50 6.47 66.16
N HIS A 2159 25.66 6.53 67.48
CA HIS A 2159 26.12 5.36 68.23
C HIS A 2159 24.99 4.37 68.52
N LEU A 2160 23.76 4.87 68.63
CA LEU A 2160 22.61 4.04 68.99
C LEU A 2160 22.22 3.07 67.88
N VAL A 2161 22.52 3.42 66.63
CA VAL A 2161 22.16 2.62 65.48
C VAL A 2161 23.23 1.57 65.18
N LYS A 2162 24.40 1.67 65.80
CA LYS A 2162 25.45 0.68 65.61
C LYS A 2162 25.14 -0.62 66.32
N SER A 2163 24.29 -0.56 67.35
CA SER A 2163 24.08 -1.70 68.22
C SER A 2163 23.28 -2.82 67.53
N GLN A 2164 22.58 -2.49 66.45
CA GLN A 2164 21.78 -3.48 65.73
C GLN A 2164 22.26 -3.74 64.31
N CYS A 2165 23.40 -3.18 63.91
CA CYS A 2165 23.87 -3.29 62.53
C CYS A 2165 25.25 -3.93 62.47
N TRP A 2166 26.17 -3.47 63.32
CA TRP A 2166 27.45 -4.14 63.51
C TRP A 2166 27.25 -5.27 64.52
N THR A 2167 26.51 -6.29 64.10
CA THR A 2167 26.21 -7.43 64.96
C THR A 2167 26.07 -8.66 64.08
N ARG A 2168 25.70 -9.79 64.72
CA ARG A 2168 25.65 -11.05 63.98
C ARG A 2168 24.40 -11.11 63.11
N SER A 2169 23.22 -11.13 63.73
CA SER A 2169 21.94 -11.17 63.03
C SER A 2169 20.85 -10.84 64.03
N ASP A 2170 19.82 -10.16 63.53
CA ASP A 2170 18.67 -9.79 64.34
C ASP A 2170 17.39 -10.09 63.57
N SER A 2171 16.26 -9.95 64.28
CA SER A 2171 14.96 -9.98 63.63
C SER A 2171 14.45 -8.58 63.29
N ALA A 2172 15.15 -7.55 63.75
CA ALA A 2172 14.78 -6.18 63.41
C ALA A 2172 15.22 -5.89 61.99
N LEU A 2173 14.34 -6.12 61.03
CA LEU A 2173 14.67 -5.88 59.62
C LEU A 2173 13.81 -4.79 59.01
N LEU A 2174 12.48 -4.89 59.11
CA LEU A 2174 11.64 -3.75 58.75
C LEU A 2174 11.83 -2.60 59.74
N GLU A 2175 12.15 -2.94 61.00
CA GLU A 2175 12.50 -1.89 61.96
C GLU A 2175 13.96 -1.49 61.84
N GLY A 2176 14.81 -2.41 61.38
CA GLY A 2176 16.22 -2.07 61.20
C GLY A 2176 16.46 -1.18 60.00
N ALA A 2177 15.58 -1.23 59.01
CA ALA A 2177 15.82 -0.49 57.77
C ALA A 2177 15.48 0.99 57.92
N GLU A 2178 14.55 1.32 58.81
CA GLU A 2178 14.14 2.72 58.94
C GLU A 2178 15.16 3.56 59.69
N LEU A 2179 15.94 2.93 60.56
CA LEU A 2179 16.90 3.68 61.38
C LEU A 2179 18.07 4.18 60.54
N VAL A 2180 18.43 3.44 59.50
CA VAL A 2180 19.56 3.78 58.66
C VAL A 2180 19.23 4.97 57.76
N ASN A 2181 17.94 5.27 57.61
CA ASN A 2181 17.47 6.33 56.72
C ASN A 2181 17.97 7.69 57.17
N ARG A 2182 17.72 8.07 58.42
CA ARG A 2182 18.13 9.38 58.89
C ARG A 2182 19.49 9.30 59.59
N ILE A 2183 20.43 8.68 58.88
CA ILE A 2183 21.86 8.94 58.97
C ILE A 2183 22.01 10.15 58.05
N PRO A 2184 22.87 11.17 58.34
CA PRO A 2184 22.74 12.48 57.66
C PRO A 2184 22.90 12.56 56.14
N ALA A 2185 23.04 11.41 55.47
CA ALA A 2185 22.88 11.19 54.03
C ALA A 2185 24.02 11.74 53.20
N GLU A 2186 24.94 12.50 53.78
CA GLU A 2186 26.19 12.83 53.13
C GLU A 2186 27.17 11.67 53.31
N ASP A 2187 26.94 10.85 54.32
CA ASP A 2187 27.80 9.72 54.65
C ASP A 2187 26.97 8.47 54.88
N MET A 2188 26.81 7.66 53.83
CA MET A 2188 26.27 6.32 53.96
C MET A 2188 27.35 5.26 53.89
N ASN A 2189 28.25 5.35 52.91
CA ASN A 2189 29.30 4.35 52.70
C ASN A 2189 30.28 4.31 53.87
N ALA A 2190 30.51 5.44 54.52
CA ALA A 2190 31.35 5.45 55.71
C ALA A 2190 30.66 4.75 56.88
N PHE A 2191 29.32 4.70 56.87
CA PHE A 2191 28.54 4.09 57.93
C PHE A 2191 27.74 2.89 57.48
N MET A 2192 27.90 2.44 56.24
CA MET A 2192 27.37 1.15 55.79
C MET A 2192 28.46 0.22 55.28
N MET A 2193 29.35 0.71 54.43
CA MET A 2193 30.45 -0.12 53.93
C MET A 2193 31.53 -0.12 55.01
N ASN A 2194 31.54 -1.16 55.83
CA ASN A 2194 32.44 -1.25 56.97
C ASN A 2194 32.92 -2.69 57.04
N SER A 2195 33.48 -3.06 58.20
CA SER A 2195 34.03 -4.38 58.44
C SER A 2195 32.96 -5.46 58.35
N GLU A 2196 31.97 -5.41 59.24
CA GLU A 2196 30.85 -6.34 59.20
C GLU A 2196 29.56 -5.54 59.40
N PHE A 2197 28.94 -5.16 58.30
CA PHE A 2197 27.58 -4.69 58.29
C PHE A 2197 26.67 -5.85 57.93
N ASN A 2198 25.49 -5.89 58.56
CA ASN A 2198 24.55 -6.96 58.28
C ASN A 2198 24.04 -6.89 56.85
N LEU A 2199 24.34 -7.92 56.07
CA LEU A 2199 23.90 -7.97 54.71
C LEU A 2199 22.43 -8.36 54.60
N SER A 2200 21.82 -8.80 55.70
CA SER A 2200 20.36 -8.85 55.80
C SER A 2200 19.78 -7.53 56.28
N LEU A 2201 20.60 -6.51 56.51
CA LEU A 2201 20.13 -5.15 56.64
C LEU A 2201 20.46 -4.33 55.41
N LEU A 2202 21.01 -4.97 54.38
CA LEU A 2202 21.30 -4.33 53.11
C LEU A 2202 20.27 -4.65 52.05
N ALA A 2203 19.68 -5.84 52.07
CA ALA A 2203 18.66 -6.18 51.08
C ALA A 2203 17.27 -5.62 51.43
N PRO A 2204 16.79 -5.63 52.68
CA PRO A 2204 15.58 -4.85 52.98
C PRO A 2204 15.83 -3.36 53.05
N CYS A 2205 17.09 -2.91 52.99
CA CYS A 2205 17.32 -1.47 52.83
C CYS A 2205 16.95 -1.02 51.42
N LEU A 2206 16.96 -1.94 50.45
CA LEU A 2206 16.66 -1.55 49.08
C LEU A 2206 15.16 -1.39 48.83
N SER A 2207 14.31 -2.02 49.64
CA SER A 2207 12.88 -2.01 49.34
C SER A 2207 12.22 -0.71 49.81
N LEU A 2208 12.72 -0.13 50.90
CA LEU A 2208 12.02 1.00 51.48
C LEU A 2208 12.36 2.30 50.77
N GLY A 2209 13.54 2.38 50.15
CA GLY A 2209 13.91 3.59 49.45
C GLY A 2209 13.36 3.65 48.04
N MET A 2210 12.63 2.62 47.63
CA MET A 2210 11.93 2.63 46.35
C MET A 2210 10.59 3.33 46.45
N SER A 2211 9.90 3.15 47.57
CA SER A 2211 8.59 3.77 47.79
C SER A 2211 8.68 5.29 47.81
N GLU A 2212 9.81 5.84 48.25
CA GLU A 2212 10.05 7.27 48.15
C GLU A 2212 10.18 7.71 46.70
N ILE A 2213 10.79 6.88 45.86
CA ILE A 2213 11.06 7.24 44.47
C ILE A 2213 9.81 7.06 43.62
N SER A 2214 8.98 6.08 43.95
CA SER A 2214 7.76 5.82 43.19
C SER A 2214 6.74 6.94 43.33
N GLY A 2215 6.79 7.71 44.42
CA GLY A 2215 5.96 8.89 44.53
C GLY A 2215 6.70 10.19 44.27
N GLY A 2216 7.86 10.37 44.90
CA GLY A 2216 8.45 11.69 44.93
C GLY A 2216 9.95 11.82 44.74
N GLN A 2217 10.58 12.49 45.70
CA GLN A 2217 11.95 12.96 45.59
C GLN A 2217 12.93 11.80 45.69
N LYS A 2218 14.12 11.99 45.11
CA LYS A 2218 15.10 10.92 45.03
C LYS A 2218 15.63 10.56 46.41
N SER A 2219 15.92 9.28 46.59
CA SER A 2219 16.06 8.69 47.91
C SER A 2219 17.52 8.52 48.29
N ALA A 2220 17.86 9.03 49.47
CA ALA A 2220 19.18 8.75 50.04
C ALA A 2220 19.25 7.31 50.54
N LEU A 2221 18.10 6.69 50.82
CA LEU A 2221 18.09 5.25 51.09
C LEU A 2221 18.46 4.45 49.85
N PHE A 2222 17.88 4.79 48.69
CA PHE A 2222 18.03 3.85 47.58
C PHE A 2222 19.19 4.21 46.66
N GLU A 2223 19.69 5.44 46.67
CA GLU A 2223 20.81 5.73 45.77
C GLU A 2223 22.13 5.19 46.32
N ALA A 2224 22.41 5.43 47.60
CA ALA A 2224 23.72 5.04 48.12
C ALA A 2224 23.79 3.56 48.50
N ALA A 2225 22.71 2.81 48.36
CA ALA A 2225 22.78 1.39 48.67
C ALA A 2225 22.76 0.56 47.40
N ARG A 2226 22.81 1.20 46.24
CA ARG A 2226 23.15 0.52 45.01
C ARG A 2226 24.65 0.45 44.86
N GLU A 2227 25.36 1.37 45.52
CA GLU A 2227 26.82 1.34 45.48
C GLU A 2227 27.38 0.22 46.35
N VAL A 2228 26.68 -0.13 47.44
CA VAL A 2228 27.19 -1.12 48.38
C VAL A 2228 26.93 -2.54 47.89
N THR A 2229 25.85 -2.73 47.12
CA THR A 2229 25.40 -4.06 46.74
C THR A 2229 26.31 -4.68 45.70
N LEU A 2230 26.84 -3.86 44.80
CA LEU A 2230 27.53 -4.38 43.62
C LEU A 2230 29.04 -4.44 43.82
N ALA A 2231 29.55 -3.92 44.94
CA ALA A 2231 30.97 -4.03 45.18
C ALA A 2231 31.32 -5.35 45.85
N ARG A 2232 30.41 -5.88 46.65
CA ARG A 2232 30.65 -7.16 47.31
C ARG A 2232 30.45 -8.33 46.34
N VAL A 2233 29.73 -8.08 45.25
CA VAL A 2233 29.46 -9.10 44.25
C VAL A 2233 30.72 -9.42 43.45
N SER A 2234 31.57 -8.43 43.22
CA SER A 2234 32.71 -8.62 42.34
C SER A 2234 33.82 -9.42 43.01
N GLY A 2235 34.04 -9.21 44.32
CA GLY A 2235 35.21 -9.77 44.98
C GLY A 2235 35.10 -11.27 45.18
N THR A 2236 33.88 -11.78 45.30
CA THR A 2236 33.67 -13.22 45.42
C THR A 2236 33.96 -13.93 44.11
N VAL A 2237 33.71 -13.27 42.99
CA VAL A 2237 34.09 -13.75 41.67
C VAL A 2237 35.57 -13.52 41.45
N GLN A 2238 36.12 -12.48 42.08
CA GLN A 2238 37.57 -12.36 42.17
C GLN A 2238 38.15 -13.45 43.06
N GLN A 2239 37.38 -13.90 44.06
CA GLN A 2239 37.80 -15.07 44.83
C GLN A 2239 37.60 -16.37 44.05
N LEU A 2240 36.77 -16.34 43.00
CA LEU A 2240 36.63 -17.51 42.14
C LEU A 2240 37.88 -17.67 41.27
N PRO A 2241 38.16 -18.88 40.78
CA PRO A 2241 39.31 -19.06 39.90
C PRO A 2241 39.12 -18.44 38.52
N ALA A 2242 40.13 -18.63 37.67
CA ALA A 2242 40.15 -17.92 36.40
C ALA A 2242 39.28 -18.62 35.35
N VAL A 2243 39.62 -19.85 34.99
CA VAL A 2243 39.01 -20.54 33.87
C VAL A 2243 37.94 -21.47 34.40
N HIS A 2244 36.70 -21.22 34.03
CA HIS A 2244 35.56 -21.92 34.64
C HIS A 2244 35.25 -23.21 33.90
N HIS A 2245 34.98 -24.27 34.67
CA HIS A 2245 34.57 -25.56 34.13
C HIS A 2245 33.17 -25.86 34.64
N VAL A 2246 32.41 -26.62 33.86
CA VAL A 2246 30.98 -26.78 34.12
C VAL A 2246 30.79 -27.69 35.34
N PHE A 2247 29.82 -27.33 36.18
CA PHE A 2247 29.49 -28.14 37.34
C PHE A 2247 28.89 -29.45 36.86
N GLN A 2248 29.31 -30.56 37.47
CA GLN A 2248 28.82 -31.88 37.10
C GLN A 2248 28.56 -32.68 38.37
N PRO A 2249 27.30 -32.84 38.79
CA PRO A 2249 27.04 -33.57 40.03
C PRO A 2249 27.20 -35.07 39.91
N GLU A 2250 27.26 -35.59 38.68
CA GLU A 2250 27.39 -37.04 38.50
C GLU A 2250 28.85 -37.47 38.65
N LEU A 2251 29.78 -36.73 38.04
CA LEU A 2251 31.20 -37.04 38.11
C LEU A 2251 31.97 -35.77 38.48
N PRO A 2252 32.00 -35.41 39.76
CA PRO A 2252 32.55 -34.08 40.12
C PRO A 2252 34.07 -34.02 40.13
N ALA A 2253 34.75 -35.04 40.65
CA ALA A 2253 36.20 -34.94 40.81
C ALA A 2253 36.93 -35.64 39.68
N GLU A 2254 36.19 -36.41 38.87
CA GLU A 2254 36.76 -37.05 37.69
C GLU A 2254 37.41 -36.14 36.63
N PRO A 2255 36.95 -34.88 36.36
CA PRO A 2255 37.70 -34.07 35.39
C PRO A 2255 39.11 -33.68 35.81
N ALA A 2256 39.28 -32.98 36.94
CA ALA A 2256 40.56 -32.37 37.25
C ALA A 2256 40.64 -32.07 38.74
N ALA A 2257 41.78 -31.50 39.14
CA ALA A 2257 41.97 -30.93 40.47
C ALA A 2257 41.57 -29.47 40.52
N TYR A 2258 40.71 -29.03 39.60
CA TYR A 2258 40.10 -27.71 39.69
C TYR A 2258 39.23 -27.57 40.92
N TRP A 2259 38.62 -28.68 41.36
CA TRP A 2259 37.69 -28.63 42.49
C TRP A 2259 38.42 -28.64 43.82
N SER A 2260 39.76 -28.66 43.80
CA SER A 2260 40.51 -28.49 45.05
C SER A 2260 40.43 -27.07 45.56
N LYS A 2261 40.44 -26.08 44.65
CA LYS A 2261 40.37 -24.69 45.07
C LYS A 2261 38.96 -24.30 45.50
N LEU A 2262 37.96 -25.03 45.02
CA LEU A 2262 36.57 -24.63 45.15
C LEU A 2262 35.98 -24.96 46.52
N ASN A 2263 36.67 -25.77 47.31
CA ASN A 2263 36.19 -26.11 48.64
C ASN A 2263 36.88 -25.32 49.74
N ASP A 2264 37.95 -24.60 49.44
CA ASP A 2264 38.73 -23.85 50.43
C ASP A 2264 38.55 -22.34 50.29
N LEU A 2265 38.57 -21.83 49.06
CA LEU A 2265 38.31 -20.41 48.86
C LEU A 2265 36.82 -20.13 48.71
N PHE A 2266 36.04 -21.13 48.29
CA PHE A 2266 34.60 -21.01 48.10
C PHE A 2266 33.80 -21.90 49.03
N GLY A 2267 34.27 -23.10 49.35
CA GLY A 2267 33.49 -24.02 50.15
C GLY A 2267 33.54 -23.79 51.64
N ASP A 2268 34.10 -22.67 52.09
CA ASP A 2268 34.12 -22.32 53.50
C ASP A 2268 32.70 -22.09 54.00
N ALA A 2269 32.44 -22.53 55.23
CA ALA A 2269 31.15 -22.28 55.85
C ALA A 2269 30.98 -20.84 56.30
N ALA A 2270 32.03 -20.02 56.24
CA ALA A 2270 31.85 -18.58 56.40
C ALA A 2270 31.57 -17.90 55.07
N LEU A 2271 32.18 -18.39 53.98
CA LEU A 2271 31.87 -17.82 52.66
C LEU A 2271 30.51 -18.29 52.17
N TYR A 2272 30.02 -19.44 52.64
CA TYR A 2272 28.71 -19.87 52.19
C TYR A 2272 27.59 -19.03 52.79
N GLN A 2273 27.76 -18.50 54.01
CA GLN A 2273 26.71 -17.72 54.67
C GLN A 2273 26.39 -16.42 53.93
N SER A 2274 27.36 -15.85 53.25
CA SER A 2274 27.18 -14.63 52.48
C SER A 2274 26.29 -14.80 51.25
N LEU A 2275 26.35 -15.95 50.60
CA LEU A 2275 25.65 -16.26 49.35
C LEU A 2275 24.13 -16.36 49.44
N PRO A 2276 23.51 -16.58 50.61
CA PRO A 2276 22.10 -16.18 50.73
C PRO A 2276 21.89 -14.83 51.37
N THR A 2277 22.92 -14.14 51.86
CA THR A 2277 22.69 -12.76 52.24
C THR A 2277 22.99 -11.82 51.08
N LEU A 2278 23.93 -12.18 50.21
CA LEU A 2278 24.08 -11.45 48.96
C LEU A 2278 23.07 -11.88 47.90
N ALA A 2279 22.15 -12.78 48.24
CA ALA A 2279 21.24 -13.30 47.23
C ALA A 2279 19.87 -12.64 47.32
N ARG A 2280 19.50 -12.16 48.50
CA ARG A 2280 18.34 -11.28 48.61
C ARG A 2280 18.69 -9.89 48.10
N ALA A 2281 19.98 -9.58 47.99
CA ALA A 2281 20.40 -8.25 47.58
C ALA A 2281 20.12 -8.01 46.11
N LEU A 2282 20.47 -8.96 45.26
CA LEU A 2282 20.26 -8.80 43.82
C LEU A 2282 18.85 -9.15 43.38
N ALA A 2283 17.97 -9.55 44.28
CA ALA A 2283 16.61 -9.90 43.87
C ALA A 2283 15.75 -8.66 43.77
N GLN A 2284 15.86 -7.75 44.73
CA GLN A 2284 14.99 -6.59 44.72
C GLN A 2284 15.52 -5.50 43.80
N TYR A 2285 16.78 -5.57 43.42
CA TYR A 2285 17.38 -4.53 42.61
C TYR A 2285 17.01 -4.67 41.14
N LEU A 2286 16.85 -5.90 40.66
CA LEU A 2286 16.57 -6.18 39.26
C LEU A 2286 15.09 -6.02 38.93
N VAL A 2287 14.22 -5.99 39.92
CA VAL A 2287 12.80 -5.85 39.68
C VAL A 2287 12.45 -4.41 39.31
N VAL A 2288 13.01 -3.46 40.05
CA VAL A 2288 12.61 -2.06 39.93
C VAL A 2288 13.20 -1.41 38.67
N VAL A 2289 14.11 -2.13 37.98
CA VAL A 2289 14.73 -1.70 36.73
C VAL A 2289 13.68 -1.32 35.68
N SER A 2290 12.53 -2.01 35.68
CA SER A 2290 11.45 -1.63 34.78
C SER A 2290 10.77 -0.32 35.19
N LYS A 2291 11.09 0.25 36.36
CA LYS A 2291 10.47 1.50 36.79
C LYS A 2291 11.46 2.44 37.47
N LEU A 2292 12.75 2.33 37.15
CA LEU A 2292 13.73 3.27 37.69
C LEU A 2292 14.17 4.28 36.64
N PRO A 2293 14.67 5.44 37.07
CA PRO A 2293 15.33 6.36 36.13
C PRO A 2293 16.69 5.82 35.69
N SER A 2294 17.30 6.55 34.76
CA SER A 2294 18.55 6.10 34.15
C SER A 2294 19.77 6.36 35.01
N HIS A 2295 19.63 7.03 36.15
CA HIS A 2295 20.74 7.11 37.09
C HIS A 2295 20.95 5.79 37.81
N LEU A 2296 19.91 4.96 37.90
CA LEU A 2296 19.87 3.83 38.80
C LEU A 2296 19.97 2.48 38.11
N HIS A 2297 20.07 2.45 36.78
CA HIS A 2297 20.26 1.19 36.09
C HIS A 2297 21.67 0.66 36.32
N LEU A 2298 21.81 -0.66 36.12
CA LEU A 2298 23.08 -1.32 36.35
C LEU A 2298 24.10 -0.91 35.30
N PRO A 2299 25.37 -0.76 35.69
CA PRO A 2299 26.38 -0.21 34.78
C PRO A 2299 26.72 -1.18 33.67
N PRO A 2300 27.18 -0.69 32.52
CA PRO A 2300 27.58 -1.60 31.43
C PRO A 2300 28.90 -2.29 31.68
N GLU A 2301 29.83 -1.68 32.40
CA GLU A 2301 31.09 -2.35 32.73
C GLU A 2301 30.89 -3.31 33.90
N LYS A 2302 29.97 -2.99 34.81
CA LYS A 2302 29.63 -3.92 35.86
C LYS A 2302 28.49 -4.84 35.46
N GLU A 2303 28.29 -5.03 34.15
CA GLU A 2303 27.21 -5.89 33.66
C GLU A 2303 27.71 -7.33 33.49
N LYS A 2304 29.01 -7.47 33.21
CA LYS A 2304 29.62 -8.80 33.11
C LYS A 2304 29.63 -9.49 34.46
N ASP A 2305 29.91 -8.73 35.52
CA ASP A 2305 30.09 -9.32 36.83
C ASP A 2305 28.77 -9.63 37.53
N ILE A 2306 27.64 -9.25 36.94
CA ILE A 2306 26.35 -9.70 37.48
C ILE A 2306 25.84 -10.87 36.65
N VAL A 2307 26.43 -11.12 35.49
CA VAL A 2307 26.14 -12.35 34.77
C VAL A 2307 26.91 -13.51 35.37
N LYS A 2308 28.14 -13.25 35.81
CA LYS A 2308 28.98 -14.32 36.34
C LYS A 2308 28.58 -14.71 37.77
N PHE A 2309 27.69 -13.95 38.39
CA PHE A 2309 27.38 -14.18 39.80
C PHE A 2309 26.02 -14.84 39.97
N VAL A 2310 25.26 -14.96 38.90
CA VAL A 2310 24.10 -15.83 38.89
C VAL A 2310 24.56 -17.28 38.80
N VAL A 2311 25.72 -17.49 38.18
CA VAL A 2311 26.23 -18.84 37.97
C VAL A 2311 26.82 -19.40 39.27
N ALA A 2312 27.28 -18.52 40.15
CA ALA A 2312 28.15 -18.97 41.25
C ALA A 2312 27.37 -19.19 42.54
N THR A 2313 26.17 -18.64 42.65
CA THR A 2313 25.39 -18.82 43.88
C THR A 2313 24.41 -19.95 43.71
N LEU A 2314 24.22 -20.40 42.47
CA LEU A 2314 23.33 -21.51 42.23
C LEU A 2314 24.12 -22.81 42.22
N GLU A 2315 25.44 -22.69 42.33
CA GLU A 2315 26.30 -23.85 42.45
C GLU A 2315 26.66 -24.10 43.91
N ALA A 2316 26.34 -23.17 44.79
CA ALA A 2316 26.44 -23.44 46.22
C ALA A 2316 25.18 -24.13 46.71
N LEU A 2317 24.12 -24.08 45.90
CA LEU A 2317 22.86 -24.71 46.25
C LEU A 2317 22.90 -26.21 45.98
N SER A 2318 23.57 -26.60 44.90
CA SER A 2318 23.70 -28.00 44.54
C SER A 2318 24.76 -28.70 45.38
N TRP A 2319 25.53 -27.96 46.15
CA TRP A 2319 26.69 -28.52 46.83
C TRP A 2319 26.34 -28.93 48.25
N HIS A 2320 25.20 -28.48 48.75
CA HIS A 2320 24.73 -28.91 50.05
C HIS A 2320 23.82 -30.13 49.96
N LEU A 2321 23.08 -30.27 48.85
CA LEU A 2321 22.19 -31.41 48.66
C LEU A 2321 22.96 -32.72 48.54
N ILE A 2322 24.18 -32.65 48.04
CA ILE A 2322 25.06 -33.81 47.97
C ILE A 2322 25.53 -34.19 49.37
N HIS A 2323 25.98 -33.19 50.13
CA HIS A 2323 26.68 -33.40 51.38
C HIS A 2323 25.80 -33.33 52.61
N GLU A 2324 25.23 -32.16 52.89
CA GLU A 2324 24.72 -31.90 54.24
C GLU A 2324 23.22 -32.14 54.39
N GLN A 2325 22.41 -31.26 53.82
CA GLN A 2325 20.94 -31.30 53.83
C GLN A 2325 20.43 -30.42 52.70
N ILE A 2326 19.16 -30.02 52.79
CA ILE A 2326 18.66 -28.86 52.05
C ILE A 2326 19.44 -27.62 52.50
N PRO A 2327 19.57 -26.58 51.66
CA PRO A 2327 20.36 -25.42 52.07
C PRO A 2327 19.76 -24.64 53.24
N LEU A 2328 18.56 -24.08 53.06
CA LEU A 2328 17.74 -23.72 54.22
C LEU A 2328 16.27 -23.86 53.84
N SER A 2329 16.01 -23.94 52.54
CA SER A 2329 14.74 -23.91 51.82
C SER A 2329 13.99 -22.59 51.90
N LEU A 2330 14.49 -21.61 52.65
CA LEU A 2330 14.38 -20.23 52.27
C LEU A 2330 15.59 -19.80 51.46
N ASP A 2331 16.71 -20.49 51.64
CA ASP A 2331 17.87 -20.28 50.82
C ASP A 2331 17.87 -21.15 49.58
N LEU A 2332 16.92 -22.07 49.45
CA LEU A 2332 16.51 -22.51 48.13
C LEU A 2332 15.78 -21.40 47.41
N GLN A 2333 15.16 -20.48 48.15
CA GLN A 2333 14.24 -19.55 47.55
C GLN A 2333 14.92 -18.21 47.27
N ALA A 2334 15.99 -17.88 47.97
CA ALA A 2334 16.64 -16.60 47.72
C ALA A 2334 17.68 -16.70 46.61
N GLY A 2335 18.16 -17.90 46.32
CA GLY A 2335 19.21 -18.06 45.32
C GLY A 2335 18.66 -18.19 43.91
N LEU A 2336 17.47 -18.77 43.78
CA LEU A 2336 16.83 -18.87 42.47
C LEU A 2336 15.97 -17.66 42.17
N ASP A 2337 16.09 -16.57 42.93
CA ASP A 2337 15.45 -15.32 42.51
C ASP A 2337 16.46 -14.37 41.89
N CYS A 2338 17.74 -14.56 42.20
CA CYS A 2338 18.79 -13.87 41.46
C CYS A 2338 18.85 -14.39 40.03
N CYS A 2339 18.40 -15.62 39.78
CA CYS A 2339 18.51 -16.24 38.46
C CYS A 2339 17.29 -15.99 37.58
N CYS A 2340 16.12 -15.71 38.14
CA CYS A 2340 14.93 -15.56 37.33
C CYS A 2340 14.86 -14.18 36.70
N LEU A 2341 15.66 -13.25 37.20
CA LEU A 2341 15.52 -11.86 36.77
C LEU A 2341 16.58 -11.48 35.75
N ALA A 2342 17.76 -12.11 35.82
CA ALA A 2342 18.81 -11.86 34.84
C ALA A 2342 18.45 -12.46 33.48
N LEU A 2343 17.48 -13.37 33.45
CA LEU A 2343 16.97 -13.96 32.24
C LEU A 2343 15.76 -13.21 31.70
N GLN A 2344 15.31 -12.18 32.41
CA GLN A 2344 14.18 -11.38 31.92
C GLN A 2344 14.63 -10.03 31.39
N LEU A 2345 15.77 -9.54 31.85
CA LEU A 2345 16.25 -8.24 31.41
C LEU A 2345 16.83 -8.35 30.00
N PRO A 2346 16.69 -7.30 29.18
CA PRO A 2346 17.35 -7.34 27.86
C PRO A 2346 18.85 -7.20 27.95
N GLY A 2347 19.38 -6.62 29.02
CA GLY A 2347 20.82 -6.48 29.14
C GLY A 2347 21.50 -7.76 29.60
N LEU A 2348 21.00 -8.36 30.67
CA LEU A 2348 21.70 -9.50 31.26
C LEU A 2348 21.47 -10.78 30.47
N TRP A 2349 20.39 -10.86 29.69
CA TRP A 2349 20.12 -12.10 28.96
C TRP A 2349 21.03 -12.23 27.75
N SER A 2350 21.48 -11.12 27.18
CA SER A 2350 22.25 -11.17 25.94
C SER A 2350 23.66 -11.70 26.19
N VAL A 2351 24.18 -11.50 27.41
CA VAL A 2351 25.56 -11.88 27.70
C VAL A 2351 25.69 -13.39 27.88
N VAL A 2352 24.61 -14.04 28.32
CA VAL A 2352 24.59 -15.48 28.57
C VAL A 2352 24.61 -16.25 27.24
N SER A 2353 24.29 -15.58 26.14
CA SER A 2353 24.10 -16.26 24.87
C SER A 2353 25.39 -16.39 24.07
N SER A 2354 26.40 -15.57 24.39
CA SER A 2354 27.56 -15.40 23.53
C SER A 2354 28.47 -16.61 23.58
N THR A 2355 29.54 -16.55 22.78
CA THR A 2355 30.46 -17.68 22.66
C THR A 2355 31.33 -17.83 23.90
N GLU A 2356 31.49 -16.75 24.66
CA GLU A 2356 32.36 -16.78 25.82
C GLU A 2356 31.72 -17.48 27.00
N PHE A 2357 30.40 -17.63 27.01
CA PHE A 2357 29.66 -18.20 28.12
C PHE A 2357 28.91 -19.47 27.72
N VAL A 2358 29.62 -20.42 27.10
CA VAL A 2358 29.06 -21.74 26.87
C VAL A 2358 29.13 -22.57 28.15
N THR A 2359 30.11 -22.24 29.01
CA THR A 2359 30.28 -22.99 30.25
C THR A 2359 29.33 -22.51 31.34
N HIS A 2360 28.89 -21.25 31.24
CA HIS A 2360 28.08 -20.66 32.30
C HIS A 2360 26.59 -20.77 32.00
N ALA A 2361 26.24 -21.05 30.74
CA ALA A 2361 24.83 -21.27 30.40
C ALA A 2361 24.49 -22.74 30.44
N CYS A 2362 25.50 -23.61 30.37
CA CYS A 2362 25.27 -25.03 30.49
C CYS A 2362 25.46 -25.50 31.92
N SER A 2363 25.78 -24.57 32.82
CA SER A 2363 25.91 -24.92 34.24
C SER A 2363 24.71 -24.42 35.03
N LEU A 2364 23.87 -23.59 34.41
CA LEU A 2364 22.57 -23.29 35.00
C LEU A 2364 21.55 -24.32 34.56
N ILE A 2365 21.92 -25.16 33.59
CA ILE A 2365 21.03 -26.23 33.15
C ILE A 2365 21.31 -27.50 33.96
N HIS A 2366 22.56 -27.71 34.34
CA HIS A 2366 22.87 -28.84 35.21
C HIS A 2366 22.40 -28.58 36.65
N CYS A 2367 22.24 -27.32 37.03
CA CYS A 2367 22.01 -27.03 38.45
C CYS A 2367 20.57 -26.61 38.72
N VAL A 2368 19.78 -26.39 37.69
CA VAL A 2368 18.33 -26.25 37.87
C VAL A 2368 17.65 -27.56 37.53
N HIS A 2369 18.36 -28.46 36.85
CA HIS A 2369 17.87 -29.83 36.74
C HIS A 2369 18.29 -30.65 37.96
N PHE A 2370 19.24 -30.16 38.74
CA PHE A 2370 19.65 -30.92 39.92
C PHE A 2370 18.81 -30.56 41.13
N ILE A 2371 18.25 -29.35 41.15
CA ILE A 2371 17.40 -28.95 42.26
C ILE A 2371 15.96 -29.38 41.99
N LEU A 2372 15.60 -29.53 40.72
CA LEU A 2372 14.26 -29.98 40.40
C LEU A 2372 14.14 -31.50 40.44
N GLU A 2373 15.25 -32.22 40.25
CA GLU A 2373 15.21 -33.67 40.33
C GLU A 2373 15.43 -34.16 41.76
N ALA A 2374 16.21 -33.44 42.57
CA ALA A 2374 16.44 -33.88 43.94
C ALA A 2374 15.31 -33.48 44.87
N VAL A 2375 14.23 -32.92 44.34
CA VAL A 2375 13.06 -32.57 45.14
C VAL A 2375 11.80 -33.26 44.61
N ALA A 2376 11.57 -33.22 43.31
CA ALA A 2376 10.37 -33.81 42.73
C ALA A 2376 10.51 -35.29 42.46
N VAL A 2377 11.66 -35.72 41.97
CA VAL A 2377 11.87 -37.10 41.56
C VAL A 2377 12.30 -37.89 42.78
N GLN A 2378 11.37 -38.66 43.33
CA GLN A 2378 11.66 -39.58 44.41
C GLN A 2378 12.62 -40.67 43.93
N PRO A 2379 13.42 -41.27 44.82
CA PRO A 2379 14.51 -42.16 44.36
C PRO A 2379 13.97 -43.41 43.70
N GLY A 2380 14.43 -43.65 42.47
CA GLY A 2380 13.87 -44.69 41.66
C GLY A 2380 12.73 -44.24 40.80
N GLU A 2381 12.80 -43.02 40.26
CA GLU A 2381 11.85 -42.53 39.28
C GLU A 2381 12.60 -41.67 38.27
N GLN A 2382 11.82 -40.96 37.45
CA GLN A 2382 12.30 -39.87 36.63
C GLN A 2382 11.35 -38.70 36.83
N LEU A 2383 11.49 -37.67 36.00
CA LEU A 2383 10.54 -36.56 36.09
C LEU A 2383 9.15 -36.98 35.62
N LEU A 2384 9.05 -37.44 34.37
CA LEU A 2384 7.77 -37.74 33.75
C LEU A 2384 7.75 -39.20 33.32
N SER A 2385 6.56 -39.69 32.98
CA SER A 2385 6.39 -41.02 32.41
C SER A 2385 5.13 -41.10 31.56
N ASN A 2409 31.87 -32.49 19.22
CA ASN A 2409 31.48 -31.65 20.35
C ASN A 2409 31.89 -32.29 21.67
N PRO A 2410 32.13 -31.47 22.70
CA PRO A 2410 32.35 -32.02 24.03
C PRO A 2410 31.08 -32.64 24.58
N LYS A 2411 31.25 -33.42 25.65
CA LYS A 2411 30.13 -34.22 26.13
C LYS A 2411 29.14 -33.38 26.90
N TYR A 2412 29.62 -32.36 27.63
CA TYR A 2412 28.76 -31.65 28.57
C TYR A 2412 27.73 -30.78 27.86
N ILE A 2413 28.02 -30.33 26.64
CA ILE A 2413 27.10 -29.50 25.87
C ILE A 2413 25.89 -30.33 25.46
N THR A 2414 26.13 -31.50 24.89
CA THR A 2414 25.03 -32.41 24.60
C THR A 2414 24.52 -33.14 25.83
N ALA A 2415 25.23 -33.05 26.96
CA ALA A 2415 24.65 -33.43 28.23
C ALA A 2415 23.89 -32.26 28.83
N ALA A 2416 24.14 -31.04 28.33
CA ALA A 2416 23.27 -29.93 28.65
C ALA A 2416 22.14 -29.81 27.65
N CYS A 2417 22.29 -30.39 26.45
CA CYS A 2417 21.24 -30.25 25.46
C CYS A 2417 20.13 -31.26 25.70
N GLU A 2418 20.49 -32.48 26.12
CA GLU A 2418 19.46 -33.47 26.46
C GLU A 2418 18.75 -33.13 27.75
N MET A 2419 19.31 -32.22 28.54
CA MET A 2419 18.77 -31.95 29.86
C MET A 2419 17.53 -31.07 29.77
N VAL A 2420 17.44 -30.23 28.74
CA VAL A 2420 16.35 -29.26 28.65
C VAL A 2420 15.14 -29.88 27.97
N ALA A 2421 15.32 -30.96 27.22
CA ALA A 2421 14.16 -31.59 26.58
C ALA A 2421 13.27 -32.28 27.61
N GLU A 2422 13.87 -32.80 28.68
CA GLU A 2422 13.12 -33.56 29.67
C GLU A 2422 12.28 -32.65 30.55
N MET A 2423 12.71 -31.40 30.75
CA MET A 2423 12.09 -30.55 31.76
C MET A 2423 10.83 -29.87 31.23
N VAL A 2424 10.70 -29.71 29.91
CA VAL A 2424 9.60 -28.95 29.34
C VAL A 2424 8.37 -29.83 29.23
N GLU A 2425 8.58 -31.13 29.11
CA GLU A 2425 7.45 -32.05 29.08
C GLU A 2425 6.83 -32.21 30.48
N SER A 2426 7.53 -31.76 31.51
CA SER A 2426 7.04 -31.80 32.88
C SER A 2426 6.03 -30.71 33.18
N LEU A 2427 6.11 -29.58 32.46
CA LEU A 2427 5.22 -28.45 32.73
C LEU A 2427 3.76 -28.81 32.42
N GLN A 2428 3.56 -29.78 31.54
CA GLN A 2428 2.27 -30.46 31.44
C GLN A 2428 1.92 -31.16 32.75
N SER A 2429 2.83 -32.01 33.24
CA SER A 2429 2.50 -32.92 34.34
C SER A 2429 3.02 -32.44 35.69
N VAL A 2430 4.33 -32.23 35.82
CA VAL A 2430 4.94 -32.06 37.13
C VAL A 2430 4.71 -30.66 37.68
N LEU A 2431 5.12 -29.63 36.94
CA LEU A 2431 5.14 -28.27 37.48
C LEU A 2431 3.89 -27.47 37.12
N ALA A 2432 2.79 -28.12 36.81
CA ALA A 2432 1.52 -27.43 36.60
C ALA A 2432 0.84 -27.24 37.93
N LEU A 2433 0.43 -26.00 38.23
CA LEU A 2433 0.01 -25.60 39.57
C LEU A 2433 -1.28 -26.29 39.96
N GLY A 2434 -1.15 -27.40 40.68
CA GLY A 2434 -2.30 -28.13 41.17
C GLY A 2434 -2.56 -29.47 40.53
N HIS A 2435 -1.59 -30.05 39.83
CA HIS A 2435 -1.81 -31.36 39.25
C HIS A 2435 -1.70 -32.43 40.34
N LYS A 2436 -2.15 -33.65 40.01
CA LYS A 2436 -1.93 -34.78 40.89
C LYS A 2436 -0.46 -35.12 41.03
N ARG A 2437 0.34 -34.78 40.01
CA ARG A 2437 1.77 -35.03 40.03
C ARG A 2437 2.50 -33.92 40.79
N ASN A 2438 1.82 -32.80 41.07
CA ASN A 2438 2.40 -31.67 41.77
C ASN A 2438 2.13 -31.69 43.27
N SER A 2439 2.04 -32.86 43.88
CA SER A 2439 2.01 -32.91 45.33
C SER A 2439 3.41 -32.98 45.91
N GLY A 2440 4.41 -33.15 45.04
CA GLY A 2440 5.77 -33.38 45.52
C GLY A 2440 6.60 -32.12 45.57
N VAL A 2441 6.35 -31.19 44.66
CA VAL A 2441 7.08 -29.91 44.69
C VAL A 2441 6.38 -28.99 45.68
N PRO A 2442 7.09 -28.34 46.60
CA PRO A 2442 6.41 -27.67 47.73
C PRO A 2442 5.70 -26.37 47.39
N ALA A 2443 5.43 -26.08 46.13
CA ALA A 2443 4.47 -25.09 45.63
C ALA A 2443 4.85 -23.64 45.93
N PHE A 2444 6.03 -23.37 46.47
CA PHE A 2444 6.59 -22.03 46.36
C PHE A 2444 7.69 -21.98 45.31
N LEU A 2445 7.96 -23.11 44.66
CA LEU A 2445 8.90 -23.20 43.54
C LEU A 2445 8.18 -23.41 42.22
N THR A 2446 6.98 -23.93 42.23
CA THR A 2446 6.19 -23.94 41.01
C THR A 2446 5.83 -22.56 40.47
N PRO A 2447 5.82 -21.48 41.24
CA PRO A 2447 5.98 -20.18 40.57
C PRO A 2447 7.41 -19.93 40.12
N LEU A 2448 8.40 -20.38 40.90
CA LEU A 2448 9.78 -19.98 40.61
C LEU A 2448 10.39 -20.86 39.53
N LEU A 2449 10.13 -22.17 39.56
CA LEU A 2449 10.80 -23.04 38.60
C LEU A 2449 10.02 -23.22 37.30
N ARG A 2450 8.86 -22.58 37.16
CA ARG A 2450 8.16 -22.67 35.88
C ARG A 2450 8.65 -21.57 34.95
N ASN A 2451 9.00 -20.42 35.51
CA ASN A 2451 9.43 -19.29 34.70
C ASN A 2451 10.89 -19.43 34.29
N ILE A 2452 11.63 -20.37 34.86
CA ILE A 2452 13.06 -20.44 34.63
C ILE A 2452 13.44 -21.56 33.67
N ILE A 2453 12.53 -22.49 33.38
CA ILE A 2453 12.80 -23.50 32.36
C ILE A 2453 12.41 -22.97 30.98
N ILE A 2454 11.57 -21.93 30.96
CA ILE A 2454 11.22 -21.28 29.70
C ILE A 2454 12.40 -20.50 29.14
N SER A 2455 13.04 -19.68 29.98
CA SER A 2455 13.99 -18.70 29.50
C SER A 2455 15.40 -19.26 29.30
N LEU A 2456 15.63 -20.54 29.56
CA LEU A 2456 16.91 -21.19 29.28
C LEU A 2456 16.89 -21.93 27.96
N ALA A 2457 15.72 -22.32 27.50
CA ALA A 2457 15.60 -22.89 26.18
C ALA A 2457 15.29 -21.85 25.12
N ARG A 2458 15.43 -20.58 25.45
CA ARG A 2458 15.46 -19.53 24.45
C ARG A 2458 16.89 -19.14 24.12
N LEU A 2459 17.87 -19.75 24.78
CA LEU A 2459 19.27 -19.52 24.46
C LEU A 2459 19.59 -20.09 23.10
N PRO A 2460 20.45 -19.42 22.32
CA PRO A 2460 20.87 -19.99 21.04
C PRO A 2460 21.83 -21.17 21.18
N LEU A 2461 22.31 -21.45 22.40
CA LEU A 2461 22.99 -22.70 22.67
C LEU A 2461 22.03 -23.87 22.52
N VAL A 2462 20.76 -23.68 22.90
CA VAL A 2462 19.86 -24.79 23.16
C VAL A 2462 18.66 -24.82 22.21
N ASN A 2463 18.17 -23.67 21.72
CA ASN A 2463 16.79 -23.52 21.26
C ASN A 2463 16.45 -24.40 20.04
N SER A 2464 17.44 -24.79 19.24
CA SER A 2464 17.13 -25.49 18.00
C SER A 2464 16.68 -26.93 18.26
N TYR A 2465 17.12 -27.51 19.38
CA TYR A 2465 16.80 -28.91 19.67
C TYR A 2465 15.46 -29.04 20.39
N THR A 2466 15.07 -27.99 21.10
CA THR A 2466 13.95 -28.07 22.03
C THR A 2466 12.63 -28.03 21.28
N ARG A 2467 12.62 -27.41 20.10
CA ARG A 2467 11.41 -27.38 19.29
C ARG A 2467 11.18 -28.70 18.57
N VAL A 2468 12.14 -29.61 18.61
CA VAL A 2468 11.89 -30.89 17.95
C VAL A 2468 11.11 -31.79 18.90
N PRO A 2469 9.93 -32.26 18.51
CA PRO A 2469 9.12 -33.07 19.42
C PRO A 2469 9.74 -34.44 19.62
N PRO A 2470 9.46 -35.12 20.75
CA PRO A 2470 10.22 -36.32 21.08
C PRO A 2470 9.89 -37.54 20.25
N LEU A 2471 8.83 -37.50 19.43
CA LEU A 2471 8.55 -38.65 18.58
C LEU A 2471 9.43 -38.63 17.34
N VAL A 2472 10.14 -37.53 17.11
CA VAL A 2472 11.00 -37.43 15.93
C VAL A 2472 12.31 -38.18 16.17
N TRP A 2473 12.88 -38.07 17.36
CA TRP A 2473 14.19 -38.67 17.61
C TRP A 2473 14.11 -40.19 17.73
N LYS A 2474 12.92 -40.74 17.93
CA LYS A 2474 12.75 -42.19 17.79
C LYS A 2474 12.79 -42.57 16.32
N LEU A 2475 12.25 -41.72 15.46
CA LEU A 2475 12.32 -41.95 14.02
C LEU A 2475 13.69 -41.52 13.50
N GLY A 2476 13.91 -41.73 12.21
CA GLY A 2476 15.23 -41.49 11.65
C GLY A 2476 15.52 -40.08 11.18
N TRP A 2477 15.65 -39.14 12.11
CA TRP A 2477 16.03 -37.76 11.77
C TRP A 2477 17.19 -37.36 12.65
N SER A 2478 18.37 -37.16 12.04
CA SER A 2478 19.52 -36.67 12.76
C SER A 2478 20.53 -36.00 11.82
N PRO A 2479 20.30 -34.75 11.42
CA PRO A 2479 21.32 -34.06 10.62
C PRO A 2479 22.45 -33.54 11.49
N LYS A 2480 23.50 -33.08 10.84
CA LYS A 2480 24.67 -32.57 11.55
C LYS A 2480 24.41 -31.14 12.02
N PRO A 2481 24.81 -30.78 13.23
CA PRO A 2481 24.70 -29.38 13.65
C PRO A 2481 25.96 -28.57 13.39
N GLY A 2482 25.81 -27.34 12.92
CA GLY A 2482 26.92 -26.40 12.98
C GLY A 2482 26.46 -24.95 13.02
N GLY A 2483 26.82 -24.24 14.07
CA GLY A 2483 26.54 -22.82 14.17
C GLY A 2483 27.60 -22.06 14.92
N ASP A 2484 28.82 -22.61 14.92
CA ASP A 2484 29.95 -22.32 15.82
C ASP A 2484 29.55 -22.62 17.27
N PHE A 2485 28.63 -23.55 17.49
CA PHE A 2485 28.24 -24.02 18.81
C PHE A 2485 28.01 -25.52 18.74
N GLY A 2486 27.33 -26.05 19.76
CA GLY A 2486 27.05 -27.47 19.77
C GLY A 2486 25.93 -27.85 18.83
N THR A 2487 24.70 -27.43 19.12
CA THR A 2487 23.52 -27.86 18.39
C THR A 2487 22.89 -26.68 17.68
N ALA A 2488 22.90 -26.71 16.34
CA ALA A 2488 22.34 -25.69 15.48
C ALA A 2488 21.53 -26.41 14.40
N PHE A 2489 20.65 -27.28 14.86
CA PHE A 2489 19.82 -28.09 13.97
C PHE A 2489 18.92 -27.19 13.11
N PRO A 2490 18.65 -27.56 11.88
CA PRO A 2490 17.62 -26.86 11.10
C PRO A 2490 16.23 -27.18 11.62
N GLU A 2491 15.27 -26.36 11.20
CA GLU A 2491 13.89 -26.56 11.64
C GLU A 2491 13.31 -27.82 11.01
N ILE A 2492 12.24 -28.32 11.61
CA ILE A 2492 11.70 -29.62 11.24
C ILE A 2492 10.98 -29.52 9.90
N PRO A 2493 11.19 -30.44 8.96
CA PRO A 2493 10.48 -30.37 7.69
C PRO A 2493 9.03 -30.81 7.83
N VAL A 2494 8.24 -30.51 6.79
CA VAL A 2494 6.79 -30.64 6.83
C VAL A 2494 6.35 -32.11 6.85
N GLU A 2495 7.17 -33.01 6.29
CA GLU A 2495 6.77 -34.40 6.12
C GLU A 2495 6.63 -35.17 7.42
N PHE A 2496 7.27 -34.72 8.50
CA PHE A 2496 7.09 -35.38 9.80
C PHE A 2496 5.80 -34.95 10.47
N LEU A 2497 5.33 -33.73 10.19
CA LEU A 2497 4.16 -33.15 10.82
C LEU A 2497 2.85 -33.72 10.30
N GLN A 2498 2.87 -34.67 9.36
CA GLN A 2498 1.64 -35.19 8.80
C GLN A 2498 1.02 -36.29 9.65
N GLU A 2499 1.49 -36.48 10.88
CA GLU A 2499 0.84 -37.39 11.80
C GLU A 2499 0.43 -36.64 13.06
N LYS A 2500 -0.77 -36.94 13.56
CA LYS A 2500 -1.41 -36.17 14.62
C LYS A 2500 -0.68 -36.24 15.96
N GLU A 2501 -0.30 -37.45 16.39
CA GLU A 2501 0.50 -37.58 17.62
C GLU A 2501 1.87 -36.94 17.46
N VAL A 2502 2.41 -36.93 16.24
CA VAL A 2502 3.64 -36.20 16.00
C VAL A 2502 3.35 -34.72 15.88
N PHE A 2503 2.11 -34.35 15.51
CA PHE A 2503 1.84 -32.93 15.36
C PHE A 2503 1.32 -32.30 16.65
N LYS A 2504 0.84 -33.08 17.61
CA LYS A 2504 0.41 -32.45 18.85
C LYS A 2504 1.59 -32.10 19.75
N GLU A 2505 2.78 -32.62 19.46
CA GLU A 2505 3.89 -32.34 20.37
C GLU A 2505 4.81 -31.26 19.82
N PHE A 2506 4.66 -30.86 18.56
CA PHE A 2506 5.44 -29.73 18.06
C PHE A 2506 4.79 -28.41 18.42
N ILE A 2507 3.47 -28.38 18.57
CA ILE A 2507 2.75 -27.17 18.88
C ILE A 2507 2.91 -26.84 20.37
N TYR A 2508 3.29 -27.80 21.19
CA TYR A 2508 3.57 -27.52 22.59
C TYR A 2508 4.88 -26.78 22.77
N ARG A 2509 5.85 -27.03 21.89
CA ARG A 2509 7.21 -26.52 22.12
C ARG A 2509 7.33 -25.06 21.71
N ILE A 2510 6.34 -24.53 21.00
CA ILE A 2510 6.49 -23.23 20.35
C ILE A 2510 5.70 -22.15 21.09
N ASN A 2511 4.72 -22.52 21.90
CA ASN A 2511 3.88 -21.55 22.58
C ASN A 2511 4.45 -21.19 23.94
N THR A 2512 4.73 -22.19 24.76
CA THR A 2512 5.34 -21.97 26.06
C THR A 2512 6.80 -21.55 25.93
N LEU A 2513 7.40 -21.72 24.76
CA LEU A 2513 8.78 -21.33 24.57
C LEU A 2513 8.90 -19.97 23.90
N GLY A 2514 7.89 -19.59 23.12
CA GLY A 2514 7.95 -18.35 22.38
C GLY A 2514 8.93 -18.43 21.25
N TRP A 2515 9.50 -17.29 20.92
CA TRP A 2515 10.51 -17.18 19.89
C TRP A 2515 11.55 -16.14 20.31
N THR A 2516 12.37 -15.72 19.35
CA THR A 2516 13.65 -15.07 19.61
C THR A 2516 13.75 -13.86 18.70
N SER A 2517 14.97 -13.49 18.31
CA SER A 2517 15.18 -12.50 17.25
C SER A 2517 14.32 -12.82 16.02
N ARG A 2518 13.94 -11.74 15.31
CA ARG A 2518 12.80 -11.78 14.38
C ARG A 2518 13.00 -12.70 13.18
N THR A 2519 14.23 -13.16 12.95
CA THR A 2519 14.47 -14.12 11.87
C THR A 2519 13.79 -15.46 12.17
N GLN A 2520 13.63 -15.79 13.45
CA GLN A 2520 13.09 -17.10 13.78
C GLN A 2520 11.57 -17.06 13.83
N PHE A 2521 10.97 -15.87 13.72
CA PHE A 2521 9.51 -15.84 13.68
C PHE A 2521 8.96 -16.28 12.35
N GLU A 2522 9.63 -15.94 11.24
CA GLU A 2522 9.08 -16.36 9.94
C GLU A 2522 9.45 -17.80 9.59
N GLU A 2523 10.25 -18.47 10.42
CA GLU A 2523 10.54 -19.87 10.15
C GLU A 2523 9.36 -20.77 10.52
N THR A 2524 8.68 -20.47 11.62
CA THR A 2524 7.54 -21.28 12.03
C THR A 2524 6.29 -20.97 11.19
N TRP A 2525 6.30 -19.89 10.43
CA TRP A 2525 5.14 -19.48 9.66
C TRP A 2525 4.97 -20.34 8.43
N ALA A 2526 6.09 -20.78 7.84
CA ALA A 2526 6.04 -21.50 6.58
C ALA A 2526 5.77 -22.98 6.78
N THR A 2527 6.02 -23.49 7.99
CA THR A 2527 5.85 -24.92 8.23
C THR A 2527 4.39 -25.30 8.41
N LEU A 2528 3.57 -24.36 8.90
CA LEU A 2528 2.18 -24.67 9.18
C LEU A 2528 1.28 -24.54 7.96
N LEU A 2529 1.68 -23.74 6.98
CA LEU A 2529 0.85 -23.49 5.81
C LEU A 2529 0.87 -24.65 4.81
N GLY A 2530 1.99 -25.37 4.72
CA GLY A 2530 2.04 -26.58 3.93
C GLY A 2530 1.21 -27.71 4.51
N VAL A 2531 1.00 -27.68 5.82
CA VAL A 2531 0.01 -28.57 6.44
C VAL A 2531 -1.39 -28.21 5.97
N LEU A 2532 -1.66 -26.92 5.80
CA LEU A 2532 -2.91 -26.47 5.21
C LEU A 2532 -2.90 -26.67 3.70
N ARG A 2552 -6.88 -36.93 8.10
CA ARG A 2552 -6.30 -35.79 7.39
C ARG A 2552 -6.95 -34.49 7.83
N THR A 2553 -8.27 -34.50 8.03
CA THR A 2553 -8.93 -33.36 8.65
C THR A 2553 -8.76 -33.33 10.16
N GLN A 2554 -8.19 -34.39 10.75
CA GLN A 2554 -7.75 -34.30 12.14
C GLN A 2554 -6.52 -33.42 12.25
N ILE A 2555 -5.80 -33.24 11.13
CA ILE A 2555 -4.65 -32.34 11.13
C ILE A 2555 -5.03 -31.03 10.44
N ASN A 2556 -6.22 -30.96 9.84
CA ASN A 2556 -6.70 -29.65 9.41
C ASN A 2556 -7.28 -28.87 10.58
N VAL A 2557 -7.77 -29.56 11.62
CA VAL A 2557 -8.32 -28.87 12.78
C VAL A 2557 -7.22 -28.26 13.63
N LEU A 2558 -6.15 -29.02 13.87
CA LEU A 2558 -5.21 -28.64 14.91
C LEU A 2558 -4.14 -27.67 14.42
N ALA A 2559 -4.18 -27.26 13.16
CA ALA A 2559 -3.18 -26.33 12.66
C ALA A 2559 -3.81 -24.99 12.29
N VAL A 2560 -5.12 -24.87 12.38
CA VAL A 2560 -5.74 -23.56 12.34
C VAL A 2560 -5.66 -22.93 13.73
N GLN A 2561 -5.49 -23.76 14.75
CA GLN A 2561 -5.31 -23.26 16.11
C GLN A 2561 -3.86 -22.88 16.38
N ALA A 2562 -2.93 -23.33 15.55
CA ALA A 2562 -1.53 -22.98 15.76
C ALA A 2562 -1.20 -21.62 15.15
N ILE A 2563 -2.06 -21.11 14.28
CA ILE A 2563 -1.80 -19.82 13.66
C ILE A 2563 -2.38 -18.70 14.51
N THR A 2564 -3.32 -19.04 15.40
CA THR A 2564 -3.84 -18.09 16.37
C THR A 2564 -2.76 -17.69 17.36
N SER A 2565 -1.92 -18.63 17.75
CA SER A 2565 -1.01 -18.39 18.86
C SER A 2565 0.26 -17.69 18.42
N LEU A 2566 0.53 -17.62 17.12
CA LEU A 2566 1.76 -16.98 16.64
C LEU A 2566 1.58 -15.47 16.50
N VAL A 2567 0.35 -15.02 16.32
CA VAL A 2567 0.10 -13.60 16.12
C VAL A 2567 0.10 -12.87 17.47
N LEU A 2568 -0.33 -13.57 18.52
CA LEU A 2568 -0.49 -12.99 19.84
C LEU A 2568 0.85 -12.73 20.50
N SER A 2569 1.88 -13.47 20.11
CA SER A 2569 3.24 -13.20 20.49
C SER A 2569 3.88 -12.12 19.63
N ALA A 2570 3.13 -11.51 18.73
CA ALA A 2570 3.46 -10.22 18.16
C ALA A 2570 2.55 -9.13 18.72
N MET A 2571 1.59 -9.51 19.55
CA MET A 2571 0.61 -8.61 20.14
C MET A 2571 1.01 -8.21 21.55
N THR A 2572 2.07 -8.79 22.08
CA THR A 2572 2.50 -8.58 23.46
C THR A 2572 3.25 -7.26 23.60
N VAL A 2573 3.02 -6.56 24.71
CA VAL A 2573 3.42 -5.17 24.90
C VAL A 2573 4.87 -4.90 25.33
N PRO A 2574 5.50 -5.61 26.28
CA PRO A 2574 6.96 -5.76 26.21
C PRO A 2574 7.37 -6.80 25.17
N VAL A 2575 8.54 -7.39 25.39
CA VAL A 2575 9.48 -8.00 24.43
C VAL A 2575 8.86 -8.77 23.24
N ALA A 2576 7.60 -9.21 23.38
CA ALA A 2576 6.75 -9.66 22.27
C ALA A 2576 7.27 -10.90 21.57
N GLY A 2577 7.14 -12.04 22.25
CA GLY A 2577 7.71 -13.28 21.83
C GLY A 2577 8.36 -14.04 22.96
N ASN A 2578 8.11 -13.61 24.19
CA ASN A 2578 8.71 -14.21 25.37
C ASN A 2578 7.62 -14.42 26.40
N PRO A 2579 7.10 -15.64 26.58
CA PRO A 2579 6.11 -15.86 27.64
C PRO A 2579 6.72 -15.92 29.03
N ALA A 2580 8.05 -15.80 29.13
CA ALA A 2580 8.68 -15.69 30.43
C ALA A 2580 8.36 -14.36 31.08
N VAL A 2581 8.64 -13.25 30.37
CA VAL A 2581 8.57 -11.93 30.99
C VAL A 2581 7.14 -11.43 31.00
N SER A 2582 6.36 -11.77 29.98
CA SER A 2582 5.28 -10.91 29.53
C SER A 2582 3.99 -11.69 29.32
N CYS A 2583 2.93 -10.94 29.02
CA CYS A 2583 1.60 -11.47 28.77
C CYS A 2583 0.86 -10.50 27.86
N LEU A 2584 -0.32 -10.93 27.39
CA LEU A 2584 -1.03 -10.27 26.30
C LEU A 2584 -1.55 -8.90 26.73
N GLU A 2585 -1.46 -7.92 25.83
CA GLU A 2585 -1.94 -6.58 26.16
C GLU A 2585 -3.46 -6.58 26.21
N GLN A 2586 -4.02 -5.83 27.14
CA GLN A 2586 -5.45 -5.68 27.23
C GLN A 2586 -5.80 -4.19 27.28
N GLN A 2587 -6.98 -3.86 26.82
CA GLN A 2587 -7.38 -2.48 26.78
C GLN A 2587 -8.58 -2.26 27.68
N PRO A 2588 -8.54 -1.25 28.53
CA PRO A 2588 -9.76 -0.87 29.26
C PRO A 2588 -10.76 -0.21 28.32
N ARG A 2589 -11.99 -0.72 28.35
CA ARG A 2589 -13.05 -0.04 27.64
C ARG A 2589 -13.68 1.05 28.48
N ASN A 2590 -13.36 1.12 29.76
CA ASN A 2590 -13.75 2.23 30.59
C ASN A 2590 -12.76 3.38 30.42
N LYS A 2591 -13.27 4.58 30.24
CA LYS A 2591 -12.43 5.75 30.07
C LYS A 2591 -11.78 6.14 31.39
N PRO A 2592 -10.71 6.95 31.36
CA PRO A 2592 -10.23 7.55 32.62
C PRO A 2592 -11.24 8.54 33.17
N LEU A 2593 -11.26 8.63 34.50
CA LEU A 2593 -12.32 9.28 35.23
C LEU A 2593 -12.25 10.81 35.14
N LYS A 2594 -13.33 11.44 35.58
CA LYS A 2594 -13.41 12.89 35.68
C LYS A 2594 -13.29 13.35 37.14
N ALA A 2595 -13.63 12.48 38.09
CA ALA A 2595 -13.68 12.85 39.51
C ALA A 2595 -12.31 13.15 40.11
N LEU A 2596 -11.23 12.76 39.44
CA LEU A 2596 -9.89 13.08 39.90
C LEU A 2596 -9.51 14.49 39.44
N ASP A 2597 -8.22 14.81 39.55
CA ASP A 2597 -7.55 16.02 39.04
C ASP A 2597 -7.97 17.32 39.70
N THR A 2598 -8.79 17.29 40.75
CA THR A 2598 -9.06 18.52 41.49
C THR A 2598 -8.18 18.54 42.74
N ARG A 2599 -8.22 19.66 43.49
CA ARG A 2599 -7.40 19.77 44.69
C ARG A 2599 -7.85 18.83 45.80
N PHE A 2600 -9.15 18.58 45.91
CA PHE A 2600 -9.63 17.47 46.73
C PHE A 2600 -9.48 16.16 45.98
N GLY A 2601 -9.43 16.23 44.65
CA GLY A 2601 -9.36 15.04 43.81
C GLY A 2601 -7.99 14.42 43.68
N ARG A 2602 -6.92 15.21 43.82
CA ARG A 2602 -5.59 14.62 43.84
C ARG A 2602 -5.32 13.93 45.16
N LYS A 2603 -6.02 14.36 46.22
CA LYS A 2603 -5.94 13.67 47.49
C LYS A 2603 -6.60 12.29 47.42
N LEU A 2604 -7.55 12.11 46.48
CA LEU A 2604 -8.27 10.85 46.38
C LEU A 2604 -7.38 9.72 45.89
N SER A 2605 -6.34 10.06 45.14
CA SER A 2605 -5.55 9.04 44.44
C SER A 2605 -4.45 8.47 45.31
N ILE A 2606 -4.07 9.14 46.40
CA ILE A 2606 -3.00 8.62 47.25
C ILE A 2606 -3.56 7.58 48.23
N ILE A 2607 -4.82 7.74 48.63
CA ILE A 2607 -5.39 6.98 49.75
C ILE A 2607 -5.72 5.55 49.31
N ARG A 2608 -6.41 5.41 48.19
CA ARG A 2608 -6.71 4.10 47.64
C ARG A 2608 -5.52 3.54 46.84
N GLY A 2609 -4.33 4.12 46.95
CA GLY A 2609 -3.16 3.44 46.42
C GLY A 2609 -2.66 2.39 47.38
N ILE A 2610 -2.86 2.61 48.68
CA ILE A 2610 -2.34 1.68 49.68
C ILE A 2610 -3.29 0.51 49.87
N VAL A 2611 -4.59 0.74 49.66
CA VAL A 2611 -5.59 -0.30 49.91
C VAL A 2611 -5.55 -1.39 48.83
N GLU A 2612 -5.43 -1.00 47.57
CA GLU A 2612 -5.53 -1.94 46.45
C GLU A 2612 -4.26 -2.78 46.31
N GLN A 2613 -3.17 -2.35 46.90
CA GLN A 2613 -1.86 -2.90 46.55
C GLN A 2613 -1.55 -4.14 47.37
N GLU A 2614 -2.00 -4.18 48.62
CA GLU A 2614 -1.88 -5.40 49.41
C GLU A 2614 -3.09 -6.31 49.28
N ILE A 2615 -4.01 -6.02 48.36
CA ILE A 2615 -5.07 -6.96 48.01
C ILE A 2615 -4.50 -8.06 47.13
N GLN A 2616 -3.76 -7.65 46.10
CA GLN A 2616 -3.21 -8.53 45.09
C GLN A 2616 -2.13 -9.44 45.65
N ALA A 2617 -1.50 -9.05 46.75
CA ALA A 2617 -0.63 -9.97 47.48
C ALA A 2617 -1.43 -11.09 48.15
N MET A 2618 -2.71 -10.86 48.41
CA MET A 2618 -3.57 -11.85 49.06
C MET A 2618 -4.58 -12.44 48.08
N VAL A 2619 -5.32 -11.58 47.39
CA VAL A 2619 -6.48 -12.04 46.63
C VAL A 2619 -6.07 -12.55 45.26
N SER A 2620 -5.22 -11.83 44.57
CA SER A 2620 -5.06 -12.00 43.12
C SER A 2620 -4.33 -13.29 42.77
N LYS A 2621 -4.34 -13.58 41.47
CA LYS A 2621 -3.56 -14.65 40.88
C LYS A 2621 -2.31 -14.03 40.26
N ARG A 2622 -1.15 -14.63 40.52
CA ARG A 2622 0.10 -14.13 39.97
C ARG A 2622 0.44 -14.85 38.66
N GLU A 2623 -0.28 -14.49 37.61
CA GLU A 2623 0.06 -15.02 36.29
C GLU A 2623 1.27 -14.29 35.73
N ASN A 2624 1.42 -13.02 36.07
CA ASN A 2624 2.50 -12.21 35.52
C ASN A 2624 3.82 -12.46 36.24
N ILE A 2625 3.75 -12.83 37.51
CA ILE A 2625 4.81 -12.60 38.47
C ILE A 2625 5.36 -13.95 38.92
N ALA A 2626 6.67 -14.13 38.80
CA ALA A 2626 7.27 -15.38 39.25
C ALA A 2626 7.73 -15.28 40.69
N THR A 2627 8.47 -14.24 41.02
CA THR A 2627 9.16 -14.10 42.29
C THR A 2627 8.18 -13.88 43.44
N HIS A 2628 8.73 -13.82 44.65
CA HIS A 2628 7.92 -13.79 45.86
C HIS A 2628 7.75 -12.39 46.42
N HIS A 2629 8.19 -11.36 45.70
CA HIS A 2629 8.27 -10.04 46.29
C HIS A 2629 6.89 -9.39 46.35
N LEU A 2630 6.79 -8.29 47.10
CA LEU A 2630 5.48 -7.83 47.53
C LEU A 2630 4.87 -6.88 46.51
N TYR A 2631 5.58 -5.80 46.18
CA TYR A 2631 5.01 -4.73 45.35
C TYR A 2631 5.36 -4.98 43.87
N GLN A 2632 4.73 -6.02 43.33
CA GLN A 2632 4.88 -6.39 41.93
C GLN A 2632 3.68 -5.97 41.10
N ALA A 2633 3.08 -4.83 41.43
CA ALA A 2633 1.89 -4.38 40.71
C ALA A 2633 2.23 -4.00 39.28
N TRP A 2634 1.72 -4.79 38.34
CA TRP A 2634 2.08 -4.65 36.94
C TRP A 2634 0.89 -5.00 36.07
N ASP A 2635 0.38 -4.01 35.36
CA ASP A 2635 -0.72 -4.18 34.42
C ASP A 2635 -0.21 -3.83 33.03
N PRO A 2636 -0.36 -4.71 32.04
CA PRO A 2636 0.30 -4.45 30.76
C PRO A 2636 -0.50 -3.60 29.79
N VAL A 2637 -1.43 -2.76 30.27
CA VAL A 2637 -2.12 -1.79 29.42
C VAL A 2637 -1.12 -0.81 28.80
N PRO A 2638 -1.01 -0.73 27.48
CA PRO A 2638 -0.08 0.22 26.88
C PRO A 2638 -0.70 1.60 26.76
N SER A 2639 0.03 2.51 26.12
CA SER A 2639 -0.40 3.90 26.10
C SER A 2639 -1.27 4.21 24.89
N LEU A 2640 -0.72 4.06 23.69
CA LEU A 2640 -1.30 4.54 22.41
C LEU A 2640 -1.74 5.99 22.47
N THR A 2644 0.90 2.85 16.45
CA THR A 2644 1.66 3.92 17.09
C THR A 2644 1.68 3.72 18.61
N THR A 2645 2.19 2.57 19.04
CA THR A 2645 2.26 2.27 20.46
C THR A 2645 3.39 3.05 21.13
N GLY A 2646 3.32 3.13 22.45
CA GLY A 2646 4.29 3.90 23.20
C GLY A 2646 4.78 3.21 24.46
N ALA A 2647 4.84 3.96 25.55
CA ALA A 2647 5.35 3.43 26.80
C ALA A 2647 4.31 2.55 27.49
N LEU A 2648 4.70 1.99 28.62
CA LEU A 2648 3.81 1.15 29.40
C LEU A 2648 3.26 1.96 30.57
N ILE A 2649 1.98 1.75 30.88
CA ILE A 2649 1.30 2.47 31.95
C ILE A 2649 1.41 1.66 33.24
N SER A 2650 1.88 2.30 34.31
CA SER A 2650 2.01 1.63 35.59
C SER A 2650 0.64 1.33 36.20
N HIS A 2651 0.66 0.52 37.27
CA HIS A 2651 -0.58 0.02 37.84
C HIS A 2651 -1.30 1.08 38.66
N GLU A 2652 -0.54 2.00 39.25
CA GLU A 2652 -1.14 3.02 40.10
C GLU A 2652 -1.82 4.12 39.29
N LYS A 2653 -1.59 4.18 37.99
CA LYS A 2653 -2.13 5.26 37.18
C LYS A 2653 -3.46 4.86 36.54
N LEU A 2654 -3.66 3.57 36.32
CA LEU A 2654 -4.91 3.05 35.77
C LEU A 2654 -5.87 2.54 36.84
N LEU A 2655 -5.92 3.24 37.99
CA LEU A 2655 -6.51 2.85 39.28
C LEU A 2655 -7.82 2.08 39.20
N LEU A 2656 -8.76 2.55 38.39
CA LEU A 2656 -10.01 1.84 38.15
C LEU A 2656 -10.34 1.73 36.66
N GLN A 2657 -9.39 1.34 35.83
CA GLN A 2657 -9.64 1.24 34.40
C GLN A 2657 -10.10 -0.16 34.01
N ILE A 2658 -9.62 -1.17 34.72
CA ILE A 2658 -9.72 -2.56 34.27
C ILE A 2658 -11.18 -3.01 34.32
N ASN A 2659 -11.60 -3.70 33.28
CA ASN A 2659 -12.99 -4.09 33.13
C ASN A 2659 -13.38 -5.17 34.15
N PRO A 2660 -14.65 -5.20 34.58
CA PRO A 2660 -15.07 -6.16 35.60
C PRO A 2660 -15.24 -7.59 35.09
N GLU A 2661 -14.91 -7.86 33.84
CA GLU A 2661 -15.08 -9.21 33.30
C GLU A 2661 -13.96 -10.13 33.75
N ARG A 2662 -12.93 -9.58 34.38
CA ARG A 2662 -11.69 -10.31 34.57
C ARG A 2662 -11.38 -10.47 36.05
N GLU A 2663 -10.91 -11.67 36.42
CA GLU A 2663 -10.35 -11.94 37.74
C GLU A 2663 -9.13 -11.05 37.96
N LEU A 2664 -8.81 -10.79 39.24
CA LEU A 2664 -7.77 -9.84 39.59
C LEU A 2664 -6.40 -10.31 39.12
N GLY A 2665 -5.88 -9.64 38.11
CA GLY A 2665 -4.51 -9.85 37.69
C GLY A 2665 -4.29 -11.07 36.83
N SER A 2666 -5.32 -11.88 36.61
CA SER A 2666 -5.18 -13.09 35.81
C SER A 2666 -5.17 -12.68 34.36
N MET A 2667 -4.05 -12.86 33.69
CA MET A 2667 -3.84 -12.33 32.35
C MET A 2667 -3.95 -13.46 31.33
N SER A 2668 -5.03 -13.42 30.56
CA SER A 2668 -5.28 -14.37 29.49
C SER A 2668 -6.23 -13.72 28.51
N TYR A 2669 -6.55 -14.45 27.45
CA TYR A 2669 -7.57 -13.97 26.53
C TYR A 2669 -8.93 -14.13 27.19
N LYS A 2670 -9.73 -13.07 27.21
CA LYS A 2670 -11.09 -13.21 27.72
C LYS A 2670 -12.04 -12.30 26.93
N LEU A 2671 -11.94 -12.32 25.61
CA LEU A 2671 -12.85 -11.68 24.64
C LEU A 2671 -12.89 -10.16 24.73
N GLY A 2672 -12.03 -9.53 25.51
CA GLY A 2672 -12.08 -8.09 25.65
C GLY A 2672 -10.72 -7.46 25.65
N GLN A 2673 -9.77 -8.07 24.94
CA GLN A 2673 -8.38 -7.61 24.99
C GLN A 2673 -8.24 -6.24 24.34
N VAL A 2674 -8.68 -6.10 23.10
CA VAL A 2674 -8.62 -4.81 22.41
C VAL A 2674 -10.03 -4.27 22.33
N SER A 2675 -10.32 -3.24 23.13
CA SER A 2675 -11.59 -2.56 23.06
C SER A 2675 -11.58 -1.59 21.89
N ILE A 2676 -12.77 -1.27 21.38
CA ILE A 2676 -12.84 -0.46 20.17
C ILE A 2676 -12.56 1.01 20.42
N HIS A 2677 -12.37 1.42 21.68
CA HIS A 2677 -11.69 2.68 21.95
C HIS A 2677 -10.28 2.66 21.40
N SER A 2678 -9.58 1.52 21.54
CA SER A 2678 -8.17 1.48 21.18
C SER A 2678 -7.94 1.06 19.73
N VAL A 2679 -8.99 0.76 18.98
CA VAL A 2679 -8.82 0.52 17.55
C VAL A 2679 -8.69 1.84 16.81
N TRP A 2680 -9.41 2.86 17.27
CA TRP A 2680 -9.63 4.06 16.47
C TRP A 2680 -8.53 5.08 16.64
N LEU A 2681 -7.76 5.00 17.73
CA LEU A 2681 -6.70 5.95 17.97
C LEU A 2681 -5.30 5.36 17.81
N GLY A 2682 -5.19 4.10 17.38
CA GLY A 2682 -3.95 3.56 16.88
C GLY A 2682 -4.02 3.47 15.36
N ASN A 2683 -5.16 3.01 14.87
CA ASN A 2683 -5.52 3.10 13.46
C ASN A 2683 -6.57 4.20 13.33
N SER A 2684 -6.19 5.34 12.75
CA SER A 2684 -7.01 6.55 12.79
C SER A 2684 -8.20 6.41 11.85
N ILE A 2685 -9.21 5.65 12.31
CA ILE A 2685 -10.46 5.46 11.59
C ILE A 2685 -11.63 5.64 12.57
N THR A 2686 -12.48 6.63 12.29
CA THR A 2686 -13.68 6.88 13.09
C THR A 2686 -14.82 7.13 12.12
N PRO A 2687 -15.94 6.40 12.22
CA PRO A 2687 -17.11 6.64 11.37
C PRO A 2687 -17.82 7.96 11.73
N GLY A 2722 8.83 -6.01 16.01
CA GLY A 2722 9.72 -5.86 14.87
C GLY A 2722 9.24 -6.59 13.64
N VAL A 2723 8.44 -7.64 13.87
CA VAL A 2723 7.79 -8.36 12.79
C VAL A 2723 6.82 -7.44 12.06
N ASP A 2724 6.74 -7.58 10.74
CA ASP A 2724 5.66 -6.93 9.99
C ASP A 2724 4.38 -7.66 10.34
N ILE A 2725 3.69 -7.14 11.37
CA ILE A 2725 2.44 -7.73 11.81
C ILE A 2725 1.31 -7.34 10.86
N HIS A 2726 1.53 -6.29 10.07
CA HIS A 2726 0.58 -5.90 9.03
C HIS A 2726 0.61 -6.89 7.88
N SER A 2727 1.76 -7.54 7.66
CA SER A 2727 1.92 -8.48 6.57
C SER A 2727 1.16 -9.78 6.81
N CYS A 2728 1.17 -10.27 8.05
CA CYS A 2728 0.66 -11.61 8.31
C CYS A 2728 -0.88 -11.63 8.38
N SER A 2729 -1.51 -10.46 8.41
CA SER A 2729 -2.95 -10.43 8.64
C SER A 2729 -3.72 -10.26 7.34
N GLN A 2730 -3.05 -9.85 6.26
CA GLN A 2730 -3.71 -9.81 4.96
C GLN A 2730 -3.78 -11.21 4.35
N PHE A 2731 -2.80 -12.05 4.66
CA PHE A 2731 -2.77 -13.39 4.11
C PHE A 2731 -3.83 -14.29 4.74
N LEU A 2732 -4.30 -13.95 5.93
CA LEU A 2732 -5.29 -14.80 6.59
C LEU A 2732 -6.71 -14.42 6.21
N LEU A 2733 -6.95 -13.32 5.53
CA LEU A 2733 -8.32 -13.07 5.09
C LEU A 2733 -8.66 -13.87 3.84
N GLU A 2734 -7.68 -14.17 3.01
CA GLU A 2734 -7.95 -14.92 1.78
C GLU A 2734 -8.26 -16.39 2.09
N LEU A 2735 -7.64 -16.95 3.12
CA LEU A 2735 -7.71 -18.39 3.33
C LEU A 2735 -9.02 -18.82 3.96
N TYR A 2736 -9.56 -18.04 4.90
CA TYR A 2736 -10.69 -18.53 5.67
C TYR A 2736 -12.01 -18.16 5.00
N SER A 2737 -11.98 -17.56 3.83
CA SER A 2737 -13.23 -17.27 3.13
C SER A 2737 -13.56 -18.34 2.10
N ARG A 2738 -12.56 -18.95 1.49
CA ARG A 2738 -12.78 -20.01 0.51
C ARG A 2738 -13.21 -21.32 1.15
N TRP A 2739 -12.93 -21.48 2.45
CA TRP A 2739 -13.37 -22.65 3.20
C TRP A 2739 -14.82 -22.50 3.65
N ILE A 2740 -15.24 -21.26 3.89
CA ILE A 2740 -16.63 -20.99 4.24
C ILE A 2740 -17.49 -20.88 2.98
N LEU A 2741 -17.06 -20.09 2.03
CA LEU A 2741 -17.82 -19.89 0.80
C LEU A 2741 -17.40 -20.90 -0.26
N THR A 2749 -16.13 -27.91 3.21
CA THR A 2749 -15.46 -28.21 4.47
C THR A 2749 -16.40 -28.90 5.44
N PRO A 2750 -15.90 -29.90 6.16
CA PRO A 2750 -16.76 -30.66 7.07
C PRO A 2750 -17.21 -29.82 8.26
N ALA A 2751 -18.26 -30.31 8.92
CA ALA A 2751 -18.86 -29.58 10.04
C ALA A 2751 -17.94 -29.51 11.25
N ILE A 2752 -16.93 -30.36 11.33
CA ILE A 2752 -15.88 -30.19 12.33
C ILE A 2752 -15.04 -28.97 12.00
N LEU A 2753 -14.75 -28.77 10.71
CA LEU A 2753 -13.93 -27.63 10.31
C LEU A 2753 -14.74 -26.37 10.09
N ILE A 2754 -16.07 -26.42 10.16
CA ILE A 2754 -16.83 -25.18 10.07
C ILE A 2754 -16.69 -24.37 11.34
N SER A 2755 -16.66 -25.03 12.51
CA SER A 2755 -16.75 -24.34 13.78
C SER A 2755 -15.42 -23.71 14.18
N GLU A 2756 -14.30 -24.38 13.87
CA GLU A 2756 -13.01 -23.90 14.34
C GLU A 2756 -12.37 -22.88 13.41
N VAL A 2757 -13.01 -22.52 12.31
CA VAL A 2757 -12.47 -21.49 11.42
C VAL A 2757 -13.05 -20.13 11.75
N VAL A 2758 -14.25 -20.09 12.31
CA VAL A 2758 -14.86 -18.83 12.71
C VAL A 2758 -14.20 -18.31 13.99
N ARG A 2759 -13.57 -19.20 14.75
CA ARG A 2759 -13.00 -18.85 16.03
C ARG A 2759 -11.58 -18.31 15.90
N SER A 2760 -10.86 -18.71 14.86
CA SER A 2760 -9.50 -18.22 14.66
C SER A 2760 -9.48 -16.81 14.12
N LEU A 2761 -10.59 -16.37 13.56
CA LEU A 2761 -10.64 -15.08 12.88
C LEU A 2761 -11.03 -13.98 13.84
N LEU A 2762 -11.60 -14.34 14.98
CA LEU A 2762 -12.04 -13.37 15.97
C LEU A 2762 -10.89 -12.97 16.89
N VAL A 2763 -9.85 -13.81 16.98
CA VAL A 2763 -8.74 -13.57 17.89
C VAL A 2763 -7.73 -12.63 17.27
N VAL A 2764 -7.47 -12.78 15.97
CA VAL A 2764 -6.49 -11.99 15.25
C VAL A 2764 -6.98 -10.55 15.08
N SER A 2765 -8.28 -10.31 15.28
CA SER A 2765 -9.02 -9.06 15.18
C SER A 2765 -8.49 -7.95 16.02
N ASP A 2766 -7.65 -8.30 17.01
CA ASP A 2766 -6.80 -7.32 17.65
C ASP A 2766 -5.87 -6.62 16.63
N LEU A 2767 -5.43 -7.34 15.60
CA LEU A 2767 -4.33 -6.90 14.77
C LEU A 2767 -4.74 -6.41 13.39
N PHE A 2768 -6.04 -6.25 13.13
CA PHE A 2768 -6.42 -5.62 11.87
C PHE A 2768 -6.16 -4.12 11.94
N THR A 2769 -5.42 -3.61 10.97
CA THR A 2769 -4.87 -2.26 11.04
C THR A 2769 -5.39 -1.33 9.96
N GLU A 2770 -6.52 -1.61 9.33
CA GLU A 2770 -6.99 -0.77 8.24
C GLU A 2770 -8.49 -0.87 8.13
N ARG A 2771 -9.12 0.23 7.67
CA ARG A 2771 -10.55 0.21 7.41
C ARG A 2771 -10.88 -0.60 6.16
N ASN A 2772 -9.88 -0.90 5.33
CA ASN A 2772 -10.09 -1.87 4.27
C ASN A 2772 -10.19 -3.28 4.84
N GLN A 2773 -9.51 -3.53 5.96
CA GLN A 2773 -9.44 -4.89 6.48
C GLN A 2773 -10.69 -5.27 7.28
N PHE A 2774 -11.33 -4.30 7.94
CA PHE A 2774 -12.52 -4.64 8.71
C PHE A 2774 -13.75 -4.84 7.85
N GLU A 2775 -13.73 -4.39 6.59
CA GLU A 2775 -14.92 -4.48 5.76
C GLU A 2775 -15.07 -5.87 5.17
N LEU A 2776 -13.95 -6.57 4.97
CA LEU A 2776 -14.01 -7.90 4.39
C LEU A 2776 -14.44 -8.93 5.42
N MET A 2777 -14.32 -8.60 6.71
CA MET A 2777 -14.66 -9.55 7.77
C MET A 2777 -16.16 -9.71 7.91
N TYR A 2778 -16.91 -8.62 7.74
CA TYR A 2778 -18.35 -8.67 7.98
C TYR A 2778 -19.09 -9.31 6.82
N VAL A 2779 -18.49 -9.37 5.64
CA VAL A 2779 -19.20 -9.85 4.46
C VAL A 2779 -19.28 -11.37 4.47
N THR A 2780 -18.23 -12.04 4.94
CA THR A 2780 -18.20 -13.50 4.88
C THR A 2780 -19.09 -14.14 5.94
N LEU A 2781 -19.39 -13.43 7.02
CA LEU A 2781 -20.11 -14.05 8.12
C LEU A 2781 -21.62 -14.02 7.94
N THR A 2782 -22.14 -13.15 7.08
CA THR A 2782 -23.58 -13.06 6.92
C THR A 2782 -24.10 -13.98 5.83
N GLU A 2783 -23.24 -14.35 4.88
CA GLU A 2783 -23.62 -15.31 3.84
C GLU A 2783 -23.62 -16.73 4.38
N LEU A 2784 -23.07 -16.92 5.58
CA LEU A 2784 -23.05 -18.24 6.21
C LEU A 2784 -24.38 -18.58 6.86
N ARG A 2785 -24.93 -17.62 7.61
CA ARG A 2785 -26.10 -17.87 8.45
C ARG A 2785 -27.33 -18.24 7.62
N ARG A 2786 -27.47 -17.62 6.44
CA ARG A 2786 -28.57 -17.93 5.54
C ARG A 2786 -28.37 -19.27 4.84
N VAL A 2787 -27.17 -19.83 4.89
CA VAL A 2787 -26.88 -21.08 4.21
C VAL A 2787 -26.65 -22.20 5.22
N HIS A 2788 -25.79 -21.98 6.19
CA HIS A 2788 -25.57 -22.95 7.24
C HIS A 2788 -26.79 -23.01 8.14
N PRO A 2789 -27.17 -24.20 8.63
CA PRO A 2789 -28.38 -24.33 9.45
C PRO A 2789 -28.28 -23.57 10.77
N SER A 2790 -29.45 -23.14 11.25
CA SER A 2790 -29.53 -22.33 12.46
C SER A 2790 -29.28 -23.17 13.70
N GLU A 2791 -29.55 -24.47 13.64
CA GLU A 2791 -29.35 -25.34 14.79
C GLU A 2791 -28.01 -26.07 14.67
N ASP A 2792 -26.95 -25.28 14.85
CA ASP A 2792 -25.59 -25.79 15.02
C ASP A 2792 -25.03 -24.93 16.14
N GLU A 2793 -25.18 -25.39 17.38
CA GLU A 2793 -25.03 -24.46 18.49
C GLU A 2793 -23.61 -24.41 19.02
N ILE A 2794 -22.71 -25.23 18.48
CA ILE A 2794 -21.29 -24.94 18.63
C ILE A 2794 -20.92 -23.76 17.77
N LEU A 2795 -21.32 -23.83 16.50
CA LEU A 2795 -21.03 -22.75 15.55
C LEU A 2795 -21.82 -21.50 15.88
N ALA A 2796 -22.91 -21.62 16.64
CA ALA A 2796 -23.74 -20.46 16.90
C ALA A 2796 -23.09 -19.51 17.91
N GLN A 2797 -22.18 -20.00 18.73
CA GLN A 2797 -21.68 -19.17 19.82
C GLN A 2797 -20.29 -18.61 19.57
N TYR A 2798 -19.71 -18.84 18.40
CA TYR A 2798 -18.46 -18.17 18.03
C TYR A 2798 -18.68 -17.00 17.07
N LEU A 2799 -19.82 -16.97 16.40
CA LEU A 2799 -20.12 -16.03 15.33
C LEU A 2799 -20.87 -14.81 15.82
N VAL A 2800 -21.67 -14.98 16.88
CA VAL A 2800 -22.26 -13.83 17.56
C VAL A 2800 -21.20 -12.97 18.25
N PRO A 2801 -20.10 -13.51 18.81
CA PRO A 2801 -18.96 -12.63 19.08
C PRO A 2801 -18.28 -12.13 17.83
N ALA A 2802 -18.36 -12.83 16.71
CA ALA A 2802 -17.58 -12.43 15.53
C ALA A 2802 -18.29 -11.33 14.74
N THR A 2803 -19.60 -11.45 14.53
CA THR A 2803 -20.30 -10.48 13.69
C THR A 2803 -20.47 -9.13 14.37
N CYS A 2804 -20.31 -9.06 15.69
CA CYS A 2804 -20.67 -7.84 16.41
C CYS A 2804 -19.48 -6.93 16.59
N LYS A 2805 -18.26 -7.44 16.50
CA LYS A 2805 -17.11 -6.57 16.65
C LYS A 2805 -16.74 -5.93 15.32
N ALA A 2806 -17.34 -6.40 14.23
CA ALA A 2806 -17.15 -5.75 12.94
C ALA A 2806 -17.95 -4.45 12.86
N ALA A 2807 -19.23 -4.49 13.21
CA ALA A 2807 -20.16 -3.37 13.08
C ALA A 2807 -19.89 -2.23 14.05
N ALA A 2808 -18.94 -2.39 14.95
CA ALA A 2808 -18.50 -1.35 15.87
C ALA A 2808 -17.42 -0.48 15.27
N VAL A 2809 -16.37 -1.11 14.72
CA VAL A 2809 -15.38 -0.38 13.94
C VAL A 2809 -16.01 0.16 12.67
N LEU A 2810 -16.89 -0.63 12.05
CA LEU A 2810 -17.75 -0.10 11.02
C LEU A 2810 -18.79 0.84 11.63
N GLY A 2811 -19.42 1.65 10.78
CA GLY A 2811 -20.53 2.45 11.25
C GLY A 2811 -21.73 1.59 11.58
N MET A 2812 -22.33 1.88 12.73
CA MET A 2812 -23.53 1.16 13.17
C MET A 2812 -24.75 1.77 12.50
N ASP A 2813 -24.83 1.58 11.19
CA ASP A 2813 -25.76 2.32 10.36
C ASP A 2813 -27.06 1.54 10.18
N LYS A 2814 -28.00 2.19 9.48
CA LYS A 2814 -29.36 1.67 9.36
C LYS A 2814 -29.41 0.41 8.52
N ALA A 2815 -28.47 0.26 7.58
CA ALA A 2815 -28.37 -0.99 6.84
C ALA A 2815 -27.57 -2.04 7.60
N VAL A 2816 -26.95 -1.67 8.72
CA VAL A 2816 -26.08 -2.57 9.47
C VAL A 2816 -26.76 -2.90 10.80
N ALA A 2817 -27.59 -1.99 11.31
CA ALA A 2817 -28.23 -2.20 12.60
C ALA A 2817 -29.28 -3.32 12.51
N GLU A 2818 -30.13 -3.27 11.48
CA GLU A 2818 -31.17 -4.28 11.31
C GLU A 2818 -30.65 -5.71 11.11
N PRO A 2819 -29.49 -5.96 10.49
CA PRO A 2819 -28.93 -7.31 10.62
C PRO A 2819 -28.27 -7.58 11.97
N VAL A 2820 -27.65 -6.60 12.61
CA VAL A 2820 -26.91 -6.92 13.84
C VAL A 2820 -27.84 -6.97 15.05
N SER A 2821 -28.93 -6.20 15.04
CA SER A 2821 -29.80 -6.16 16.22
C SER A 2821 -30.66 -7.41 16.34
N ARG A 2822 -31.00 -8.05 15.22
CA ARG A 2822 -31.94 -9.17 15.27
C ARG A 2822 -31.25 -10.43 15.77
N LEU A 2823 -29.94 -10.54 15.58
CA LEU A 2823 -29.22 -11.75 15.93
C LEU A 2823 -28.91 -11.84 17.42
N LEU A 2824 -28.89 -10.71 18.14
CA LEU A 2824 -28.58 -10.73 19.56
C LEU A 2824 -29.79 -11.12 20.39
N GLU A 2825 -31.00 -10.97 19.83
CA GLU A 2825 -32.21 -11.22 20.59
C GLU A 2825 -32.50 -12.71 20.70
N SER A 2826 -32.12 -13.47 19.68
CA SER A 2826 -32.54 -14.87 19.58
C SER A 2826 -31.65 -15.78 20.41
N THR A 2827 -30.33 -15.57 20.37
CA THR A 2827 -29.37 -16.42 21.07
C THR A 2827 -29.45 -16.28 22.58
N LEU A 2828 -29.97 -15.16 23.10
CA LEU A 2828 -30.24 -15.05 24.51
C LEU A 2828 -31.42 -15.90 24.94
N ARG A 2829 -32.27 -16.32 24.01
CA ARG A 2829 -33.33 -17.26 24.30
C ARG A 2829 -32.88 -18.71 24.18
N SER A 2830 -31.64 -18.96 23.76
CA SER A 2830 -31.19 -20.32 23.55
C SER A 2830 -30.98 -21.03 24.88
N SER A 2831 -31.14 -22.35 24.85
CA SER A 2831 -30.98 -23.19 26.02
C SER A 2831 -29.55 -23.59 26.28
N HIS A 2832 -28.64 -23.20 25.39
CA HIS A 2832 -27.24 -23.59 25.51
C HIS A 2832 -26.51 -22.56 26.35
N LEU A 2833 -26.15 -22.93 27.58
CA LEU A 2833 -25.64 -21.96 28.54
C LEU A 2833 -24.27 -21.35 28.20
N PRO A 2834 -23.33 -22.03 27.53
CA PRO A 2834 -22.19 -21.28 26.98
C PRO A 2834 -22.49 -20.57 25.69
N SER A 2835 -23.67 -20.78 25.09
CA SER A 2835 -24.04 -19.92 23.98
C SER A 2835 -24.67 -18.63 24.49
N ARG A 2836 -25.12 -18.61 25.74
CA ARG A 2836 -25.66 -17.38 26.32
C ARG A 2836 -24.56 -16.37 26.58
N VAL A 2837 -23.32 -16.83 26.73
CA VAL A 2837 -22.25 -16.00 27.27
C VAL A 2837 -21.51 -15.28 26.16
N GLY A 2838 -21.39 -15.92 24.99
CA GLY A 2838 -20.73 -15.27 23.88
C GLY A 2838 -21.57 -14.18 23.25
N ALA A 2839 -22.89 -14.26 23.43
CA ALA A 2839 -23.77 -13.29 22.81
C ALA A 2839 -23.86 -12.02 23.61
N LEU A 2840 -23.36 -12.03 24.84
CA LEU A 2840 -23.50 -10.87 25.71
C LEU A 2840 -22.27 -9.96 25.59
N HIS A 2841 -21.16 -10.50 25.07
CA HIS A 2841 -20.01 -9.68 24.72
C HIS A 2841 -20.26 -8.89 23.45
N GLY A 2842 -21.20 -9.33 22.63
CA GLY A 2842 -21.50 -8.61 21.41
C GLY A 2842 -22.41 -7.41 21.66
N VAL A 2843 -23.06 -7.39 22.83
CA VAL A 2843 -23.86 -6.25 23.24
C VAL A 2843 -22.96 -5.06 23.54
N LEU A 2844 -21.81 -5.34 24.14
CA LEU A 2844 -20.92 -4.32 24.67
C LEU A 2844 -20.36 -3.43 23.56
N TYR A 2845 -19.78 -4.04 22.52
CA TYR A 2845 -19.11 -3.31 21.45
C TYR A 2845 -20.07 -2.42 20.67
N VAL A 2846 -21.33 -2.84 20.56
CA VAL A 2846 -22.35 -2.01 19.96
C VAL A 2846 -22.73 -0.88 20.92
N LEU A 2847 -22.82 -1.19 22.20
CA LEU A 2847 -23.12 -0.21 23.25
C LEU A 2847 -21.94 0.67 23.61
N GLU A 2848 -20.77 0.45 23.02
CA GLU A 2848 -19.55 1.01 23.59
C GLU A 2848 -19.29 2.43 23.14
N CYS A 2849 -19.08 2.64 21.85
CA CYS A 2849 -18.51 3.91 21.42
C CYS A 2849 -19.37 4.66 20.43
N ASP A 2850 -19.98 3.94 19.50
CA ASP A 2850 -20.70 4.60 18.42
C ASP A 2850 -21.99 5.21 18.96
N LEU A 2851 -22.25 6.46 18.57
CA LEU A 2851 -23.52 7.09 18.91
C LEU A 2851 -24.60 6.33 18.14
N LEU A 2852 -25.30 5.48 18.88
CA LEU A 2852 -26.11 4.42 18.30
C LEU A 2852 -27.41 5.00 17.76
N ASP A 2853 -28.02 4.28 16.83
CA ASP A 2853 -29.20 4.77 16.14
C ASP A 2853 -30.39 4.84 17.11
N ASP A 2854 -31.27 5.82 16.87
CA ASP A 2854 -32.29 6.15 17.84
C ASP A 2854 -33.38 5.07 17.92
N THR A 2855 -33.64 4.36 16.83
CA THR A 2855 -34.62 3.29 16.87
C THR A 2855 -34.01 2.01 17.39
N ALA A 2856 -32.70 1.83 17.21
CA ALA A 2856 -32.06 0.61 17.67
C ALA A 2856 -31.72 0.68 19.15
N LYS A 2857 -31.63 1.88 19.73
CA LYS A 2857 -31.44 2.01 21.17
C LYS A 2857 -32.73 1.86 21.95
N GLN A 2858 -33.87 1.78 21.26
CA GLN A 2858 -35.10 1.28 21.86
C GLN A 2858 -35.16 -0.24 21.88
N LEU A 2859 -34.09 -0.89 21.43
CA LEU A 2859 -33.90 -2.33 21.61
C LEU A 2859 -32.80 -2.63 22.60
N ILE A 2860 -32.37 -1.62 23.36
CA ILE A 2860 -31.66 -1.80 24.63
C ILE A 2860 -32.65 -2.27 25.71
N PRO A 2861 -33.93 -1.81 25.75
CA PRO A 2861 -34.90 -2.55 26.57
C PRO A 2861 -35.25 -3.96 26.10
N VAL A 2862 -34.65 -4.47 25.02
CA VAL A 2862 -34.63 -5.92 24.81
C VAL A 2862 -33.54 -6.54 25.69
N ILE A 2863 -32.39 -5.88 25.80
CA ILE A 2863 -31.28 -6.43 26.55
C ILE A 2863 -31.37 -5.98 28.02
N SER A 2864 -32.17 -4.94 28.30
CA SER A 2864 -32.34 -4.53 29.70
C SER A 2864 -33.24 -5.50 30.46
N ASP A 2865 -34.12 -6.21 29.76
CA ASP A 2865 -35.11 -7.04 30.44
C ASP A 2865 -34.51 -8.39 30.81
N TYR A 2866 -33.48 -8.82 30.08
CA TYR A 2866 -32.84 -10.11 30.37
C TYR A 2866 -32.02 -10.05 31.64
N LEU A 2867 -31.53 -8.86 32.01
CA LEU A 2867 -30.62 -8.73 33.14
C LEU A 2867 -31.37 -8.77 34.47
N LEU A 2868 -32.65 -8.38 34.47
CA LEU A 2868 -33.38 -8.34 35.74
C LEU A 2868 -33.79 -9.73 36.18
N SER A 2869 -34.00 -10.65 35.23
CA SER A 2869 -34.60 -11.94 35.57
C SER A 2869 -33.58 -12.89 36.21
N ASN A 2870 -32.32 -12.79 35.81
CA ASN A 2870 -31.32 -13.75 36.24
C ASN A 2870 -30.41 -13.24 37.35
N LEU A 2871 -30.76 -12.13 37.98
CA LEU A 2871 -30.09 -11.73 39.22
C LEU A 2871 -30.93 -12.10 40.43
N LYS A 2872 -32.25 -12.09 40.29
CA LYS A 2872 -33.13 -12.49 41.38
C LYS A 2872 -33.03 -13.98 41.66
N GLY A 2873 -32.64 -14.77 40.66
CA GLY A 2873 -32.39 -16.18 40.90
C GLY A 2873 -30.97 -16.43 41.37
N ILE A 2874 -30.05 -15.51 41.06
CA ILE A 2874 -28.64 -15.67 41.44
C ILE A 2874 -28.31 -14.54 42.42
N ALA A 2875 -29.28 -14.16 43.24
CA ALA A 2875 -28.98 -13.29 44.37
C ALA A 2875 -28.55 -14.11 45.58
N HIS A 2876 -29.40 -15.06 45.98
CA HIS A 2876 -29.14 -15.90 47.15
C HIS A 2876 -28.00 -16.86 46.86
N CYS A 2877 -28.22 -17.74 45.90
CA CYS A 2877 -27.25 -18.77 45.53
C CYS A 2877 -26.52 -18.34 44.28
N VAL A 2878 -25.18 -18.29 44.38
CA VAL A 2878 -24.31 -18.13 43.22
C VAL A 2878 -23.49 -19.39 43.00
N ASN A 2879 -23.24 -20.16 44.07
CA ASN A 2879 -22.51 -21.42 44.00
C ASN A 2879 -23.19 -22.43 43.09
N ILE A 2880 -24.51 -22.38 42.99
CA ILE A 2880 -25.25 -23.38 42.21
C ILE A 2880 -25.17 -23.10 40.72
N HIS A 2881 -25.41 -21.86 40.30
CA HIS A 2881 -25.81 -21.61 38.92
C HIS A 2881 -24.62 -21.67 37.96
N SER A 2882 -23.68 -20.74 38.10
CA SER A 2882 -22.48 -20.72 37.28
C SER A 2882 -21.43 -19.84 37.95
N GLN A 2883 -20.30 -19.68 37.30
CA GLN A 2883 -19.31 -18.68 37.68
C GLN A 2883 -19.12 -17.64 36.59
N GLN A 2884 -18.78 -18.07 35.38
CA GLN A 2884 -18.48 -17.09 34.34
C GLN A 2884 -19.71 -16.80 33.51
N HIS A 2885 -20.87 -17.37 33.87
CA HIS A 2885 -22.10 -16.74 33.42
C HIS A 2885 -22.60 -15.75 34.44
N VAL A 2886 -22.24 -15.93 35.71
CA VAL A 2886 -22.66 -14.96 36.71
C VAL A 2886 -21.73 -13.76 36.71
N LEU A 2887 -20.47 -13.94 36.30
CA LEU A 2887 -19.52 -12.83 36.42
C LEU A 2887 -19.58 -11.88 35.23
N VAL A 2888 -19.86 -12.39 34.03
CA VAL A 2888 -19.79 -11.54 32.84
C VAL A 2888 -21.09 -10.75 32.67
N MET A 2889 -22.13 -11.15 33.39
CA MET A 2889 -23.46 -10.60 33.18
C MET A 2889 -23.69 -9.39 34.09
N CYS A 2890 -22.94 -9.30 35.18
CA CYS A 2890 -22.99 -8.13 36.05
C CYS A 2890 -22.03 -7.06 35.57
N ALA A 2891 -21.20 -7.36 34.58
CA ALA A 2891 -20.21 -6.39 34.13
C ALA A 2891 -20.79 -5.45 33.09
N THR A 2892 -21.78 -5.92 32.34
CA THR A 2892 -22.44 -5.07 31.36
C THR A 2892 -23.62 -4.32 31.95
N ALA A 2893 -24.01 -4.64 33.18
CA ALA A 2893 -25.01 -3.81 33.86
C ALA A 2893 -24.39 -2.51 34.33
N PHE A 2894 -23.09 -2.51 34.60
CA PHE A 2894 -22.43 -1.32 35.11
C PHE A 2894 -22.10 -0.36 34.00
N TYR A 2895 -22.08 -0.85 32.75
CA TYR A 2895 -21.69 -0.01 31.63
C TYR A 2895 -22.87 0.78 31.09
N LEU A 2896 -24.07 0.46 31.56
CA LEU A 2896 -25.27 1.16 31.09
C LEU A 2896 -25.57 2.37 31.97
N ILE A 2897 -25.32 2.26 33.27
CA ILE A 2897 -25.76 3.29 34.20
C ILE A 2897 -24.86 4.52 34.10
N GLU A 2898 -23.57 4.31 33.87
CA GLU A 2898 -22.63 5.41 33.70
C GLU A 2898 -22.86 6.15 32.40
N ASN A 2899 -22.76 5.45 31.27
CA ASN A 2899 -22.66 6.12 29.98
C ASN A 2899 -24.02 6.41 29.38
N TYR A 2900 -24.95 5.46 29.46
CA TYR A 2900 -26.25 5.58 28.80
C TYR A 2900 -27.43 5.54 29.76
N PRO A 2901 -27.62 6.58 30.57
CA PRO A 2901 -28.64 6.53 31.64
C PRO A 2901 -30.06 6.57 31.11
N LEU A 2902 -30.35 7.58 30.28
CA LEU A 2902 -31.70 7.94 29.94
C LEU A 2902 -32.35 6.96 28.96
N ASP A 2903 -31.54 6.18 28.24
CA ASP A 2903 -32.09 5.25 27.27
C ASP A 2903 -32.73 4.05 27.95
N VAL A 2904 -32.40 3.82 29.23
CA VAL A 2904 -33.09 2.85 30.06
C VAL A 2904 -33.80 3.65 31.14
N GLY A 2905 -34.70 3.00 31.89
CA GLY A 2905 -35.50 3.69 32.87
C GLY A 2905 -34.71 4.15 34.09
N PRO A 2906 -35.17 5.22 34.73
CA PRO A 2906 -34.58 5.61 36.03
C PRO A 2906 -34.84 4.57 37.12
N GLU A 2907 -35.90 3.77 36.97
CA GLU A 2907 -36.13 2.68 37.91
C GLU A 2907 -35.14 1.54 37.71
N PHE A 2908 -34.49 1.47 36.54
CA PHE A 2908 -33.57 0.37 36.29
C PHE A 2908 -32.19 0.62 36.89
N SER A 2909 -31.85 1.89 37.15
CA SER A 2909 -30.53 2.17 37.70
C SER A 2909 -30.44 1.79 39.18
N ALA A 2910 -31.50 2.06 39.95
CA ALA A 2910 -31.43 1.84 41.39
C ALA A 2910 -31.60 0.36 41.75
N SER A 2911 -31.95 -0.50 40.80
CA SER A 2911 -32.25 -1.88 41.15
C SER A 2911 -31.08 -2.81 40.83
N ILE A 2912 -30.03 -2.30 40.19
CA ILE A 2912 -28.80 -3.08 40.06
C ILE A 2912 -27.94 -2.87 41.31
N ILE A 2913 -28.19 -1.77 42.03
CA ILE A 2913 -27.50 -1.56 43.31
C ILE A 2913 -27.97 -2.57 44.35
N GLN A 2914 -29.25 -2.93 44.31
CA GLN A 2914 -29.82 -3.76 45.38
C GLN A 2914 -29.43 -5.23 45.22
N MET A 2915 -29.12 -5.66 44.01
CA MET A 2915 -28.80 -7.07 43.79
C MET A 2915 -27.37 -7.38 44.17
N CYS A 2916 -26.54 -6.37 44.37
CA CYS A 2916 -25.20 -6.54 44.91
C CYS A 2916 -25.17 -6.35 46.41
N GLY A 2917 -26.32 -6.37 47.07
CA GLY A 2917 -26.34 -6.38 48.52
C GLY A 2917 -26.46 -7.80 49.01
N VAL A 2918 -27.33 -8.55 48.35
CA VAL A 2918 -27.61 -9.95 48.70
C VAL A 2918 -26.39 -10.82 48.41
N MET A 2919 -25.61 -10.47 47.39
CA MET A 2919 -24.48 -11.27 46.95
C MET A 2919 -23.24 -10.96 47.76
N LEU A 2920 -23.03 -9.70 48.10
CA LEU A 2920 -21.86 -9.29 48.84
C LEU A 2920 -22.01 -9.50 50.33
N SER A 2921 -23.24 -9.60 50.83
CA SER A 2921 -23.46 -9.99 52.22
C SER A 2921 -23.78 -11.47 52.35
N GLY A 2922 -23.41 -12.27 51.36
CA GLY A 2922 -23.45 -13.71 51.48
C GLY A 2922 -22.26 -14.22 52.25
N SER A 2923 -22.28 -15.52 52.55
CA SER A 2923 -21.21 -16.12 53.32
C SER A 2923 -19.98 -16.33 52.45
N GLU A 2924 -18.91 -16.86 53.06
CA GLU A 2924 -17.66 -17.06 52.32
C GLU A 2924 -17.70 -18.25 51.38
N GLU A 2925 -18.78 -19.04 51.40
CA GLU A 2925 -18.95 -20.13 50.45
C GLU A 2925 -20.20 -20.01 49.61
N SER A 2926 -21.13 -19.12 49.96
CA SER A 2926 -22.33 -18.94 49.16
C SER A 2926 -22.02 -18.21 47.87
N THR A 2927 -21.27 -17.11 47.96
CA THR A 2927 -20.79 -16.39 46.79
C THR A 2927 -19.28 -16.41 46.78
N PRO A 2928 -18.65 -16.98 45.73
CA PRO A 2928 -17.22 -17.28 45.78
C PRO A 2928 -16.32 -16.06 45.81
N SER A 2929 -15.03 -16.26 46.01
CA SER A 2929 -14.12 -15.11 46.13
C SER A 2929 -13.90 -14.44 44.79
N ILE A 2930 -14.06 -15.17 43.69
CA ILE A 2930 -13.90 -14.54 42.38
C ILE A 2930 -15.16 -13.77 42.01
N ILE A 2931 -16.34 -14.28 42.38
CA ILE A 2931 -17.57 -13.52 42.15
C ILE A 2931 -17.68 -12.36 43.14
N TYR A 2932 -17.02 -12.46 44.30
CA TYR A 2932 -17.12 -11.39 45.29
C TYR A 2932 -16.35 -10.16 44.87
N HIS A 2933 -15.12 -10.33 44.37
CA HIS A 2933 -14.24 -9.18 44.22
C HIS A 2933 -14.50 -8.39 42.95
N CYS A 2934 -15.35 -8.89 42.05
CA CYS A 2934 -15.47 -8.25 40.75
C CYS A 2934 -16.73 -7.41 40.64
N ALA A 2935 -17.78 -7.76 41.38
CA ALA A 2935 -18.98 -6.94 41.38
C ALA A 2935 -18.83 -5.75 42.32
N LEU A 2936 -17.80 -5.77 43.17
CA LEU A 2936 -17.67 -4.74 44.19
C LEU A 2936 -16.78 -3.62 43.69
N ARG A 2937 -15.87 -3.93 42.77
CA ARG A 2937 -14.99 -2.91 42.20
C ARG A 2937 -15.76 -2.02 41.24
N GLY A 2938 -16.85 -2.54 40.68
CA GLY A 2938 -17.67 -1.74 39.79
C GLY A 2938 -18.61 -0.82 40.51
N LEU A 2939 -18.75 -0.97 41.83
CA LEU A 2939 -19.67 -0.11 42.57
C LEU A 2939 -19.02 1.23 42.90
N GLU A 2940 -17.71 1.27 43.12
CA GLU A 2940 -17.08 2.56 43.37
C GLU A 2940 -16.73 3.29 42.08
N ARG A 2941 -17.03 2.68 40.92
CA ARG A 2941 -16.87 3.36 39.65
C ARG A 2941 -18.01 4.35 39.41
N LEU A 2942 -19.24 3.91 39.69
CA LEU A 2942 -20.46 4.65 39.41
C LEU A 2942 -20.59 5.89 40.28
N LEU A 2943 -20.00 5.87 41.47
CA LEU A 2943 -20.06 7.00 42.38
C LEU A 2943 -19.14 8.12 41.93
N LEU A 2944 -17.97 7.77 41.42
CA LEU A 2944 -17.02 8.76 40.93
C LEU A 2944 -17.52 9.38 39.63
N SER A 2945 -18.26 8.61 38.84
CA SER A 2945 -19.07 9.23 37.80
C SER A 2945 -20.16 10.07 38.44
N GLU A 2946 -20.40 11.24 37.88
CA GLU A 2946 -21.31 12.20 38.47
C GLU A 2946 -22.75 12.01 38.01
N GLN A 2947 -23.14 10.78 37.69
CA GLN A 2947 -24.40 10.56 37.00
C GLN A 2947 -25.50 10.17 37.97
N LEU A 2948 -25.16 9.48 39.07
CA LEU A 2948 -26.16 8.94 39.97
C LEU A 2948 -26.86 10.05 40.76
N SER A 2949 -28.11 9.78 41.12
CA SER A 2949 -28.90 10.76 41.86
C SER A 2949 -28.50 10.77 43.33
N ARG A 2950 -29.01 11.77 44.07
CA ARG A 2950 -28.63 11.92 45.47
C ARG A 2950 -29.31 10.86 46.34
N LEU A 2951 -30.46 10.34 45.89
CA LEU A 2951 -31.08 9.24 46.63
C LEU A 2951 -30.51 7.91 46.17
N ASP A 2952 -30.04 7.85 44.92
CA ASP A 2952 -29.48 6.60 44.41
C ASP A 2952 -28.09 6.33 44.98
N ALA A 2953 -27.40 7.38 45.44
CA ALA A 2953 -26.03 7.21 45.91
C ALA A 2953 -25.98 6.72 47.35
N GLU A 2954 -26.98 7.07 48.16
CA GLU A 2954 -26.89 6.71 49.57
C GLU A 2954 -27.36 5.30 49.86
N SER A 2955 -27.88 4.60 48.85
CA SER A 2955 -28.16 3.18 49.01
C SER A 2955 -26.86 2.37 49.10
N LEU A 2956 -25.80 2.84 48.42
CA LEU A 2956 -24.52 2.14 48.49
C LEU A 2956 -23.79 2.38 49.81
N VAL A 2957 -24.19 3.39 50.56
CA VAL A 2957 -23.47 3.73 51.79
C VAL A 2957 -23.78 2.71 52.89
N LYS A 2958 -25.01 2.19 52.90
CA LYS A 2958 -25.45 1.32 53.99
C LYS A 2958 -24.87 -0.09 53.86
N LEU A 2959 -24.65 -0.55 52.63
CA LEU A 2959 -24.21 -1.93 52.43
C LEU A 2959 -22.73 -2.11 52.76
N SER A 2960 -21.96 -1.02 52.77
CA SER A 2960 -20.52 -1.13 52.95
C SER A 2960 -20.15 -1.14 54.42
N VAL A 2961 -21.05 -0.69 55.28
CA VAL A 2961 -20.79 -0.71 56.72
C VAL A 2961 -20.86 -2.14 57.26
N ASP A 2962 -21.81 -2.91 56.74
CA ASP A 2962 -22.12 -4.22 57.33
C ASP A 2962 -21.11 -5.28 56.93
N ARG A 2963 -20.24 -4.96 55.96
CA ARG A 2963 -19.29 -5.97 55.47
C ARG A 2963 -17.86 -5.75 55.95
N VAL A 2964 -17.60 -4.67 56.68
CA VAL A 2964 -16.28 -4.48 57.27
C VAL A 2964 -16.14 -5.42 58.47
N ASN A 2965 -17.24 -5.70 59.15
CA ASN A 2965 -17.22 -6.60 60.29
C ASN A 2965 -17.54 -8.04 59.92
N VAL A 2966 -17.24 -8.46 58.70
CA VAL A 2966 -17.19 -9.89 58.40
C VAL A 2966 -15.76 -10.34 58.65
N HIS A 2967 -15.56 -11.65 58.81
CA HIS A 2967 -14.33 -12.12 59.45
C HIS A 2967 -13.18 -12.28 58.46
N SER A 2968 -13.48 -12.66 57.21
CA SER A 2968 -12.41 -12.95 56.27
C SER A 2968 -11.79 -11.66 55.76
N PRO A 2969 -10.49 -11.44 56.00
CA PRO A 2969 -9.93 -10.12 55.71
C PRO A 2969 -9.65 -9.87 54.25
N HIS A 2970 -9.40 -10.90 53.43
CA HIS A 2970 -9.34 -10.67 51.99
C HIS A 2970 -10.72 -10.30 51.47
N ARG A 2971 -11.77 -10.91 52.03
CA ARG A 2971 -13.12 -10.42 51.80
C ARG A 2971 -13.31 -9.04 52.40
N ALA A 2972 -12.66 -8.77 53.54
CA ALA A 2972 -12.92 -7.51 54.23
C ALA A 2972 -11.90 -6.43 53.89
N MET A 2973 -10.94 -6.70 53.01
CA MET A 2973 -10.07 -5.61 52.57
C MET A 2973 -10.73 -4.80 51.46
N ALA A 2974 -11.51 -5.48 50.61
CA ALA A 2974 -12.17 -4.79 49.51
C ALA A 2974 -13.36 -3.97 50.00
N ALA A 2975 -13.95 -4.34 51.14
CA ALA A 2975 -15.10 -3.60 51.63
C ALA A 2975 -14.69 -2.29 52.29
N LEU A 2976 -13.42 -2.13 52.63
CA LEU A 2976 -12.94 -0.89 53.21
C LEU A 2976 -12.75 0.19 52.14
N GLY A 2977 -12.60 -0.24 50.89
CA GLY A 2977 -12.45 0.73 49.81
C GLY A 2977 -13.74 1.43 49.46
N LEU A 2978 -14.88 0.78 49.74
CA LEU A 2978 -16.17 1.39 49.42
C LEU A 2978 -16.58 2.45 50.45
N MET A 2979 -16.06 2.37 51.67
CA MET A 2979 -16.41 3.36 52.69
C MET A 2979 -15.76 4.70 52.41
N LEU A 2980 -14.68 4.72 51.63
CA LEU A 2980 -13.97 5.96 51.37
C LEU A 2980 -14.71 6.81 50.34
N THR A 2981 -15.10 6.21 49.22
CA THR A 2981 -15.58 6.92 48.05
C THR A 2981 -16.90 7.65 48.26
N CYS A 2982 -17.79 7.08 49.08
CA CYS A 2982 -19.02 7.76 49.45
C CYS A 2982 -18.72 9.01 50.27
N MET A 2983 -17.72 8.93 51.14
CA MET A 2983 -17.23 10.10 51.85
C MET A 2983 -16.40 10.99 50.95
N TYR A 2984 -15.90 10.45 49.83
CA TYR A 2984 -15.14 11.19 48.85
C TYR A 2984 -15.97 11.67 47.67
N THR A 2985 -17.25 11.32 47.63
CA THR A 2985 -18.20 12.06 46.80
C THR A 2985 -19.00 13.06 47.63
N GLY A 2986 -19.03 12.89 48.94
CA GLY A 2986 -19.74 13.81 49.82
C GLY A 2986 -18.81 14.55 50.76
N GLU A 3006 -25.65 17.40 61.78
CA GLU A 3006 -25.82 16.18 61.00
C GLU A 3006 -24.57 15.88 60.18
N SER A 3007 -23.96 16.92 59.62
CA SER A 3007 -22.69 16.76 58.92
C SER A 3007 -21.60 16.35 59.89
N VAL A 3008 -21.59 16.96 61.08
CA VAL A 3008 -20.61 16.59 62.10
C VAL A 3008 -21.02 15.29 62.78
N ILE A 3009 -22.32 14.98 62.80
CA ILE A 3009 -22.80 13.90 63.66
C ILE A 3009 -22.65 12.54 62.98
N VAL A 3010 -22.99 12.44 61.69
CA VAL A 3010 -22.99 11.15 61.01
C VAL A 3010 -21.55 10.69 60.70
N ALA A 3011 -20.61 11.62 60.59
CA ALA A 3011 -19.23 11.23 60.35
C ALA A 3011 -18.57 10.65 61.60
N MET A 3012 -19.23 10.72 62.74
CA MET A 3012 -18.72 10.08 63.96
C MET A 3012 -18.75 8.57 63.85
N GLU A 3013 -19.75 8.03 63.14
CA GLU A 3013 -19.93 6.57 63.14
C GLU A 3013 -18.96 5.88 62.19
N ARG A 3014 -18.56 6.55 61.10
CA ARG A 3014 -17.72 5.88 60.10
C ARG A 3014 -16.28 5.74 60.56
N VAL A 3015 -15.80 6.66 61.39
CA VAL A 3015 -14.39 6.69 61.76
C VAL A 3015 -14.08 5.58 62.76
N SER A 3016 -15.04 5.26 63.63
CA SER A 3016 -14.80 4.24 64.64
C SER A 3016 -14.89 2.82 64.08
N VAL A 3017 -15.27 2.68 62.80
CA VAL A 3017 -15.27 1.36 62.18
C VAL A 3017 -13.86 0.94 61.82
N LEU A 3018 -13.01 1.92 61.49
CA LEU A 3018 -11.62 1.62 61.15
C LEU A 3018 -10.82 1.14 62.37
N PHE A 3019 -11.20 1.62 63.56
CA PHE A 3019 -10.41 1.35 64.75
C PHE A 3019 -10.63 -0.05 65.29
N ASP A 3020 -11.72 -0.71 64.90
CA ASP A 3020 -12.03 -2.04 65.43
C ASP A 3020 -11.36 -3.14 64.65
N ARG A 3021 -11.03 -2.90 63.38
CA ARG A 3021 -10.30 -3.83 62.56
C ARG A 3021 -8.87 -4.03 63.03
N ILE A 3022 -8.33 -3.05 63.72
CA ILE A 3022 -7.09 -3.23 64.46
C ILE A 3022 -7.27 -4.24 65.59
N ARG A 3023 -8.34 -4.09 66.38
CA ARG A 3023 -8.69 -4.99 67.46
C ARG A 3023 -9.04 -6.38 66.96
N LYS A 3024 -10.13 -6.51 66.23
CA LYS A 3024 -10.47 -7.79 65.64
C LYS A 3024 -10.04 -7.80 64.17
N GLY A 3025 -9.17 -8.73 63.83
CA GLY A 3025 -8.63 -8.74 62.50
C GLY A 3025 -7.16 -9.13 62.48
N PHE A 3026 -6.78 -9.85 61.44
CA PHE A 3026 -5.49 -10.50 61.41
C PHE A 3026 -4.38 -9.48 61.15
N PRO A 3027 -3.13 -9.81 61.48
CA PRO A 3027 -2.04 -8.87 61.20
C PRO A 3027 -1.67 -8.78 59.73
N CYS A 3028 -2.22 -9.65 58.89
CA CYS A 3028 -2.11 -9.43 57.45
C CYS A 3028 -3.13 -8.40 56.99
N GLU A 3029 -4.15 -8.16 57.80
CA GLU A 3029 -5.16 -7.14 57.49
C GLU A 3029 -4.77 -5.79 58.06
N ALA A 3030 -4.29 -5.75 59.30
CA ALA A 3030 -4.22 -4.48 60.02
C ALA A 3030 -2.91 -3.76 59.77
N ARG A 3031 -2.09 -4.24 58.82
CA ARG A 3031 -1.02 -3.40 58.31
C ARG A 3031 -1.58 -2.31 57.41
N VAL A 3032 -2.70 -2.59 56.73
CA VAL A 3032 -3.31 -1.63 55.83
C VAL A 3032 -3.95 -0.49 56.63
N VAL A 3033 -4.45 -0.80 57.83
CA VAL A 3033 -5.28 0.19 58.52
C VAL A 3033 -4.42 1.22 59.25
N ALA A 3034 -3.13 0.97 59.42
CA ALA A 3034 -2.28 1.90 60.16
C ALA A 3034 -1.55 2.88 59.25
N ARG A 3035 -1.63 2.70 57.94
CA ARG A 3035 -0.99 3.65 57.04
C ARG A 3035 -1.97 4.75 56.62
N ILE A 3036 -3.26 4.48 56.71
CA ILE A 3036 -4.27 5.36 56.16
C ILE A 3036 -4.65 6.43 57.19
N LEU A 3037 -5.07 5.99 58.34
CA LEU A 3037 -5.58 6.70 59.50
C LEU A 3037 -4.65 7.79 60.07
N PRO A 3038 -3.32 7.81 59.80
CA PRO A 3038 -2.63 9.09 59.94
C PRO A 3038 -3.13 10.12 58.94
N GLN A 3039 -3.11 9.76 57.65
CA GLN A 3039 -3.50 10.69 56.60
C GLN A 3039 -5.01 10.91 56.58
N PHE A 3040 -5.78 9.96 57.11
CA PHE A 3040 -7.24 10.00 56.95
C PHE A 3040 -7.89 11.07 57.82
N LEU A 3041 -7.37 11.27 59.03
CA LEU A 3041 -8.03 12.12 60.00
C LEU A 3041 -7.68 13.59 59.77
N ASP A 3042 -6.54 13.84 59.12
CA ASP A 3042 -6.08 15.22 58.92
C ASP A 3042 -6.97 15.95 57.91
N ASP A 3043 -7.62 15.22 57.03
CA ASP A 3043 -8.41 15.82 55.95
C ASP A 3043 -9.82 16.21 56.36
N PHE A 3044 -10.54 15.36 57.09
CA PHE A 3044 -11.97 15.58 57.28
C PHE A 3044 -12.27 16.60 58.36
N PHE A 3045 -11.93 16.28 59.61
CA PHE A 3045 -12.50 16.96 60.77
C PHE A 3045 -11.35 17.41 61.66
N PRO A 3046 -11.52 18.55 62.36
CA PRO A 3046 -10.35 19.26 62.90
C PRO A 3046 -9.71 18.48 64.03
N PRO A 3047 -8.40 18.74 64.30
CA PRO A 3047 -7.65 17.82 65.18
C PRO A 3047 -8.01 17.87 66.65
N GLN A 3048 -8.88 18.80 67.06
CA GLN A 3048 -9.42 18.72 68.41
C GLN A 3048 -10.36 17.54 68.56
N ASP A 3049 -11.04 17.16 67.48
CA ASP A 3049 -11.94 16.01 67.54
C ASP A 3049 -11.22 14.71 67.20
N ILE A 3050 -10.07 14.77 66.50
CA ILE A 3050 -9.40 13.53 66.16
C ILE A 3050 -8.61 13.01 67.34
N MET A 3051 -8.36 13.85 68.34
CA MET A 3051 -7.38 13.50 69.35
C MET A 3051 -8.01 12.66 70.44
N ASN A 3052 -9.33 12.76 70.60
CA ASN A 3052 -10.01 12.07 71.70
C ASN A 3052 -10.13 10.58 71.42
N LYS A 3053 -10.29 10.19 70.15
CA LYS A 3053 -10.56 8.79 69.84
C LYS A 3053 -9.31 7.94 69.78
N VAL A 3054 -8.15 8.57 69.57
CA VAL A 3054 -6.93 7.80 69.30
C VAL A 3054 -6.34 7.25 70.60
N ILE A 3055 -6.05 8.13 71.55
CA ILE A 3055 -5.30 7.74 72.75
C ILE A 3055 -6.15 6.87 73.67
N GLY A 3056 -7.43 7.20 73.84
CA GLY A 3056 -8.35 6.38 74.59
C GLY A 3056 -8.62 5.02 73.98
N GLU A 3057 -8.35 4.85 72.69
CA GLU A 3057 -8.31 3.55 72.05
C GLU A 3057 -6.89 3.09 71.78
N PHE A 3058 -5.90 3.80 72.30
CA PHE A 3058 -4.52 3.33 72.34
C PHE A 3058 -4.17 2.73 73.71
N LEU A 3059 -4.73 3.28 74.77
CA LEU A 3059 -4.39 2.87 76.14
C LEU A 3059 -5.21 1.70 76.63
N SER A 3060 -6.19 1.23 75.85
CA SER A 3060 -7.19 0.31 76.36
C SER A 3060 -6.61 -1.10 76.55
N ASN A 3061 -7.16 -1.79 77.54
CA ASN A 3061 -6.77 -3.17 77.82
C ASN A 3061 -7.15 -4.13 76.70
N GLN A 3062 -8.22 -3.84 75.96
CA GLN A 3062 -8.57 -4.63 74.79
C GLN A 3062 -7.94 -4.05 73.53
N GLN A 3063 -6.63 -3.84 73.58
CA GLN A 3063 -5.80 -3.55 72.42
C GLN A 3063 -4.88 -4.75 72.25
N PRO A 3064 -5.02 -5.54 71.17
CA PRO A 3064 -4.26 -6.79 71.08
C PRO A 3064 -2.78 -6.58 70.89
N TYR A 3065 -2.40 -5.45 70.33
CA TYR A 3065 -1.02 -5.01 70.16
C TYR A 3065 -1.01 -3.52 69.91
N PRO A 3066 -0.24 -2.77 70.66
CA PRO A 3066 -0.07 -1.36 70.34
C PRO A 3066 1.03 -1.14 69.33
N GLN A 3067 1.60 -2.24 68.82
CA GLN A 3067 2.76 -2.19 67.94
C GLN A 3067 2.43 -1.51 66.62
N PHE A 3068 1.38 -1.98 65.93
CA PHE A 3068 0.93 -1.29 64.73
C PHE A 3068 0.11 -0.06 65.09
N MET A 3069 -0.39 0.01 66.33
CA MET A 3069 -1.05 1.24 66.77
C MET A 3069 -0.03 2.30 67.16
N ALA A 3070 1.25 1.91 67.31
CA ALA A 3070 2.27 2.91 67.61
C ALA A 3070 2.62 3.76 66.40
N THR A 3071 2.49 3.23 65.18
CA THR A 3071 2.84 4.01 64.00
C THR A 3071 1.75 5.02 63.64
N VAL A 3072 0.54 4.83 64.16
CA VAL A 3072 -0.57 5.74 63.88
C VAL A 3072 -0.34 7.11 64.52
N VAL A 3073 0.14 7.11 65.76
CA VAL A 3073 0.18 8.34 66.56
C VAL A 3073 1.37 9.20 66.13
N TYR A 3074 2.36 8.60 65.47
CA TYR A 3074 3.59 9.31 65.14
C TYR A 3074 3.40 10.28 63.98
N LYS A 3075 2.65 9.87 62.96
CA LYS A 3075 2.54 10.70 61.77
C LYS A 3075 1.51 11.81 61.97
N VAL A 3076 0.74 11.77 63.05
CA VAL A 3076 -0.25 12.82 63.30
C VAL A 3076 0.44 14.10 63.76
N PHE A 3077 1.35 13.98 64.74
CA PHE A 3077 1.93 15.15 65.40
C PHE A 3077 2.82 15.96 64.48
N GLN A 3078 3.50 15.31 63.55
CA GLN A 3078 4.45 16.03 62.71
C GLN A 3078 3.78 16.74 61.53
N THR A 3079 2.51 16.48 61.29
CA THR A 3079 1.67 17.36 60.48
C THR A 3079 1.01 18.42 61.32
N LEU A 3080 0.86 18.17 62.62
CA LEU A 3080 0.42 19.16 63.58
C LEU A 3080 1.56 20.07 64.01
N HIS A 3081 2.78 19.82 63.54
CA HIS A 3081 3.90 20.75 63.68
C HIS A 3081 3.93 21.80 62.58
N SER A 3082 2.78 22.05 61.93
CA SER A 3082 2.59 23.30 61.21
C SER A 3082 2.61 24.46 62.19
N THR A 3083 2.93 25.66 61.69
CA THR A 3083 3.25 26.79 62.55
C THR A 3083 2.03 27.28 63.33
N GLY A 3084 0.82 27.05 62.80
CA GLY A 3084 -0.37 27.47 63.51
C GLY A 3084 -0.72 26.57 64.68
N GLN A 3085 -0.42 25.29 64.57
CA GLN A 3085 -0.87 24.31 65.54
C GLN A 3085 0.27 23.58 66.25
N SER A 3086 1.50 24.08 66.18
CA SER A 3086 2.62 23.39 66.81
C SER A 3086 2.61 23.58 68.33
N SER A 3087 1.96 24.64 68.81
CA SER A 3087 1.87 24.84 70.26
C SER A 3087 0.67 24.09 70.83
N MET A 3088 -0.30 23.75 69.98
CA MET A 3088 -1.44 22.96 70.42
C MET A 3088 -1.06 21.49 70.54
N VAL A 3089 0.09 21.11 69.98
CA VAL A 3089 0.73 19.82 70.21
C VAL A 3089 1.06 19.68 71.69
N ARG A 3090 1.42 20.80 72.34
CA ARG A 3090 1.95 20.74 73.70
C ARG A 3090 0.86 20.48 74.75
N ASP A 3091 -0.37 20.96 74.49
CA ASP A 3091 -1.42 20.84 75.49
C ASP A 3091 -1.91 19.41 75.65
N TRP A 3092 -1.89 18.63 74.57
CA TRP A 3092 -2.41 17.27 74.63
C TRP A 3092 -1.44 16.32 75.31
N VAL A 3093 -0.19 16.75 75.50
CA VAL A 3093 0.80 15.90 76.16
C VAL A 3093 0.54 15.86 77.66
N MET A 3094 -0.09 16.92 78.19
CA MET A 3094 -0.29 17.02 79.64
C MET A 3094 -1.38 16.07 80.14
N LEU A 3095 -2.46 15.92 79.36
CA LEU A 3095 -3.61 15.15 79.86
C LEU A 3095 -3.35 13.66 79.83
N SER A 3096 -2.50 13.19 78.93
CA SER A 3096 -2.29 11.76 78.77
C SER A 3096 -1.36 11.20 79.85
N LEU A 3097 -0.62 12.08 80.53
CA LEU A 3097 0.28 11.64 81.59
C LEU A 3097 -0.47 11.26 82.84
N SER A 3098 -1.64 11.86 83.04
CA SER A 3098 -2.46 11.52 84.20
C SER A 3098 -3.03 10.12 84.08
N ASN A 3099 -3.20 9.62 82.86
CA ASN A 3099 -3.81 8.32 82.64
C ASN A 3099 -2.84 7.17 82.94
N PHE A 3100 -1.55 7.46 83.02
CA PHE A 3100 -0.58 6.40 83.24
C PHE A 3100 -0.39 6.12 84.72
N THR A 3101 -0.81 7.06 85.57
CA THR A 3101 -0.65 6.90 87.01
C THR A 3101 -1.55 5.80 87.55
N GLN A 3102 -2.72 5.62 86.94
CA GLN A 3102 -3.45 4.37 87.01
C GLN A 3102 -2.81 3.40 86.03
N ARG A 3103 -2.34 2.27 86.56
CA ARG A 3103 -1.21 1.56 85.96
C ARG A 3103 -1.65 0.41 85.07
N ALA A 3104 -0.84 0.15 84.05
CA ALA A 3104 -0.74 -1.07 83.27
C ALA A 3104 0.29 -1.94 84.03
N PRO A 3105 0.60 -3.18 83.63
CA PRO A 3105 1.71 -3.88 84.29
C PRO A 3105 3.06 -3.17 84.10
N VAL A 3106 3.94 -3.39 85.08
CA VAL A 3106 5.04 -2.45 85.35
C VAL A 3106 6.08 -2.49 84.25
N ALA A 3107 6.29 -3.65 83.64
CA ALA A 3107 7.11 -3.71 82.44
C ALA A 3107 6.39 -3.06 81.25
N MET A 3108 5.09 -3.33 81.12
CA MET A 3108 4.29 -2.84 80.00
C MET A 3108 3.98 -1.35 80.09
N ALA A 3109 3.84 -0.80 81.30
CA ALA A 3109 3.38 0.58 81.44
C ALA A 3109 4.45 1.59 81.02
N THR A 3110 5.72 1.25 81.22
CA THR A 3110 6.78 2.22 80.98
C THR A 3110 7.17 2.25 79.51
N TRP A 3111 6.79 1.23 78.74
CA TRP A 3111 7.11 1.22 77.32
C TRP A 3111 6.28 2.24 76.54
N SER A 3112 5.04 2.46 76.96
CA SER A 3112 4.14 3.32 76.21
C SER A 3112 4.48 4.79 76.44
N LEU A 3113 5.20 5.08 77.52
CA LEU A 3113 5.60 6.45 77.80
C LEU A 3113 6.65 6.95 76.83
N SER A 3114 7.54 6.06 76.38
CA SER A 3114 8.69 6.50 75.60
C SER A 3114 8.30 6.76 74.15
N CYS A 3115 7.21 6.17 73.68
CA CYS A 3115 6.81 6.31 72.29
C CYS A 3115 6.12 7.65 72.04
N PHE A 3116 5.64 8.29 73.11
CA PHE A 3116 4.77 9.45 72.93
C PHE A 3116 5.58 10.74 72.84
N PHE A 3117 6.61 10.87 73.68
CA PHE A 3117 7.39 12.10 73.73
C PHE A 3117 8.31 12.24 72.51
N VAL A 3118 8.63 11.11 71.87
CA VAL A 3118 9.36 11.11 70.60
C VAL A 3118 8.57 11.83 69.53
N SER A 3119 7.27 11.55 69.44
CA SER A 3119 6.45 12.10 68.37
C SER A 3119 6.16 13.57 68.59
N ALA A 3120 6.28 14.03 69.84
CA ALA A 3120 6.19 15.46 70.15
C ALA A 3120 7.52 15.90 70.73
N SER A 3121 8.47 16.20 69.85
CA SER A 3121 9.81 16.56 70.26
C SER A 3121 10.41 17.52 69.24
N THR A 3122 11.73 17.67 69.30
CA THR A 3122 12.44 18.49 68.33
C THR A 3122 12.53 17.77 66.99
N SER A 3123 12.97 18.50 65.98
CA SER A 3123 13.05 17.94 64.63
C SER A 3123 14.18 16.93 64.42
N PRO A 3124 15.51 17.25 64.59
CA PRO A 3124 16.53 16.50 63.84
C PRO A 3124 16.79 15.07 64.28
N TRP A 3125 16.75 14.76 65.58
CA TRP A 3125 17.26 13.45 65.98
C TRP A 3125 16.37 12.64 66.91
N VAL A 3126 15.42 13.25 67.62
CA VAL A 3126 14.58 12.45 68.52
C VAL A 3126 13.55 11.67 67.71
N ALA A 3127 13.15 12.23 66.56
CA ALA A 3127 12.06 11.65 65.77
C ALA A 3127 12.47 10.35 65.09
N ALA A 3128 13.77 10.11 64.95
CA ALA A 3128 14.21 8.91 64.25
C ALA A 3128 14.41 7.75 65.19
N ILE A 3129 14.11 7.94 66.49
CA ILE A 3129 14.31 6.89 67.48
C ILE A 3129 13.13 5.94 67.55
N LEU A 3130 11.97 6.32 67.02
CA LEU A 3130 10.74 5.56 67.26
C LEU A 3130 10.71 4.14 66.69
N PRO A 3131 11.25 3.82 65.50
CA PRO A 3131 11.35 2.39 65.16
C PRO A 3131 12.35 1.62 66.01
N HIS A 3132 13.31 2.29 66.64
CA HIS A 3132 14.16 1.60 67.60
C HIS A 3132 13.44 1.40 68.93
N VAL A 3133 12.45 2.24 69.22
CA VAL A 3133 11.70 2.10 70.46
C VAL A 3133 10.65 1.01 70.32
N ILE A 3134 9.85 1.06 69.24
CA ILE A 3134 8.79 0.09 69.05
C ILE A 3134 9.30 -1.26 68.58
N SER A 3135 10.60 -1.38 68.30
CA SER A 3135 11.22 -2.68 68.08
C SER A 3135 11.07 -3.57 69.30
N ARG A 3136 11.57 -3.14 70.44
CA ARG A 3136 11.36 -3.86 71.68
C ARG A 3136 10.15 -3.31 72.42
N MET A 3137 9.08 -4.11 72.36
CA MET A 3137 7.80 -3.71 72.96
C MET A 3137 7.75 -4.10 74.43
N GLY A 3138 8.06 -5.36 74.74
CA GLY A 3138 8.21 -5.75 76.12
C GLY A 3138 9.67 -5.89 76.50
N LYS A 3139 9.94 -6.88 77.37
CA LYS A 3139 11.28 -7.34 77.75
C LYS A 3139 12.15 -6.23 78.33
N LEU A 3140 11.78 -5.74 79.51
CA LEU A 3140 12.48 -4.68 80.23
C LEU A 3140 13.92 -5.08 80.54
N GLU A 3141 14.80 -4.08 80.55
CA GLU A 3141 16.23 -4.28 80.64
C GLU A 3141 16.82 -3.11 81.44
N GLN A 3142 18.03 -3.27 81.98
CA GLN A 3142 18.75 -2.12 82.52
C GLN A 3142 19.07 -1.11 81.43
N VAL A 3143 19.24 -1.59 80.19
CA VAL A 3143 19.40 -0.69 79.05
C VAL A 3143 18.05 -0.05 78.71
N ASP A 3144 16.95 -0.66 79.13
CA ASP A 3144 15.63 -0.09 78.84
C ASP A 3144 15.27 1.03 79.80
N VAL A 3145 15.82 1.01 81.03
CA VAL A 3145 15.45 2.03 81.99
C VAL A 3145 16.12 3.37 81.64
N ASN A 3146 17.31 3.31 81.03
CA ASN A 3146 18.07 4.53 80.77
C ASN A 3146 17.50 5.29 79.57
N LEU A 3147 16.72 4.63 78.73
CA LEU A 3147 16.24 5.27 77.50
C LEU A 3147 15.01 6.13 77.79
N PHE A 3148 14.25 5.78 78.82
CA PHE A 3148 13.06 6.55 79.16
C PHE A 3148 13.42 7.91 79.75
N CYS A 3149 14.57 8.01 80.40
CA CYS A 3149 14.94 9.26 81.06
C CYS A 3149 15.33 10.34 80.06
N LEU A 3150 15.95 9.96 78.95
CA LEU A 3150 16.53 10.96 78.03
C LEU A 3150 15.44 11.65 77.21
N VAL A 3151 14.32 10.97 76.98
CA VAL A 3151 13.35 11.41 75.98
C VAL A 3151 12.42 12.47 76.56
N ALA A 3152 11.97 12.28 77.80
CA ALA A 3152 10.96 13.17 78.36
C ALA A 3152 11.57 14.36 79.08
N THR A 3153 12.88 14.58 78.97
CA THR A 3153 13.47 15.76 79.57
C THR A 3153 13.80 16.82 78.53
N ASP A 3154 13.99 16.40 77.27
CA ASP A 3154 14.12 17.35 76.19
C ASP A 3154 12.77 18.04 75.92
N PHE A 3155 11.69 17.37 76.28
CA PHE A 3155 10.36 17.97 76.28
C PHE A 3155 10.21 19.00 77.40
N TYR A 3156 10.94 18.84 78.51
CA TYR A 3156 10.90 19.82 79.59
C TYR A 3156 11.57 21.13 79.19
N ARG A 3157 12.58 21.06 78.32
CA ARG A 3157 13.14 22.25 77.71
C ARG A 3157 12.51 22.59 76.37
N HIS A 3158 11.47 21.84 75.97
CA HIS A 3158 10.72 22.18 74.77
C HIS A 3158 9.52 23.07 75.10
N GLN A 3159 9.11 23.10 76.36
CA GLN A 3159 7.99 23.93 76.79
C GLN A 3159 8.38 25.41 76.88
#